data_5L3S
#
_entry.id   5L3S
#
_cell.length_a   51.196
_cell.length_b   199.672
_cell.length_c   124.869
_cell.angle_alpha   90.00
_cell.angle_beta   92.95
_cell.angle_gamma   90.00
#
_symmetry.space_group_name_H-M   'P 1 21 1'
#
loop_
_entity.id
_entity.type
_entity.pdbx_description
1 polymer 'Signal recognition particle 54 kDa protein'
2 polymer 'Signal recognition particle receptor FtsY'
3 non-polymer 'PHOSPHOAMINOPHOSPHONIC ACID-GUANYLATE ESTER'
4 non-polymer 'MAGNESIUM ION'
5 non-polymer "GUANOSINE-5'-MONOPHOSPHATE"
6 non-polymer GLYCEROL
7 non-polymer 'SULFATE ION'
8 water water
#
loop_
_entity_poly.entity_id
_entity_poly.type
_entity_poly.pdbx_seq_one_letter_code
_entity_poly.pdbx_strand_id
1 'polypeptide(L)'
;HHHHHHMLENIRDAVRKFLTGSTPYEKAVDEFIKDLQKSLISSDVNVKLVFSLTAKIKERLNKEKPPSVLERKEWFISIV
YDELSKLFGGDKEPNVNPTKLPFIIMLVGVQGSGKTTTAGKLAYFYKKRGYKVGLVAADVYRPAAYDQLLQLGNQIGVQV
YGEPNNQNPIEIAKKGVDIFVKNKMDIIIVDTAGRHGYGEETKLLEEMKEMYDVLKPDDVILVIDASIGQKAYDLASRFH
QASPIGSVIITKMDGTAKGGGALSAVVATGATIKFIGTGEKIDELETFNAKRFVSRIL
;
A,C,E,G
2 'polypeptide(L)'
;HHHHHHRSFFDFLKYKTIKEDDLNDVIEELRFQLLDSDVSYEVTEKILEDLKNNLIGKKVSRREEVEEIVINTLKKSITE
ILTKNQKTDLIEKIRSSGKKPFVIIFFGVNGVGKTTTIAKVVNMLKKNNLSTIIAASDTFRAAAQEQLAYHASKLEVQLI
RGKYGADPASVAFDAISFAKSRNIDVVLIDTAGRMHIDSDLVEELKKVLRIAKPDFRILILDSLAGSDALEQARHFENNV
GYDAVILTKVDADAKGGIALSLAYELKKPVVYMGVGQNYDDLIPFSPDWFVERIFS
;
B,D,F,H
#
loop_
_chem_comp.id
_chem_comp.type
_chem_comp.name
_chem_comp.formula
5GP non-polymer GUANOSINE-5'-MONOPHOSPHATE 'C10 H14 N5 O8 P'
GNP non-polymer 'PHOSPHOAMINOPHOSPHONIC ACID-GUANYLATE ESTER' 'C10 H17 N6 O13 P3'
GOL non-polymer GLYCEROL 'C3 H8 O3'
MG non-polymer 'MAGNESIUM ION' 'Mg 2'
SO4 non-polymer 'SULFATE ION' 'O4 S -2'
#
# COMPACT_ATOMS: atom_id res chain seq x y z
N SER A 22 20.64 -66.06 22.56
CA SER A 22 20.74 -64.87 21.71
C SER A 22 20.56 -65.26 20.24
N THR A 23 19.42 -64.88 19.66
CA THR A 23 19.12 -65.26 18.28
C THR A 23 20.02 -64.54 17.28
N PRO A 24 20.26 -65.17 16.11
CA PRO A 24 21.05 -64.55 15.06
C PRO A 24 20.51 -63.16 14.69
N TYR A 25 19.19 -63.00 14.70
CA TYR A 25 18.59 -61.70 14.42
C TYR A 25 18.90 -60.68 15.53
N GLU A 26 18.76 -61.12 16.77
CA GLU A 26 19.03 -60.26 17.92
C GLU A 26 20.47 -59.76 17.90
N LYS A 27 21.40 -60.65 17.52
CA LYS A 27 22.81 -60.29 17.37
C LYS A 27 23.02 -59.25 16.27
N ALA A 28 22.32 -59.45 15.16
CA ALA A 28 22.39 -58.53 14.04
C ALA A 28 21.92 -57.13 14.44
N VAL A 29 20.79 -57.07 15.13
CA VAL A 29 20.25 -55.79 15.62
C VAL A 29 21.27 -55.11 16.52
N ASP A 30 21.84 -55.86 17.46
CA ASP A 30 22.79 -55.31 18.42
C ASP A 30 24.03 -54.70 17.77
N GLU A 31 24.62 -55.40 16.80
CA GLU A 31 25.80 -54.88 16.12
C GLU A 31 25.45 -53.66 15.28
N PHE A 32 24.27 -53.67 14.68
CA PHE A 32 23.83 -52.52 13.91
C PHE A 32 23.63 -51.30 14.81
N ILE A 33 22.97 -51.50 15.95
CA ILE A 33 22.75 -50.41 16.89
C ILE A 33 24.08 -49.87 17.45
N LYS A 34 25.01 -50.77 17.76
CA LYS A 34 26.33 -50.34 18.23
C LYS A 34 27.07 -49.47 17.22
N ASP A 35 27.04 -49.87 15.95
CA ASP A 35 27.70 -49.10 14.90
C ASP A 35 27.02 -47.74 14.69
N LEU A 36 25.70 -47.72 14.86
CA LEU A 36 24.93 -46.49 14.66
C LEU A 36 25.19 -45.51 15.79
N GLN A 37 25.35 -46.04 17.00
CA GLN A 37 25.68 -45.19 18.13
C GLN A 37 27.02 -44.47 17.92
N LYS A 38 28.05 -45.18 17.48
CA LYS A 38 29.34 -44.55 17.20
C LYS A 38 29.22 -43.48 16.13
N SER A 39 28.46 -43.80 15.08
CA SER A 39 28.29 -42.89 13.94
C SER A 39 27.63 -41.57 14.34
N LEU A 40 26.53 -41.65 15.07
CA LEU A 40 25.82 -40.46 15.52
C LEU A 40 26.64 -39.63 16.52
N ILE A 41 27.31 -40.30 17.45
CA ILE A 41 28.15 -39.58 18.41
C ILE A 41 29.31 -38.89 17.69
N SER A 42 29.96 -39.61 16.76
CA SER A 42 31.06 -39.04 16.00
C SER A 42 30.61 -37.85 15.16
N SER A 43 29.32 -37.78 14.83
CA SER A 43 28.76 -36.65 14.08
C SER A 43 28.27 -35.54 15.02
N ASP A 44 28.56 -35.69 16.31
CA ASP A 44 28.29 -34.70 17.37
C ASP A 44 26.85 -34.60 17.83
N VAL A 45 26.05 -35.65 17.62
CA VAL A 45 24.73 -35.66 18.22
C VAL A 45 24.96 -35.82 19.72
N ASN A 46 24.17 -35.12 20.52
CA ASN A 46 24.21 -35.23 21.97
C ASN A 46 24.20 -36.70 22.42
N VAL A 47 25.18 -37.07 23.24
CA VAL A 47 25.42 -38.47 23.60
C VAL A 47 24.19 -39.16 24.22
N LYS A 48 23.60 -38.55 25.24
CA LYS A 48 22.39 -39.08 25.86
C LYS A 48 21.29 -39.25 24.83
N LEU A 49 21.19 -38.29 23.92
CA LEU A 49 20.18 -38.34 22.88
C LEU A 49 20.39 -39.53 21.94
N VAL A 50 21.65 -39.78 21.58
CA VAL A 50 21.99 -40.91 20.74
C VAL A 50 21.53 -42.22 21.38
N PHE A 51 21.75 -42.37 22.67
CA PHE A 51 21.32 -43.60 23.33
C PHE A 51 19.80 -43.75 23.38
N SER A 52 19.07 -42.68 23.69
CA SER A 52 17.61 -42.77 23.75
C SER A 52 17.02 -42.95 22.35
N LEU A 53 17.57 -42.25 21.36
CA LEU A 53 17.13 -42.44 19.99
C LEU A 53 17.36 -43.87 19.51
N THR A 54 18.58 -44.38 19.70
CA THR A 54 18.88 -45.74 19.27
C THR A 54 18.12 -46.82 20.06
N ALA A 55 17.73 -46.51 21.30
CA ALA A 55 16.90 -47.43 22.08
C ALA A 55 15.53 -47.60 21.44
N LYS A 56 14.94 -46.50 20.99
CA LYS A 56 13.66 -46.54 20.29
C LYS A 56 13.81 -47.32 18.98
N ILE A 57 14.89 -47.04 18.25
CA ILE A 57 15.14 -47.73 16.98
C ILE A 57 15.32 -49.23 17.19
N LYS A 58 16.07 -49.59 18.22
CA LYS A 58 16.33 -51.00 18.53
C LYS A 58 15.00 -51.71 18.83
N GLU A 59 14.17 -51.09 19.66
CA GLU A 59 12.86 -51.61 20.02
C GLU A 59 12.02 -51.84 18.78
N ARG A 60 12.06 -50.90 17.84
CA ARG A 60 11.31 -51.04 16.59
C ARG A 60 11.81 -52.20 15.76
N LEU A 61 13.13 -52.34 15.65
CA LEU A 61 13.72 -53.41 14.86
C LEU A 61 13.38 -54.79 15.40
N ASN A 62 13.17 -54.89 16.71
CA ASN A 62 12.85 -56.16 17.35
C ASN A 62 11.35 -56.50 17.30
N LYS A 63 10.51 -55.47 17.23
CA LYS A 63 9.07 -55.69 17.22
C LYS A 63 8.50 -55.82 15.82
N GLU A 64 9.06 -55.09 14.86
CA GLU A 64 8.48 -54.99 13.52
C GLU A 64 9.11 -55.92 12.48
N LYS A 65 8.55 -55.93 11.27
CA LYS A 65 8.91 -56.88 10.22
C LYS A 65 8.96 -58.33 10.72
N SER A 68 11.45 -65.16 11.74
CA SER A 68 11.93 -66.13 10.76
C SER A 68 13.05 -65.50 9.93
N VAL A 69 12.83 -64.26 9.53
CA VAL A 69 13.79 -63.53 8.70
C VAL A 69 15.06 -63.23 9.51
N LEU A 70 16.17 -63.02 8.81
CA LEU A 70 17.39 -62.56 9.42
C LEU A 70 17.65 -61.09 9.07
N GLU A 71 18.87 -60.63 9.32
CA GLU A 71 19.22 -59.23 9.14
C GLU A 71 19.06 -58.71 7.72
N ARG A 72 18.24 -57.67 7.58
CA ARG A 72 18.16 -56.90 6.35
C ARG A 72 18.60 -55.48 6.67
N LYS A 73 19.83 -55.15 6.29
CA LYS A 73 20.39 -53.83 6.57
C LYS A 73 19.54 -52.74 5.94
N GLU A 74 19.01 -53.02 4.75
CA GLU A 74 18.20 -52.04 4.03
C GLU A 74 16.95 -51.65 4.81
N TRP A 75 16.36 -52.61 5.51
CA TRP A 75 15.19 -52.31 6.32
C TRP A 75 15.60 -51.58 7.60
N PHE A 76 16.74 -51.99 8.16
CA PHE A 76 17.31 -51.34 9.34
C PHE A 76 17.52 -49.86 9.09
N ILE A 77 18.16 -49.57 7.95
CA ILE A 77 18.49 -48.21 7.55
C ILE A 77 17.24 -47.38 7.35
N SER A 78 16.23 -47.98 6.74
CA SER A 78 14.96 -47.29 6.51
C SER A 78 14.31 -46.86 7.83
N ILE A 79 14.44 -47.70 8.86
CA ILE A 79 13.87 -47.38 10.16
C ILE A 79 14.67 -46.25 10.83
N VAL A 80 15.97 -46.21 10.56
CA VAL A 80 16.82 -45.14 11.09
C VAL A 80 16.41 -43.80 10.47
N TYR A 81 16.35 -43.76 9.14
CA TYR A 81 15.89 -42.57 8.43
C TYR A 81 14.49 -42.14 8.92
N ASP A 82 13.63 -43.11 9.19
CA ASP A 82 12.29 -42.82 9.66
C ASP A 82 12.28 -42.20 11.06
N GLU A 83 13.02 -42.80 11.99
CA GLU A 83 13.05 -42.30 13.36
C GLU A 83 13.78 -40.96 13.44
N LEU A 84 14.84 -40.82 12.65
CA LEU A 84 15.58 -39.57 12.58
C LEU A 84 14.75 -38.46 11.96
N SER A 85 13.97 -38.80 10.93
CA SER A 85 13.13 -37.80 10.26
C SER A 85 11.99 -37.33 11.15
N LYS A 86 11.42 -38.25 11.93
CA LYS A 86 10.42 -37.91 12.93
C LYS A 86 10.98 -36.86 13.86
N LEU A 87 12.26 -37.00 14.16
CA LEU A 87 12.94 -36.22 15.19
C LEU A 87 12.98 -34.72 14.91
N PHE A 88 12.53 -34.32 13.73
CA PHE A 88 12.43 -32.91 13.39
C PHE A 88 11.38 -32.58 12.32
N GLY A 89 10.49 -33.54 12.05
CA GLY A 89 9.48 -33.38 11.01
C GLY A 89 9.93 -34.00 9.70
N GLY A 90 8.99 -34.63 8.98
CA GLY A 90 9.30 -35.33 7.74
C GLY A 90 10.13 -34.53 6.75
N LYS A 92 7.32 -33.28 6.06
CA LYS A 92 6.86 -32.05 5.43
C LYS A 92 8.02 -31.14 5.08
N GLU A 93 7.98 -30.55 3.89
CA GLU A 93 8.94 -29.53 3.50
C GLU A 93 8.58 -28.26 4.27
N PRO A 94 9.60 -27.57 4.81
CA PRO A 94 9.28 -26.36 5.57
C PRO A 94 8.52 -25.34 4.72
N ASN A 95 7.51 -24.72 5.30
CA ASN A 95 6.91 -23.54 4.70
C ASN A 95 7.79 -22.36 5.08
N VAL A 96 8.19 -21.57 4.09
CA VAL A 96 9.08 -20.45 4.36
C VAL A 96 8.44 -19.13 3.93
N ASN A 97 7.19 -19.19 3.49
CA ASN A 97 6.45 -17.96 3.24
C ASN A 97 5.52 -17.63 4.39
N PRO A 98 5.65 -16.41 4.92
CA PRO A 98 4.95 -15.97 6.13
C PRO A 98 3.45 -16.20 6.07
N THR A 99 2.91 -16.57 7.23
CA THR A 99 1.51 -16.90 7.36
C THR A 99 0.61 -15.68 7.15
N LYS A 100 0.90 -14.61 7.87
CA LYS A 100 0.13 -13.37 7.80
C LYS A 100 1.13 -12.25 7.59
N LEU A 101 0.67 -11.09 7.13
CA LEU A 101 1.59 -9.96 7.03
C LEU A 101 1.04 -8.77 7.81
N PRO A 102 1.92 -7.95 8.40
CA PRO A 102 3.39 -8.03 8.40
C PRO A 102 3.87 -9.19 9.27
N PHE A 103 5.07 -9.69 9.00
CA PHE A 103 5.57 -10.86 9.71
C PHE A 103 6.90 -10.49 10.34
N ILE A 104 6.95 -10.56 11.67
CA ILE A 104 8.16 -10.14 12.39
C ILE A 104 9.03 -11.34 12.76
N ILE A 105 10.30 -11.26 12.36
CA ILE A 105 11.28 -12.31 12.63
C ILE A 105 12.31 -11.77 13.60
N MET A 106 12.59 -12.52 14.64
CA MET A 106 13.66 -12.15 15.58
C MET A 106 14.74 -13.21 15.53
N LEU A 107 15.97 -12.81 15.20
CA LEU A 107 17.09 -13.76 15.09
C LEU A 107 17.92 -13.79 16.35
N VAL A 108 18.19 -15.00 16.83
CA VAL A 108 18.94 -15.20 18.07
C VAL A 108 19.99 -16.29 17.90
N GLY A 109 21.01 -16.29 18.76
CA GLY A 109 22.02 -17.32 18.70
C GLY A 109 23.34 -16.93 19.33
N VAL A 110 24.20 -17.92 19.49
CA VAL A 110 25.52 -17.75 20.10
C VAL A 110 26.39 -16.76 19.32
N GLN A 111 27.26 -16.06 20.04
CA GLN A 111 28.25 -15.16 19.45
C GLN A 111 28.90 -15.79 18.23
N GLY A 112 28.86 -15.09 17.10
CA GLY A 112 29.54 -15.51 15.89
C GLY A 112 28.83 -16.55 15.04
N SER A 113 27.62 -16.95 15.44
CA SER A 113 26.93 -18.04 14.76
C SER A 113 26.54 -17.68 13.32
N GLY A 114 26.49 -16.39 12.98
CA GLY A 114 26.05 -15.97 11.66
C GLY A 114 24.77 -15.17 11.55
N LYS A 115 24.31 -14.57 12.65
CA LYS A 115 23.00 -13.91 12.70
C LYS A 115 22.89 -12.70 11.77
N THR A 116 23.88 -11.84 11.83
CA THR A 116 23.85 -10.60 11.07
C THR A 116 23.91 -10.90 9.59
N THR A 117 24.79 -11.81 9.22
CA THR A 117 24.90 -12.21 7.82
C THR A 117 23.62 -12.91 7.34
N THR A 118 23.06 -13.74 8.20
CA THR A 118 21.83 -14.49 7.85
C THR A 118 20.63 -13.54 7.72
N ALA A 119 20.62 -12.48 8.52
CA ALA A 119 19.58 -11.45 8.37
C ALA A 119 19.61 -10.89 6.95
N GLY A 120 20.80 -10.59 6.46
CA GLY A 120 20.97 -10.09 5.10
C GLY A 120 20.52 -11.12 4.08
N LYS A 121 20.89 -12.39 4.30
CA LYS A 121 20.55 -13.48 3.40
C LYS A 121 19.04 -13.71 3.31
N LEU A 122 18.36 -13.62 4.46
CA LEU A 122 16.93 -13.74 4.56
C LEU A 122 16.22 -12.57 3.85
N ALA A 123 16.72 -11.36 4.09
CA ALA A 123 16.20 -10.18 3.41
C ALA A 123 16.31 -10.33 1.90
N TYR A 124 17.46 -10.84 1.45
CA TYR A 124 17.66 -11.11 0.03
C TYR A 124 16.70 -12.16 -0.52
N PHE A 125 16.55 -13.25 0.22
CA PHE A 125 15.64 -14.34 -0.16
C PHE A 125 14.21 -13.84 -0.35
N TYR A 126 13.73 -13.04 0.58
CA TYR A 126 12.34 -12.57 0.49
C TYR A 126 12.17 -11.45 -0.52
N LYS A 127 13.17 -10.58 -0.64
CA LYS A 127 13.11 -9.51 -1.63
C LYS A 127 13.01 -10.09 -3.04
N LYS A 128 13.78 -11.15 -3.28
CA LYS A 128 13.78 -11.81 -4.58
C LYS A 128 12.38 -12.37 -4.87
N ARG A 129 11.66 -12.68 -3.80
CA ARG A 129 10.29 -13.19 -3.91
C ARG A 129 9.22 -12.12 -3.94
N GLY A 130 9.64 -10.86 -3.97
CA GLY A 130 8.69 -9.78 -4.17
C GLY A 130 8.13 -9.17 -2.89
N TYR A 131 8.73 -9.48 -1.75
CA TYR A 131 8.30 -8.88 -0.49
C TYR A 131 9.00 -7.54 -0.24
N LYS A 132 8.30 -6.61 0.41
CA LYS A 132 8.95 -5.43 0.96
C LYS A 132 9.56 -5.82 2.30
N VAL A 133 10.88 -5.68 2.41
CA VAL A 133 11.59 -6.15 3.61
C VAL A 133 12.26 -4.99 4.33
N GLY A 134 12.16 -5.00 5.65
CA GLY A 134 12.92 -4.09 6.49
C GLY A 134 13.81 -4.84 7.47
N LEU A 135 15.04 -4.34 7.63
CA LEU A 135 16.00 -4.94 8.57
C LEU A 135 16.14 -4.03 9.78
N VAL A 136 16.17 -4.62 10.97
CA VAL A 136 16.33 -3.84 12.18
C VAL A 136 17.62 -4.21 12.93
N ALA A 137 18.49 -3.23 13.12
CA ALA A 137 19.77 -3.45 13.81
C ALA A 137 19.60 -3.25 15.31
N ALA A 138 19.28 -4.32 16.03
CA ALA A 138 19.02 -4.21 17.46
C ALA A 138 20.14 -4.79 18.34
N ASP A 139 21.35 -4.87 17.78
CA ASP A 139 22.56 -5.25 18.54
C ASP A 139 23.30 -3.97 18.89
N VAL A 140 23.37 -3.66 20.17
CA VAL A 140 24.06 -2.46 20.62
C VAL A 140 25.39 -2.78 21.29
N TYR A 141 25.77 -4.06 21.34
CA TYR A 141 26.98 -4.47 22.06
CA TYR A 141 26.99 -4.45 22.06
C TYR A 141 28.20 -4.65 21.15
N ARG A 142 28.02 -5.35 20.03
CA ARG A 142 29.15 -5.62 19.15
C ARG A 142 29.60 -4.35 18.43
N PRO A 143 30.91 -4.05 18.44
CA PRO A 143 31.40 -2.89 17.68
C PRO A 143 31.10 -2.99 16.18
N ALA A 144 30.58 -1.89 15.63
CA ALA A 144 30.19 -1.82 14.23
C ALA A 144 29.08 -2.81 13.82
N ALA A 145 28.26 -3.24 14.79
CA ALA A 145 27.09 -4.08 14.49
C ALA A 145 26.15 -3.37 13.53
N TYR A 146 25.87 -2.11 13.83
CA TYR A 146 25.02 -1.31 12.97
C TYR A 146 25.61 -1.17 11.56
N ASP A 147 26.88 -0.77 11.48
CA ASP A 147 27.57 -0.64 10.20
C ASP A 147 27.53 -1.90 9.38
N GLN A 148 27.68 -3.04 10.04
CA GLN A 148 27.69 -4.32 9.34
C GLN A 148 26.33 -4.58 8.65
N LEU A 149 25.25 -4.40 9.39
CA LEU A 149 23.92 -4.71 8.84
C LEU A 149 23.52 -3.64 7.81
N LEU A 150 23.91 -2.40 8.05
CA LEU A 150 23.66 -1.32 7.08
C LEU A 150 24.32 -1.63 5.74
N GLN A 151 25.58 -2.08 5.80
CA GLN A 151 26.33 -2.45 4.59
C GLN A 151 25.67 -3.61 3.83
N LEU A 152 25.20 -4.61 4.56
CA LEU A 152 24.47 -5.69 3.93
C LEU A 152 23.19 -5.17 3.29
N GLY A 153 22.44 -4.35 4.03
CA GLY A 153 21.24 -3.75 3.47
C GLY A 153 21.53 -2.94 2.22
N ASN A 154 22.61 -2.16 2.25
CA ASN A 154 22.97 -1.31 1.11
C ASN A 154 23.26 -2.18 -0.10
N GLN A 155 23.95 -3.29 0.13
CA GLN A 155 24.35 -4.19 -0.95
C GLN A 155 23.16 -4.81 -1.69
N ILE A 156 22.14 -5.21 -0.97
CA ILE A 156 21.01 -5.93 -1.58
C ILE A 156 19.80 -5.05 -1.83
N GLY A 157 19.89 -3.77 -1.46
CA GLY A 157 18.82 -2.82 -1.65
C GLY A 157 17.64 -3.01 -0.68
N VAL A 158 17.95 -3.19 0.59
CA VAL A 158 16.90 -3.32 1.60
C VAL A 158 17.13 -2.29 2.70
N GLN A 159 16.06 -1.61 3.09
CA GLN A 159 16.17 -0.55 4.12
C GLN A 159 16.50 -1.11 5.51
N VAL A 160 17.44 -0.45 6.21
CA VAL A 160 17.88 -0.89 7.55
C VAL A 160 17.56 0.23 8.55
N TYR A 161 16.93 -0.13 9.66
CA TYR A 161 16.67 0.82 10.72
C TYR A 161 17.66 0.55 11.83
N GLY A 162 18.26 1.60 12.36
CA GLY A 162 19.13 1.43 13.53
C GLY A 162 19.38 2.76 14.22
N GLU A 163 19.91 2.68 15.44
CA GLU A 163 20.24 3.87 16.22
C GLU A 163 21.59 3.66 16.90
N PRO A 164 22.69 3.93 16.18
CA PRO A 164 24.03 3.68 16.71
C PRO A 164 24.33 4.40 18.03
N ASN A 165 23.62 5.48 18.35
CA ASN A 165 23.84 6.20 19.61
CA ASN A 165 23.84 6.19 19.62
C ASN A 165 22.98 5.71 20.77
N ASN A 166 22.12 4.72 20.51
CA ASN A 166 21.20 4.23 21.53
C ASN A 166 21.71 2.95 22.17
N GLN A 167 21.80 2.92 23.50
CA GLN A 167 22.29 1.72 24.19
C GLN A 167 21.18 0.79 24.66
N ASN A 168 19.94 1.06 24.25
CA ASN A 168 18.81 0.21 24.64
C ASN A 168 18.32 -0.58 23.44
N PRO A 169 18.70 -1.85 23.35
CA PRO A 169 18.39 -2.66 22.16
C PRO A 169 16.90 -2.91 21.98
N ILE A 170 16.15 -2.98 23.07
CA ILE A 170 14.70 -3.19 23.00
C ILE A 170 14.00 -1.98 22.40
N GLU A 171 14.47 -0.79 22.79
CA GLU A 171 13.90 0.44 22.29
C GLU A 171 14.13 0.55 20.78
N ILE A 172 15.36 0.23 20.34
CA ILE A 172 15.65 0.19 18.92
C ILE A 172 14.77 -0.82 18.18
N ALA A 173 14.66 -2.03 18.73
CA ALA A 173 13.84 -3.09 18.13
C ALA A 173 12.39 -2.66 17.93
N LYS A 174 11.78 -2.15 19.00
CA LYS A 174 10.41 -1.68 19.00
C LYS A 174 10.20 -0.52 18.04
N LYS A 175 11.10 0.46 18.09
CA LYS A 175 10.97 1.61 17.19
C LYS A 175 11.12 1.19 15.72
N GLY A 176 12.07 0.30 15.45
CA GLY A 176 12.27 -0.22 14.11
C GLY A 176 11.08 -1.04 13.59
N VAL A 177 10.55 -1.91 14.43
CA VAL A 177 9.37 -2.67 14.03
C VAL A 177 8.20 -1.72 13.74
N ASP A 178 7.95 -0.81 14.68
CA ASP A 178 6.83 0.11 14.53
C ASP A 178 6.91 0.97 13.25
N ILE A 179 8.10 1.46 12.90
CA ILE A 179 8.24 2.25 11.68
C ILE A 179 7.98 1.42 10.41
N PHE A 180 8.51 0.20 10.38
CA PHE A 180 8.35 -0.66 9.22
C PHE A 180 6.89 -1.18 9.08
N VAL A 181 6.21 -1.41 10.20
CA VAL A 181 4.78 -1.79 10.14
C VAL A 181 4.00 -0.61 9.56
N LYS A 182 4.29 0.58 10.09
CA LYS A 182 3.61 1.79 9.67
C LYS A 182 3.79 2.05 8.18
N ASN A 183 4.95 1.70 7.65
CA ASN A 183 5.24 1.93 6.24
C ASN A 183 4.94 0.72 5.37
N LYS A 184 4.22 -0.23 5.96
CA LYS A 184 3.70 -1.39 5.26
C LYS A 184 4.75 -2.35 4.69
N MET A 185 5.85 -2.56 5.40
CA MET A 185 6.73 -3.67 5.06
C MET A 185 5.95 -4.99 5.20
N ASP A 186 6.32 -6.01 4.44
CA ASP A 186 5.71 -7.32 4.55
C ASP A 186 6.45 -8.16 5.59
N ILE A 187 7.77 -8.07 5.55
CA ILE A 187 8.60 -8.92 6.41
C ILE A 187 9.63 -8.02 7.11
N ILE A 188 9.72 -8.15 8.42
CA ILE A 188 10.60 -7.33 9.24
C ILE A 188 11.50 -8.26 10.03
N ILE A 189 12.82 -8.09 9.88
CA ILE A 189 13.83 -9.00 10.45
C ILE A 189 14.74 -8.27 11.45
N VAL A 190 14.71 -8.72 12.70
CA VAL A 190 15.39 -8.07 13.80
C VAL A 190 16.64 -8.87 14.17
N ASP A 191 17.80 -8.24 14.00
CA ASP A 191 19.11 -8.80 14.36
C ASP A 191 19.39 -8.45 15.81
N THR A 192 19.94 -9.40 16.56
CA THR A 192 20.18 -9.19 17.99
C THR A 192 21.61 -9.59 18.35
N ALA A 193 22.05 -9.16 19.52
CA ALA A 193 23.44 -9.42 19.92
C ALA A 193 23.65 -10.90 20.20
N GLY A 194 24.88 -11.37 19.98
CA GLY A 194 25.25 -12.73 20.35
C GLY A 194 25.19 -12.97 21.85
N ARG A 195 24.82 -14.18 22.26
CA ARG A 195 24.82 -14.56 23.66
C ARG A 195 24.81 -16.08 23.81
N HIS A 196 25.39 -16.57 24.90
CA HIS A 196 25.36 -18.00 25.17
C HIS A 196 24.53 -18.34 26.40
N GLY A 197 24.37 -17.37 27.30
CA GLY A 197 23.47 -17.53 28.42
C GLY A 197 24.03 -18.17 29.68
N TYR A 198 25.34 -18.43 29.70
CA TYR A 198 25.96 -19.05 30.88
C TYR A 198 26.71 -18.02 31.72
N GLY A 199 26.92 -18.35 32.99
CA GLY A 199 27.59 -17.46 33.92
C GLY A 199 26.91 -16.10 33.97
N GLU A 200 27.67 -15.05 33.69
CA GLU A 200 27.12 -13.69 33.68
C GLU A 200 26.02 -13.50 32.62
N GLU A 201 26.05 -14.32 31.57
CA GLU A 201 25.17 -14.09 30.43
C GLU A 201 23.78 -14.65 30.64
N THR A 202 23.51 -15.13 31.84
CA THR A 202 22.15 -15.49 32.21
C THR A 202 21.27 -14.23 32.07
N LYS A 203 21.87 -13.07 32.37
CA LYS A 203 21.18 -11.81 32.24
C LYS A 203 20.85 -11.48 30.78
N LEU A 204 21.67 -11.98 29.85
CA LEU A 204 21.39 -11.77 28.44
C LEU A 204 20.19 -12.61 28.00
N LEU A 205 20.01 -13.78 28.59
CA LEU A 205 18.82 -14.57 28.34
C LEU A 205 17.57 -13.83 28.83
N GLU A 206 17.69 -13.18 29.99
CA GLU A 206 16.60 -12.37 30.52
C GLU A 206 16.27 -11.20 29.58
N GLU A 207 17.30 -10.64 28.95
CA GLU A 207 17.11 -9.50 28.06
C GLU A 207 16.45 -9.96 26.77
N MET A 208 16.79 -11.19 26.35
CA MET A 208 16.20 -11.76 25.15
C MET A 208 14.72 -12.03 25.38
N LYS A 209 14.40 -12.53 26.56
CA LYS A 209 13.01 -12.76 26.97
C LYS A 209 12.24 -11.47 26.96
N GLU A 210 12.86 -10.42 27.50
CA GLU A 210 12.19 -9.12 27.54
C GLU A 210 11.95 -8.59 26.13
N MET A 211 12.92 -8.73 25.24
CA MET A 211 12.72 -8.29 23.86
C MET A 211 11.59 -9.08 23.21
N TYR A 212 11.58 -10.38 23.44
CA TYR A 212 10.50 -11.24 22.96
C TYR A 212 9.12 -10.80 23.44
N ASP A 213 9.02 -10.49 24.73
CA ASP A 213 7.75 -10.05 25.30
C ASP A 213 7.26 -8.73 24.72
N VAL A 214 8.20 -7.84 24.39
CA VAL A 214 7.89 -6.52 23.86
C VAL A 214 7.55 -6.56 22.37
N LEU A 215 8.35 -7.29 21.59
CA LEU A 215 8.10 -7.34 20.14
C LEU A 215 6.94 -8.25 19.76
N LYS A 216 6.72 -9.30 20.57
CA LYS A 216 5.79 -10.37 20.21
C LYS A 216 6.03 -10.81 18.76
N PRO A 217 7.26 -11.29 18.48
CA PRO A 217 7.58 -11.67 17.10
C PRO A 217 6.74 -12.86 16.63
N ASP A 218 6.64 -13.03 15.32
CA ASP A 218 5.90 -14.12 14.74
C ASP A 218 6.77 -15.35 14.57
N ASP A 219 8.09 -15.15 14.54
CA ASP A 219 9.01 -16.27 14.51
C ASP A 219 10.32 -15.91 15.19
N VAL A 220 10.71 -16.69 16.19
CA VAL A 220 12.05 -16.55 16.79
C VAL A 220 12.91 -17.62 16.16
N ILE A 221 13.95 -17.20 15.46
CA ILE A 221 14.81 -18.11 14.73
C ILE A 221 16.17 -18.24 15.42
N LEU A 222 16.45 -19.43 15.93
CA LEU A 222 17.78 -19.73 16.46
C LEU A 222 18.75 -19.99 15.32
N VAL A 223 19.75 -19.13 15.17
CA VAL A 223 20.74 -19.28 14.12
C VAL A 223 21.95 -20.00 14.73
N ILE A 224 22.28 -21.17 14.18
CA ILE A 224 23.24 -22.05 14.86
C ILE A 224 24.33 -22.58 13.93
N ASP A 225 25.57 -22.47 14.39
CA ASP A 225 26.74 -22.91 13.64
C ASP A 225 26.70 -24.43 13.49
N ALA A 226 26.90 -24.92 12.27
CA ALA A 226 26.84 -26.37 12.02
C ALA A 226 27.84 -27.16 12.86
N SER A 227 28.92 -26.49 13.25
CA SER A 227 30.04 -27.16 13.91
C SER A 227 29.83 -27.41 15.40
N ILE A 228 28.76 -26.85 15.96
CA ILE A 228 28.52 -26.94 17.42
C ILE A 228 28.55 -28.36 18.02
N GLY A 229 29.24 -28.49 19.16
CA GLY A 229 29.47 -29.79 19.79
C GLY A 229 28.47 -30.13 20.87
N GLN A 230 28.98 -30.77 21.92
CA GLN A 230 28.13 -31.41 22.93
C GLN A 230 27.34 -30.45 23.83
N LYS A 231 27.70 -29.18 23.84
CA LYS A 231 26.94 -28.17 24.59
C LYS A 231 25.60 -27.79 23.91
N ALA A 232 25.41 -28.20 22.66
CA ALA A 232 24.28 -27.71 21.87
C ALA A 232 22.89 -27.92 22.51
N TYR A 233 22.64 -29.13 23.01
CA TYR A 233 21.34 -29.44 23.58
C TYR A 233 21.01 -28.54 24.77
N ASP A 234 21.93 -28.45 25.73
CA ASP A 234 21.68 -27.68 26.95
C ASP A 234 21.61 -26.19 26.66
N LEU A 235 22.46 -25.75 25.74
CA LEU A 235 22.46 -24.35 25.36
C LEU A 235 21.15 -23.95 24.64
N ALA A 236 20.75 -24.73 23.65
CA ALA A 236 19.47 -24.47 22.97
C ALA A 236 18.28 -24.54 23.95
N SER A 237 18.35 -25.44 24.93
CA SER A 237 17.27 -25.57 25.93
C SER A 237 17.17 -24.30 26.76
N ARG A 238 18.32 -23.75 27.15
CA ARG A 238 18.36 -22.50 27.89
C ARG A 238 17.71 -21.36 27.09
N PHE A 239 18.05 -21.26 25.81
CA PHE A 239 17.45 -20.29 24.91
C PHE A 239 15.92 -20.44 24.85
N HIS A 240 15.47 -21.67 24.61
CA HIS A 240 14.04 -21.97 24.43
C HIS A 240 13.21 -21.61 25.67
N GLN A 241 13.74 -21.89 26.85
CA GLN A 241 13.06 -21.53 28.08
C GLN A 241 12.90 -20.01 28.24
N ALA A 242 13.85 -19.24 27.70
CA ALA A 242 13.79 -17.78 27.77
C ALA A 242 12.84 -17.17 26.74
N SER A 243 12.95 -17.60 25.50
CA SER A 243 12.07 -17.15 24.43
C SER A 243 11.88 -18.29 23.46
N PRO A 244 10.65 -18.82 23.35
CA PRO A 244 10.43 -20.04 22.57
C PRO A 244 10.97 -19.94 21.14
N ILE A 245 11.74 -20.94 20.75
CA ILE A 245 12.32 -20.99 19.41
C ILE A 245 11.31 -21.61 18.47
N GLY A 246 10.97 -20.90 17.40
CA GLY A 246 10.06 -21.43 16.40
C GLY A 246 10.79 -22.16 15.29
N SER A 247 11.85 -21.54 14.77
CA SER A 247 12.61 -22.06 13.63
C SER A 247 14.10 -22.10 13.92
N VAL A 248 14.82 -22.91 13.15
CA VAL A 248 16.28 -22.99 13.21
C VAL A 248 16.86 -22.78 11.79
N ILE A 249 17.96 -22.04 11.73
CA ILE A 249 18.75 -21.97 10.52
C ILE A 249 20.14 -22.47 10.86
N ILE A 250 20.64 -23.44 10.11
CA ILE A 250 21.99 -23.95 10.33
C ILE A 250 22.95 -23.28 9.36
N THR A 251 23.92 -22.55 9.90
CA THR A 251 24.89 -21.85 9.08
C THR A 251 26.15 -22.69 8.84
N LYS A 252 26.96 -22.27 7.88
CA LYS A 252 28.28 -22.83 7.64
C LYS A 252 28.27 -24.30 7.22
N MET A 253 27.21 -24.70 6.54
CA MET A 253 27.07 -26.06 6.03
C MET A 253 27.96 -26.33 4.81
N ASP A 254 28.58 -25.25 4.31
CA ASP A 254 29.61 -25.38 3.28
C ASP A 254 30.93 -25.86 3.88
N GLY A 255 31.02 -25.89 5.21
CA GLY A 255 32.14 -26.50 5.90
C GLY A 255 32.08 -28.02 6.01
N THR A 256 32.94 -28.60 6.85
CA THR A 256 33.08 -30.05 6.92
C THR A 256 32.30 -30.67 8.07
N ALA A 257 31.69 -29.84 8.91
CA ALA A 257 31.00 -30.35 10.09
C ALA A 257 29.79 -31.24 9.71
N LYS A 258 29.61 -32.33 10.41
CA LYS A 258 28.50 -33.22 10.12
C LYS A 258 27.16 -32.55 10.44
N GLY A 259 27.09 -31.88 11.58
CA GLY A 259 25.92 -31.09 11.95
C GLY A 259 25.03 -31.72 13.01
N GLY A 260 25.52 -32.73 13.69
CA GLY A 260 24.72 -33.46 14.68
C GLY A 260 24.36 -32.60 15.87
N GLY A 261 25.20 -31.61 16.17
CA GLY A 261 24.94 -30.73 17.29
C GLY A 261 23.77 -29.83 16.95
N ALA A 262 23.66 -29.46 15.69
CA ALA A 262 22.56 -28.62 15.28
C ALA A 262 21.28 -29.42 15.38
N LEU A 263 21.35 -30.70 15.00
CA LEU A 263 20.22 -31.62 15.15
C LEU A 263 19.79 -31.75 16.61
N SER A 264 20.77 -31.74 17.51
CA SER A 264 20.51 -31.82 18.94
C SER A 264 19.77 -30.58 19.44
N ALA A 265 20.16 -29.42 18.93
CA ALA A 265 19.56 -28.14 19.27
C ALA A 265 18.11 -28.11 18.83
N VAL A 266 17.87 -28.67 17.65
CA VAL A 266 16.53 -28.75 17.13
C VAL A 266 15.66 -29.65 18.00
N VAL A 267 16.20 -30.77 18.48
CA VAL A 267 15.42 -31.69 19.31
C VAL A 267 15.11 -31.11 20.69
N ALA A 268 16.02 -30.30 21.20
CA ALA A 268 15.84 -29.67 22.50
C ALA A 268 14.72 -28.62 22.47
N THR A 269 14.48 -28.04 21.31
CA THR A 269 13.55 -26.91 21.22
C THR A 269 12.21 -27.30 20.60
N GLY A 270 12.19 -28.41 19.88
CA GLY A 270 11.03 -28.77 19.08
C GLY A 270 10.85 -27.85 17.87
N ALA A 271 11.89 -27.09 17.53
CA ALA A 271 11.76 -26.12 16.44
C ALA A 271 11.85 -26.76 15.06
N THR A 272 11.43 -26.03 14.03
CA THR A 272 11.49 -26.50 12.66
C THR A 272 12.71 -25.92 11.96
N ILE A 273 13.48 -26.75 11.28
CA ILE A 273 14.64 -26.23 10.53
C ILE A 273 14.12 -25.78 9.18
N LYS A 274 14.35 -24.51 8.85
CA LYS A 274 13.80 -23.97 7.62
C LYS A 274 14.84 -23.71 6.52
N PHE A 275 16.02 -23.23 6.91
CA PHE A 275 17.07 -22.86 5.96
C PHE A 275 18.43 -23.36 6.40
N ILE A 276 19.37 -23.54 5.45
CA ILE A 276 20.78 -23.64 5.81
C ILE A 276 21.57 -22.54 5.11
N GLY A 277 22.69 -22.14 5.71
CA GLY A 277 23.61 -21.18 5.09
C GLY A 277 24.75 -21.97 4.46
N THR A 278 25.12 -21.59 3.24
CA THR A 278 26.09 -22.37 2.47
C THR A 278 27.26 -21.49 1.98
N GLY A 279 27.49 -20.38 2.66
CA GLY A 279 28.61 -19.54 2.31
C GLY A 279 28.52 -18.14 2.88
N GLU A 280 29.51 -17.31 2.57
CA GLU A 280 29.52 -15.96 3.10
C GLU A 280 28.72 -15.00 2.24
N LYS A 281 28.50 -15.36 0.99
CA LYS A 281 27.77 -14.46 0.07
C LYS A 281 26.28 -14.37 0.36
N ILE A 282 25.70 -13.26 -0.03
CA ILE A 282 24.38 -12.89 0.45
C ILE A 282 23.28 -13.78 -0.16
N ASP A 283 23.59 -14.46 -1.25
CA ASP A 283 22.63 -15.37 -1.86
C ASP A 283 22.83 -16.82 -1.39
N GLU A 284 23.72 -17.04 -0.44
CA GLU A 284 24.05 -18.42 -0.07
C GLU A 284 23.19 -18.97 1.07
N LEU A 285 21.90 -19.05 0.79
CA LEU A 285 20.92 -19.55 1.73
C LEU A 285 19.98 -20.45 0.94
N GLU A 286 19.64 -21.60 1.50
CA GLU A 286 18.70 -22.48 0.81
C GLU A 286 17.77 -23.18 1.80
N THR A 287 16.64 -23.65 1.30
CA THR A 287 15.68 -24.33 2.16
C THR A 287 16.25 -25.66 2.64
N PHE A 288 15.92 -26.00 3.88
CA PHE A 288 16.40 -27.23 4.51
C PHE A 288 15.83 -28.49 3.87
N ASN A 289 16.68 -29.49 3.63
CA ASN A 289 16.27 -30.78 3.09
C ASN A 289 16.59 -31.88 4.09
N ALA A 290 15.55 -32.50 4.65
CA ALA A 290 15.69 -33.47 5.73
C ALA A 290 16.48 -34.70 5.33
N LYS A 291 16.16 -35.27 4.17
CA LYS A 291 16.81 -36.51 3.75
C LYS A 291 18.32 -36.36 3.59
N ARG A 292 18.75 -35.31 2.90
CA ARG A 292 20.18 -35.04 2.74
C ARG A 292 20.90 -34.81 4.07
N PHE A 293 20.21 -34.16 5.01
CA PHE A 293 20.79 -33.86 6.31
C PHE A 293 21.01 -35.14 7.11
N VAL A 294 20.06 -36.07 7.02
CA VAL A 294 20.20 -37.36 7.71
C VAL A 294 21.39 -38.09 7.11
N SER A 295 21.45 -38.07 5.78
CA SER A 295 22.53 -38.72 5.06
C SER A 295 23.89 -38.10 5.46
N ARG A 296 23.92 -36.79 5.67
CA ARG A 296 25.14 -36.09 6.04
C ARG A 296 25.59 -36.55 7.42
N ILE A 297 24.65 -36.54 8.36
CA ILE A 297 24.93 -36.97 9.73
C ILE A 297 25.43 -38.41 9.73
N LEU A 298 24.88 -39.19 8.79
CA LEU A 298 25.23 -40.58 8.45
C LEU A 298 24.34 -41.58 9.17
N LYS B 14 50.23 -59.88 48.14
CA LYS B 14 49.89 -58.65 48.84
C LYS B 14 49.18 -57.70 47.90
N TYR B 15 49.74 -57.54 46.70
CA TYR B 15 49.19 -56.63 45.71
C TYR B 15 48.37 -57.43 44.69
N LYS B 16 47.23 -56.89 44.28
CA LYS B 16 46.40 -57.53 43.26
C LYS B 16 46.77 -57.09 41.86
N THR B 17 46.65 -58.00 40.90
CA THR B 17 47.00 -57.71 39.51
C THR B 17 45.79 -57.20 38.73
N ILE B 18 45.94 -56.07 38.07
CA ILE B 18 44.84 -55.51 37.30
C ILE B 18 44.62 -56.30 36.02
N LYS B 19 43.36 -56.72 35.83
CA LYS B 19 42.96 -57.44 34.63
C LYS B 19 41.96 -56.56 33.87
N GLU B 20 41.72 -56.89 32.61
CA GLU B 20 40.81 -56.08 31.79
C GLU B 20 39.44 -55.93 32.42
N ASP B 21 38.92 -57.05 32.94
CA ASP B 21 37.63 -57.10 33.61
C ASP B 21 37.49 -56.11 34.76
N ASP B 22 38.61 -55.80 35.42
CA ASP B 22 38.63 -54.81 36.48
C ASP B 22 38.37 -53.40 35.95
N LEU B 23 38.68 -53.18 34.67
CA LEU B 23 38.72 -51.83 34.10
C LEU B 23 37.48 -51.42 33.32
N ASN B 24 36.68 -52.40 32.92
CA ASN B 24 35.56 -52.15 32.00
C ASN B 24 34.58 -51.06 32.41
N ASP B 25 34.03 -51.15 33.61
CA ASP B 25 33.04 -50.17 34.07
C ASP B 25 33.59 -48.76 34.11
N VAL B 26 34.78 -48.61 34.68
CA VAL B 26 35.34 -47.27 34.83
C VAL B 26 35.79 -46.68 33.49
N ILE B 27 36.25 -47.53 32.58
CA ILE B 27 36.67 -47.06 31.26
C ILE B 27 35.47 -46.48 30.50
N GLU B 28 34.31 -47.09 30.66
CA GLU B 28 33.11 -46.58 30.02
C GLU B 28 32.64 -45.25 30.61
N GLU B 29 32.66 -45.11 31.93
CA GLU B 29 32.32 -43.82 32.53
C GLU B 29 33.27 -42.72 32.05
N LEU B 30 34.56 -43.06 31.97
CA LEU B 30 35.55 -42.09 31.49
C LEU B 30 35.34 -41.72 30.02
N ARG B 31 34.89 -42.70 29.23
CA ARG B 31 34.66 -42.45 27.82
C ARG B 31 33.56 -41.42 27.63
N PHE B 32 32.49 -41.55 28.39
CA PHE B 32 31.38 -40.61 28.26
C PHE B 32 31.70 -39.23 28.84
N GLN B 33 32.57 -39.18 29.83
CA GLN B 33 33.05 -37.92 30.37
C GLN B 33 33.89 -37.16 29.34
N LEU B 34 34.82 -37.84 28.70
CA LEU B 34 35.64 -37.22 27.67
C LEU B 34 34.79 -36.79 26.46
N LEU B 35 33.89 -37.66 26.02
CA LEU B 35 33.03 -37.33 24.87
C LEU B 35 32.21 -36.09 25.16
N ASP B 36 31.66 -36.04 26.37
CA ASP B 36 30.88 -34.88 26.82
C ASP B 36 31.73 -33.61 26.86
N SER B 37 33.05 -33.79 27.02
CA SER B 37 33.97 -32.66 27.12
C SER B 37 34.49 -32.24 25.74
N ASP B 38 33.85 -32.77 24.69
CA ASP B 38 34.27 -32.51 23.31
C ASP B 38 35.69 -32.99 22.98
N VAL B 39 36.14 -34.05 23.64
CA VAL B 39 37.27 -34.79 23.07
C VAL B 39 36.65 -35.69 22.02
N SER B 40 37.13 -35.59 20.78
CA SER B 40 36.49 -36.33 19.69
C SER B 40 36.51 -37.83 19.94
N TYR B 41 35.60 -38.54 19.27
CA TYR B 41 35.40 -39.97 19.50
C TYR B 41 36.70 -40.75 19.27
N GLU B 42 37.35 -40.46 18.16
CA GLU B 42 38.54 -41.19 17.74
C GLU B 42 39.72 -40.99 18.71
N VAL B 43 39.88 -39.78 19.22
CA VAL B 43 40.95 -39.48 20.17
C VAL B 43 40.63 -40.08 21.55
N THR B 44 39.38 -39.97 21.96
CA THR B 44 38.90 -40.59 23.20
C THR B 44 39.19 -42.09 23.21
N GLU B 45 38.87 -42.77 22.11
CA GLU B 45 39.14 -44.20 22.02
C GLU B 45 40.64 -44.54 22.16
N LYS B 46 41.50 -43.80 21.46
CA LYS B 46 42.94 -44.08 21.51
C LYS B 46 43.49 -43.85 22.91
N ILE B 47 43.07 -42.76 23.54
CA ILE B 47 43.54 -42.43 24.89
C ILE B 47 43.14 -43.50 25.89
N LEU B 48 41.91 -44.00 25.77
CA LEU B 48 41.44 -45.02 26.70
C LEU B 48 42.06 -46.39 26.41
N GLU B 49 42.38 -46.64 25.14
CA GLU B 49 43.11 -47.87 24.80
C GLU B 49 44.52 -47.80 25.36
N ASP B 50 45.12 -46.61 25.31
CA ASP B 50 46.44 -46.39 25.92
C ASP B 50 46.37 -46.68 27.41
N LEU B 51 45.31 -46.17 28.03
CA LEU B 51 45.09 -46.28 29.47
C LEU B 51 44.95 -47.75 29.90
N LYS B 52 44.07 -48.48 29.22
CA LYS B 52 43.89 -49.90 29.50
C LYS B 52 45.20 -50.68 29.37
N ASN B 53 45.93 -50.44 28.29
CA ASN B 53 47.19 -51.14 28.05
C ASN B 53 48.27 -50.81 29.07
N ASN B 54 48.27 -49.59 29.56
CA ASN B 54 49.23 -49.23 30.61
C ASN B 54 48.91 -49.94 31.91
N LEU B 55 47.65 -50.26 32.15
CA LEU B 55 47.24 -50.78 33.45
C LEU B 55 47.11 -52.31 33.52
N ILE B 56 46.80 -52.95 32.39
CA ILE B 56 46.65 -54.40 32.36
C ILE B 56 47.98 -55.01 32.76
N GLY B 57 48.00 -55.69 33.90
CA GLY B 57 49.21 -56.36 34.36
C GLY B 57 49.91 -55.67 35.51
N LYS B 58 49.52 -54.43 35.79
CA LYS B 58 50.10 -53.68 36.90
C LYS B 58 49.54 -54.15 38.23
N LYS B 59 50.38 -54.15 39.26
CA LYS B 59 49.96 -54.57 40.58
C LYS B 59 49.36 -53.41 41.36
N VAL B 60 48.55 -53.72 42.36
CA VAL B 60 47.91 -52.70 43.19
C VAL B 60 47.48 -53.30 44.53
N SER B 61 47.51 -52.48 45.58
CA SER B 61 47.16 -52.95 46.92
C SER B 61 45.72 -53.47 46.99
N ARG B 62 45.47 -54.41 47.89
CA ARG B 62 44.18 -55.06 48.01
C ARG B 62 43.05 -54.12 48.38
N ARG B 63 43.27 -53.28 49.39
CA ARG B 63 42.22 -52.36 49.82
C ARG B 63 42.29 -51.01 49.09
N GLU B 64 42.95 -51.00 47.93
CA GLU B 64 42.90 -49.84 47.05
C GLU B 64 41.79 -50.00 46.02
N GLU B 65 41.13 -48.90 45.69
CA GLU B 65 40.07 -48.92 44.69
C GLU B 65 40.66 -48.82 43.29
N VAL B 66 40.48 -49.87 42.50
CA VAL B 66 40.90 -49.88 41.10
C VAL B 66 40.44 -48.64 40.36
N GLU B 67 39.18 -48.27 40.55
CA GLU B 67 38.57 -47.15 39.83
C GLU B 67 39.37 -45.86 40.01
N GLU B 68 39.83 -45.60 41.24
CA GLU B 68 40.56 -44.37 41.51
C GLU B 68 41.96 -44.37 40.88
N ILE B 69 42.66 -45.49 40.94
CA ILE B 69 43.95 -45.60 40.26
C ILE B 69 43.80 -45.34 38.75
N VAL B 70 42.70 -45.82 38.17
CA VAL B 70 42.42 -45.61 36.76
C VAL B 70 42.22 -44.14 36.46
N ILE B 71 41.39 -43.48 37.26
CA ILE B 71 41.10 -42.06 37.07
C ILE B 71 42.35 -41.22 37.26
N ASN B 72 43.13 -41.52 38.29
CA ASN B 72 44.36 -40.77 38.54
C ASN B 72 45.42 -41.02 37.46
N THR B 73 45.51 -42.25 36.98
CA THR B 73 46.43 -42.57 35.89
C THR B 73 46.06 -41.75 34.64
N LEU B 74 44.75 -41.64 34.37
CA LEU B 74 44.30 -40.84 33.22
C LEU B 74 44.58 -39.34 33.39
N LYS B 75 44.30 -38.80 34.57
CA LYS B 75 44.56 -37.38 34.83
C LYS B 75 46.04 -37.09 34.66
N LYS B 76 46.87 -38.00 35.15
CA LYS B 76 48.32 -37.87 35.05
C LYS B 76 48.80 -37.98 33.60
N SER B 77 48.21 -38.89 32.82
CA SER B 77 48.59 -39.02 31.41
C SER B 77 48.18 -37.80 30.58
N ILE B 78 46.98 -37.29 30.84
CA ILE B 78 46.52 -36.10 30.16
C ILE B 78 47.42 -34.91 30.51
N THR B 79 47.79 -34.79 31.78
CA THR B 79 48.65 -33.69 32.22
C THR B 79 50.01 -33.75 31.51
N GLU B 80 50.54 -34.95 31.36
CA GLU B 80 51.81 -35.14 30.68
C GLU B 80 51.75 -34.86 29.18
N ILE B 81 50.64 -35.25 28.54
CA ILE B 81 50.44 -34.99 27.11
C ILE B 81 50.42 -33.49 26.81
N LEU B 82 49.78 -32.73 27.69
CA LEU B 82 49.68 -31.28 27.54
C LEU B 82 50.96 -30.56 27.95
N THR B 83 51.57 -31.00 29.05
CA THR B 83 52.79 -30.38 29.57
C THR B 83 53.96 -30.50 28.58
N LYS B 84 54.04 -31.65 27.91
CA LYS B 84 55.11 -31.90 26.94
C LYS B 84 54.98 -31.01 25.69
N ASN B 85 53.76 -30.61 25.36
CA ASN B 85 53.52 -29.78 24.17
C ASN B 85 53.67 -28.27 24.37
N GLN B 86 53.76 -27.86 25.63
CA GLN B 86 53.97 -26.44 25.96
C GLN B 86 55.27 -25.91 25.36
N LYS B 87 55.20 -24.66 24.89
CA LYS B 87 56.37 -23.96 24.35
C LYS B 87 56.68 -22.76 25.23
N THR B 88 57.70 -22.01 24.86
CA THR B 88 58.04 -20.78 25.56
C THR B 88 56.86 -19.80 25.57
N ASP B 89 56.68 -19.11 26.69
CA ASP B 89 55.64 -18.08 26.80
C ASP B 89 55.79 -17.04 25.70
N LEU B 90 54.67 -16.61 25.12
CA LEU B 90 54.70 -15.74 23.94
C LEU B 90 55.34 -14.39 24.22
N ILE B 91 55.06 -13.83 25.38
CA ILE B 91 55.63 -12.54 25.72
C ILE B 91 57.15 -12.66 25.87
N GLU B 92 57.60 -13.75 26.49
CA GLU B 92 59.04 -13.98 26.62
C GLU B 92 59.66 -14.17 25.24
N LYS B 93 58.95 -14.86 24.35
CA LYS B 93 59.35 -15.04 22.96
C LYS B 93 59.58 -13.70 22.27
N ILE B 94 58.60 -12.82 22.38
CA ILE B 94 58.69 -11.48 21.78
C ILE B 94 59.84 -10.68 22.39
N ARG B 95 59.89 -10.60 23.72
CA ARG B 95 60.98 -9.88 24.40
C ARG B 95 62.37 -10.41 24.05
N SER B 96 62.48 -11.73 23.84
CA SER B 96 63.79 -12.32 23.55
C SER B 96 64.14 -12.16 22.09
N SER B 97 63.14 -11.82 21.28
CA SER B 97 63.32 -11.66 19.84
C SER B 97 63.98 -10.31 19.51
N GLY B 98 64.88 -10.33 18.55
CA GLY B 98 65.57 -9.11 18.14
C GLY B 98 64.79 -8.44 17.04
N LYS B 99 63.71 -9.10 16.62
CA LYS B 99 62.89 -8.62 15.52
C LYS B 99 62.02 -7.44 15.93
N LYS B 100 62.02 -6.41 15.11
CA LYS B 100 61.11 -5.30 15.26
C LYS B 100 60.58 -4.92 13.89
N PRO B 101 59.28 -5.15 13.66
CA PRO B 101 58.38 -5.67 14.70
C PRO B 101 58.40 -7.19 14.74
N PHE B 102 57.88 -7.75 15.83
CA PHE B 102 57.57 -9.17 15.88
C PHE B 102 56.17 -9.30 15.26
N VAL B 103 56.04 -10.08 14.21
CA VAL B 103 54.81 -10.14 13.43
C VAL B 103 54.00 -11.39 13.72
N ILE B 104 52.75 -11.19 14.12
CA ILE B 104 51.85 -12.29 14.44
C ILE B 104 50.64 -12.22 13.54
N ILE B 105 50.23 -13.37 13.00
CA ILE B 105 49.02 -13.41 12.17
C ILE B 105 48.02 -14.36 12.84
N PHE B 106 46.74 -14.05 12.66
CA PHE B 106 45.64 -14.80 13.25
C PHE B 106 44.74 -15.25 12.12
N PHE B 107 44.38 -16.54 12.09
CA PHE B 107 43.43 -17.01 11.08
C PHE B 107 42.53 -18.12 11.63
N GLY B 108 41.52 -18.50 10.87
CA GLY B 108 40.62 -19.55 11.33
C GLY B 108 39.30 -19.40 10.59
N VAL B 109 38.35 -20.28 10.86
CA VAL B 109 37.08 -20.23 10.13
C VAL B 109 36.20 -19.07 10.58
N ASN B 110 35.15 -18.81 9.82
CA ASN B 110 34.28 -17.67 10.10
C ASN B 110 33.64 -17.67 11.47
N GLY B 111 33.72 -16.51 12.12
CA GLY B 111 32.99 -16.27 13.35
C GLY B 111 33.62 -16.82 14.64
N VAL B 112 34.76 -17.51 14.54
CA VAL B 112 35.38 -18.13 15.75
C VAL B 112 35.90 -17.15 16.80
N GLY B 113 36.27 -15.95 16.37
CA GLY B 113 36.69 -14.94 17.33
C GLY B 113 38.02 -14.25 17.08
N LYS B 114 38.51 -14.28 15.83
CA LYS B 114 39.82 -13.70 15.49
C LYS B 114 39.97 -12.23 15.87
N THR B 115 39.04 -11.40 15.39
CA THR B 115 39.08 -9.94 15.55
C THR B 115 39.05 -9.53 17.01
N THR B 116 38.15 -10.13 17.77
CA THR B 116 38.04 -9.83 19.19
C THR B 116 39.28 -10.32 19.98
N THR B 117 39.82 -11.48 19.58
CA THR B 117 41.00 -12.03 20.23
C THR B 117 42.23 -11.13 19.99
N ILE B 118 42.29 -10.54 18.81
CA ILE B 118 43.37 -9.59 18.52
C ILE B 118 43.34 -8.41 19.49
N ALA B 119 42.14 -7.90 19.76
CA ALA B 119 41.97 -6.82 20.73
C ALA B 119 42.44 -7.21 22.14
N LYS B 120 42.12 -8.44 22.56
CA LYS B 120 42.57 -8.92 23.86
C LYS B 120 44.09 -9.05 23.90
N VAL B 121 44.68 -9.51 22.78
CA VAL B 121 46.12 -9.66 22.69
C VAL B 121 46.80 -8.30 22.76
N VAL B 122 46.26 -7.32 22.04
CA VAL B 122 46.74 -5.94 22.20
C VAL B 122 46.71 -5.50 23.66
N ASN B 123 45.58 -5.73 24.34
CA ASN B 123 45.47 -5.38 25.75
C ASN B 123 46.54 -6.05 26.61
N MET B 124 46.80 -7.32 26.34
CA MET B 124 47.79 -8.06 27.13
C MET B 124 49.17 -7.47 26.84
N LEU B 125 49.46 -7.19 25.58
CA LEU B 125 50.76 -6.63 25.19
C LEU B 125 51.00 -5.24 25.80
N LYS B 126 49.97 -4.40 25.82
CA LYS B 126 50.06 -3.10 26.46
C LYS B 126 50.42 -3.20 27.93
N LYS B 127 49.80 -4.17 28.63
CA LYS B 127 50.10 -4.39 30.05
C LYS B 127 51.54 -4.88 30.25
N ASN B 128 52.11 -5.48 29.21
CA ASN B 128 53.48 -5.96 29.28
C ASN B 128 54.47 -4.95 28.69
N ASN B 129 53.98 -3.73 28.48
CA ASN B 129 54.78 -2.63 27.94
C ASN B 129 55.38 -2.86 26.55
N LEU B 130 54.64 -3.55 25.69
CA LEU B 130 55.06 -3.75 24.31
C LEU B 130 54.18 -2.92 23.36
N SER B 131 54.81 -2.13 22.48
CA SER B 131 54.04 -1.33 21.53
C SER B 131 53.47 -2.21 20.40
N THR B 132 52.31 -1.83 19.86
CA THR B 132 51.67 -2.69 18.87
CA THR B 132 51.62 -2.69 18.90
C THR B 132 50.89 -1.87 17.86
N ILE B 133 50.82 -2.40 16.64
CA ILE B 133 49.87 -1.87 15.65
C ILE B 133 49.13 -3.04 15.04
N ILE B 134 47.93 -2.76 14.54
CA ILE B 134 47.08 -3.79 13.96
C ILE B 134 46.98 -3.55 12.47
N ALA B 135 47.13 -4.63 11.70
CA ALA B 135 46.86 -4.62 10.27
C ALA B 135 45.43 -5.12 10.04
N ALA B 136 44.60 -4.27 9.45
CA ALA B 136 43.21 -4.62 9.12
C ALA B 136 43.17 -5.40 7.81
N SER B 137 43.66 -6.63 7.84
CA SER B 137 43.79 -7.41 6.60
C SER B 137 42.57 -8.30 6.26
N ASP B 138 41.46 -8.14 6.98
CA ASP B 138 40.15 -8.59 6.47
C ASP B 138 39.57 -7.46 5.65
N THR B 139 39.70 -7.56 4.34
CA THR B 139 39.23 -6.51 3.46
C THR B 139 37.94 -6.94 2.75
N PHE B 140 37.35 -8.02 3.23
CA PHE B 140 36.16 -8.57 2.57
C PHE B 140 34.86 -8.35 3.32
N ARG B 141 34.82 -8.71 4.59
CA ARG B 141 33.53 -8.82 5.26
C ARG B 141 32.98 -7.47 5.66
N ALA B 142 31.67 -7.32 5.57
CA ALA B 142 31.00 -6.08 5.95
C ALA B 142 31.44 -5.58 7.33
N ALA B 143 31.84 -4.31 7.35
CA ALA B 143 32.29 -3.59 8.53
C ALA B 143 33.50 -4.21 9.24
N ALA B 144 34.32 -4.99 8.53
CA ALA B 144 35.46 -5.63 9.19
C ALA B 144 36.47 -4.58 9.63
N GLN B 145 36.69 -3.56 8.82
CA GLN B 145 37.65 -2.53 9.23
C GLN B 145 37.08 -1.62 10.31
N GLU B 146 35.78 -1.31 10.24
CA GLU B 146 35.13 -0.45 11.24
C GLU B 146 35.12 -1.10 12.63
N GLN B 147 34.90 -2.41 12.65
CA GLN B 147 34.92 -3.19 13.87
C GLN B 147 36.30 -3.06 14.55
N LEU B 148 37.36 -3.24 13.78
CA LEU B 148 38.74 -3.10 14.33
C LEU B 148 39.05 -1.66 14.72
N ALA B 149 38.53 -0.70 13.95
CA ALA B 149 38.78 0.70 14.23
C ALA B 149 38.22 1.11 15.59
N TYR B 150 37.06 0.57 15.96
CA TYR B 150 36.52 0.77 17.30
C TYR B 150 37.48 0.25 18.39
N HIS B 151 37.95 -1.00 18.26
CA HIS B 151 38.88 -1.57 19.23
C HIS B 151 40.21 -0.81 19.29
N ALA B 152 40.78 -0.49 18.12
CA ALA B 152 42.03 0.26 18.05
C ALA B 152 41.93 1.61 18.76
N SER B 153 40.81 2.28 18.56
CA SER B 153 40.56 3.56 19.21
C SER B 153 40.45 3.41 20.74
N LYS B 154 39.73 2.41 21.20
CA LYS B 154 39.57 2.20 22.64
C LYS B 154 40.89 1.75 23.30
N LEU B 155 41.69 0.95 22.58
CA LEU B 155 42.98 0.47 23.10
C LEU B 155 44.07 1.52 22.88
N GLU B 156 43.75 2.56 22.14
CA GLU B 156 44.68 3.64 21.79
C GLU B 156 45.92 3.12 21.07
N VAL B 157 45.71 2.28 20.08
CA VAL B 157 46.80 1.82 19.24
C VAL B 157 46.49 2.13 17.80
N GLN B 158 47.53 2.22 16.98
CA GLN B 158 47.36 2.53 15.56
C GLN B 158 46.81 1.36 14.76
N LEU B 159 45.80 1.63 13.95
CA LEU B 159 45.27 0.64 13.01
C LEU B 159 45.72 1.02 11.61
N ILE B 160 46.28 0.05 10.90
CA ILE B 160 46.67 0.30 9.51
C ILE B 160 45.58 -0.30 8.60
N ARG B 161 44.89 0.57 7.86
CA ARG B 161 43.80 0.11 6.99
C ARG B 161 44.26 -0.14 5.56
N GLY B 162 45.44 0.39 5.21
CA GLY B 162 45.96 0.27 3.87
C GLY B 162 45.34 1.32 2.97
N LYS B 163 45.82 1.41 1.73
CA LYS B 163 45.24 2.37 0.80
C LYS B 163 43.84 1.94 0.38
N TYR B 164 43.06 2.87 -0.17
CA TYR B 164 41.69 2.57 -0.57
C TYR B 164 41.65 1.39 -1.54
N GLY B 165 40.90 0.35 -1.17
CA GLY B 165 40.74 -0.83 -2.03
C GLY B 165 41.88 -1.84 -1.96
N ALA B 166 42.84 -1.62 -1.05
CA ALA B 166 43.97 -2.54 -0.91
C ALA B 166 43.53 -3.96 -0.55
N ASP B 167 44.25 -4.96 -1.07
CA ASP B 167 43.99 -6.36 -0.75
C ASP B 167 44.69 -6.73 0.58
N PRO B 168 44.37 -7.90 1.17
CA PRO B 168 44.95 -8.24 2.48
C PRO B 168 46.49 -8.16 2.55
N ALA B 169 47.18 -8.58 1.50
CA ALA B 169 48.64 -8.60 1.51
C ALA B 169 49.22 -7.19 1.48
N SER B 170 48.57 -6.30 0.74
CA SER B 170 49.02 -4.93 0.62
C SER B 170 48.85 -4.24 1.97
N VAL B 171 47.72 -4.50 2.64
CA VAL B 171 47.49 -3.93 3.97
C VAL B 171 48.57 -4.39 4.96
N ALA B 172 48.85 -5.69 4.97
CA ALA B 172 49.89 -6.24 5.86
C ALA B 172 51.28 -5.69 5.56
N PHE B 173 51.62 -5.63 4.28
CA PHE B 173 52.88 -5.05 3.85
C PHE B 173 53.06 -3.62 4.36
N ASP B 174 52.02 -2.80 4.22
CA ASP B 174 52.05 -1.39 4.66
C ASP B 174 52.18 -1.30 6.18
N ALA B 175 51.46 -2.17 6.89
CA ALA B 175 51.51 -2.21 8.34
C ALA B 175 52.92 -2.55 8.85
N ILE B 176 53.53 -3.57 8.27
CA ILE B 176 54.88 -3.95 8.64
C ILE B 176 55.91 -2.86 8.33
N SER B 177 55.77 -2.23 7.16
CA SER B 177 56.67 -1.15 6.78
C SER B 177 56.58 0.02 7.76
N PHE B 178 55.35 0.32 8.16
CA PHE B 178 55.06 1.40 9.11
C PHE B 178 55.66 1.07 10.47
N ALA B 179 55.48 -0.17 10.91
CA ALA B 179 55.99 -0.58 12.22
C ALA B 179 57.52 -0.53 12.26
N LYS B 180 58.15 -0.96 11.16
CA LYS B 180 59.62 -0.94 11.07
C LYS B 180 60.18 0.46 11.27
N SER B 181 59.64 1.43 10.54
CA SER B 181 60.19 2.78 10.61
C SER B 181 59.92 3.45 11.96
N ARG B 182 58.93 2.96 12.70
CA ARG B 182 58.63 3.57 13.98
C ARG B 182 59.10 2.71 15.14
N ASN B 183 59.83 1.64 14.84
CA ASN B 183 60.35 0.74 15.87
C ASN B 183 59.26 0.22 16.81
N ILE B 184 58.10 -0.11 16.25
CA ILE B 184 56.99 -0.74 16.98
C ILE B 184 57.34 -2.20 17.29
N ASP B 185 57.01 -2.64 18.51
CA ASP B 185 57.41 -3.96 18.97
C ASP B 185 56.68 -5.09 18.25
N VAL B 186 55.38 -4.91 18.03
CA VAL B 186 54.55 -5.99 17.51
C VAL B 186 53.58 -5.51 16.43
N VAL B 187 53.43 -6.31 15.37
CA VAL B 187 52.31 -6.15 14.43
C VAL B 187 51.38 -7.37 14.54
N LEU B 188 50.07 -7.10 14.67
CA LEU B 188 49.06 -8.16 14.71
C LEU B 188 48.21 -8.07 13.46
N ILE B 189 48.17 -9.14 12.69
CA ILE B 189 47.44 -9.16 11.43
C ILE B 189 46.10 -9.88 11.55
N ASP B 190 45.01 -9.15 11.35
CA ASP B 190 43.68 -9.76 11.32
C ASP B 190 43.43 -10.26 9.91
N THR B 191 42.73 -11.38 9.77
CA THR B 191 42.40 -11.90 8.45
C THR B 191 40.93 -12.28 8.41
N ALA B 192 40.35 -12.28 7.21
CA ALA B 192 38.95 -12.71 7.08
C ALA B 192 38.75 -14.18 7.46
N GLY B 193 37.55 -14.50 7.93
CA GLY B 193 37.19 -15.89 8.15
C GLY B 193 37.26 -16.62 6.83
N ARG B 194 37.63 -17.89 6.87
CA ARG B 194 37.71 -18.70 5.66
C ARG B 194 37.58 -20.16 6.06
N MET B 195 36.89 -20.95 5.25
CA MET B 195 36.86 -22.39 5.47
C MET B 195 38.18 -23.02 5.11
N HIS B 196 38.60 -24.00 5.89
CA HIS B 196 39.83 -24.73 5.65
C HIS B 196 39.81 -25.49 4.33
N ILE B 197 38.62 -25.73 3.77
CA ILE B 197 38.49 -26.44 2.49
C ILE B 197 38.22 -25.50 1.30
N ASP B 198 38.26 -24.20 1.56
CA ASP B 198 38.09 -23.22 0.50
C ASP B 198 39.44 -22.94 -0.14
N SER B 199 39.72 -23.57 -1.28
CA SER B 199 41.04 -23.45 -1.91
C SER B 199 41.45 -22.03 -2.27
N ASP B 200 40.50 -21.26 -2.80
CA ASP B 200 40.78 -19.89 -3.21
C ASP B 200 41.15 -19.02 -2.02
N LEU B 201 40.40 -19.13 -0.93
CA LEU B 201 40.68 -18.32 0.26
C LEU B 201 41.91 -18.80 1.02
N VAL B 202 42.16 -20.11 1.00
CA VAL B 202 43.40 -20.65 1.56
C VAL B 202 44.60 -20.09 0.80
N GLU B 203 44.47 -20.02 -0.53
CA GLU B 203 45.50 -19.37 -1.34
C GLU B 203 45.65 -17.88 -0.98
N GLU B 204 44.54 -17.17 -0.76
CA GLU B 204 44.63 -15.76 -0.35
C GLU B 204 45.43 -15.61 0.96
N LEU B 205 45.23 -16.54 1.88
CA LEU B 205 45.95 -16.50 3.14
C LEU B 205 47.43 -16.77 2.95
N LYS B 206 47.76 -17.80 2.16
CA LYS B 206 49.14 -18.16 1.87
C LYS B 206 49.88 -17.01 1.20
N LYS B 207 49.14 -16.24 0.43
CA LYS B 207 49.67 -15.03 -0.18
C LYS B 207 50.02 -13.96 0.86
N VAL B 208 49.19 -13.79 1.88
CA VAL B 208 49.51 -12.87 2.96
C VAL B 208 50.75 -13.38 3.74
N LEU B 209 50.83 -14.68 3.96
CA LEU B 209 51.95 -15.25 4.69
C LEU B 209 53.28 -15.05 3.96
N ARG B 210 53.28 -15.24 2.65
CA ARG B 210 54.51 -15.08 1.88
C ARG B 210 55.02 -13.65 1.97
N ILE B 211 54.09 -12.71 2.01
CA ILE B 211 54.42 -11.31 1.97
C ILE B 211 54.77 -10.78 3.36
N ALA B 212 54.05 -11.26 4.38
CA ALA B 212 54.25 -10.80 5.75
C ALA B 212 55.34 -11.55 6.52
N LYS B 213 55.64 -12.77 6.06
CA LYS B 213 56.59 -13.66 6.74
C LYS B 213 56.49 -13.60 8.27
N PRO B 214 55.35 -14.02 8.83
CA PRO B 214 55.14 -13.82 10.27
C PRO B 214 56.09 -14.60 11.14
N ASP B 215 56.35 -14.06 12.33
CA ASP B 215 57.20 -14.73 13.30
C ASP B 215 56.38 -15.72 14.12
N PHE B 216 55.07 -15.55 14.14
CA PHE B 216 54.21 -16.44 14.91
C PHE B 216 52.87 -16.53 14.20
N ARG B 217 52.32 -17.74 14.07
CA ARG B 217 51.03 -17.91 13.41
C ARG B 217 50.05 -18.57 14.39
N ILE B 218 48.87 -17.98 14.57
CA ILE B 218 47.92 -18.47 15.55
C ILE B 218 46.60 -18.84 14.88
N LEU B 219 46.22 -20.09 15.02
CA LEU B 219 44.91 -20.56 14.58
C LEU B 219 43.92 -20.31 15.70
N ILE B 220 42.78 -19.71 15.36
CA ILE B 220 41.71 -19.55 16.33
C ILE B 220 40.66 -20.66 16.18
N LEU B 221 40.37 -21.35 17.28
CA LEU B 221 39.32 -22.37 17.31
C LEU B 221 38.26 -21.99 18.35
N ASP B 222 37.00 -22.29 18.03
CA ASP B 222 35.86 -22.05 18.91
C ASP B 222 35.70 -23.25 19.85
N SER B 223 35.74 -23.01 21.16
CA SER B 223 35.64 -24.14 22.11
C SER B 223 34.26 -24.77 22.16
N LEU B 224 33.24 -24.11 21.61
CA LEU B 224 31.90 -24.73 21.51
C LEU B 224 31.81 -25.74 20.38
N ALA B 225 32.77 -25.71 19.46
CA ALA B 225 32.75 -26.62 18.33
C ALA B 225 33.07 -28.05 18.74
N GLY B 226 32.39 -29.01 18.12
CA GLY B 226 32.63 -30.42 18.41
C GLY B 226 33.78 -30.95 17.59
N SER B 227 33.60 -32.14 17.03
CA SER B 227 34.65 -32.82 16.27
C SER B 227 35.22 -32.03 15.09
N ASP B 228 34.48 -31.07 14.57
CA ASP B 228 34.98 -30.31 13.42
C ASP B 228 36.17 -29.42 13.77
N ALA B 229 36.30 -29.07 15.04
CA ALA B 229 37.44 -28.23 15.45
C ALA B 229 38.78 -28.94 15.18
N LEU B 230 38.83 -30.23 15.46
CA LEU B 230 40.02 -31.02 15.17
C LEU B 230 40.24 -31.10 13.65
N GLU B 231 39.15 -31.24 12.91
CA GLU B 231 39.25 -31.27 11.45
C GLU B 231 39.78 -29.94 10.89
N GLN B 232 39.28 -28.82 11.42
CA GLN B 232 39.83 -27.50 11.09
C GLN B 232 41.33 -27.42 11.37
N ALA B 233 41.72 -27.84 12.56
CA ALA B 233 43.12 -27.83 12.96
C ALA B 233 44.02 -28.68 12.06
N ARG B 234 43.53 -29.87 11.66
CA ARG B 234 44.31 -30.78 10.81
C ARG B 234 44.53 -30.20 9.41
N HIS B 235 43.43 -29.74 8.81
CA HIS B 235 43.45 -29.18 7.47
C HIS B 235 44.34 -27.95 7.40
N PHE B 236 44.16 -27.03 8.34
CA PHE B 236 44.94 -25.79 8.36
C PHE B 236 46.43 -26.09 8.59
N GLU B 237 46.72 -27.09 9.41
CA GLU B 237 48.12 -27.45 9.62
C GLU B 237 48.74 -27.97 8.33
N ASN B 238 47.99 -28.78 7.59
CA ASN B 238 48.47 -29.34 6.33
C ASN B 238 48.56 -28.33 5.18
N ASN B 239 47.59 -27.42 5.09
CA ASN B 239 47.54 -26.48 3.97
C ASN B 239 48.30 -25.17 4.22
N VAL B 240 48.44 -24.81 5.49
CA VAL B 240 48.95 -23.50 5.86
C VAL B 240 50.11 -23.62 6.86
N GLY B 241 49.87 -24.33 7.96
CA GLY B 241 50.84 -24.43 9.05
C GLY B 241 50.65 -23.30 10.07
N TYR B 242 50.73 -23.63 11.35
CA TYR B 242 50.63 -22.61 12.40
C TYR B 242 51.45 -23.07 13.61
N ASP B 243 51.65 -22.16 14.56
CA ASP B 243 52.52 -22.44 15.71
C ASP B 243 51.75 -22.80 16.98
N ALA B 244 50.59 -22.17 17.14
CA ALA B 244 49.78 -22.37 18.35
C ALA B 244 48.30 -22.04 18.12
N VAL B 245 47.48 -22.35 19.12
CA VAL B 245 46.05 -22.14 19.00
C VAL B 245 45.59 -21.28 20.16
N ILE B 246 44.62 -20.41 19.90
CA ILE B 246 43.85 -19.79 20.96
C ILE B 246 42.40 -20.31 20.86
N LEU B 247 41.87 -20.80 21.99
CA LEU B 247 40.50 -21.31 22.05
C LEU B 247 39.60 -20.24 22.63
N THR B 248 38.48 -19.95 21.95
CA THR B 248 37.58 -18.89 22.40
C THR B 248 36.28 -19.41 23.02
N LYS B 249 35.55 -18.51 23.69
CA LYS B 249 34.20 -18.77 24.15
C LYS B 249 34.13 -19.88 25.18
N VAL B 250 35.21 -20.04 25.93
CA VAL B 250 35.29 -21.07 26.96
C VAL B 250 34.29 -20.73 28.07
N ASP B 251 33.91 -19.45 28.15
CA ASP B 251 32.92 -19.03 29.15
C ASP B 251 31.50 -19.54 28.86
N ALA B 252 31.28 -20.13 27.69
CA ALA B 252 29.99 -20.78 27.39
C ALA B 252 29.86 -22.18 28.02
N ASP B 253 30.45 -22.39 29.19
CA ASP B 253 30.41 -23.67 29.89
C ASP B 253 31.00 -24.79 29.02
N ALA B 254 31.90 -24.42 28.14
CA ALA B 254 32.57 -25.36 27.23
C ALA B 254 33.81 -25.94 27.91
N LYS B 255 33.95 -27.26 27.87
CA LYS B 255 35.09 -27.90 28.50
C LYS B 255 36.41 -27.69 27.74
N GLY B 256 36.32 -27.61 26.42
CA GLY B 256 37.49 -27.38 25.59
C GLY B 256 38.36 -28.61 25.32
N GLY B 257 37.72 -29.77 25.16
CA GLY B 257 38.45 -31.02 24.99
C GLY B 257 39.32 -31.03 23.74
N ILE B 258 39.02 -30.13 22.80
CA ILE B 258 39.89 -29.88 21.63
C ILE B 258 41.36 -29.68 22.02
N ALA B 259 41.59 -29.05 23.16
CA ALA B 259 42.96 -28.87 23.69
C ALA B 259 43.74 -30.19 23.77
N LEU B 260 43.08 -31.23 24.29
CA LEU B 260 43.70 -32.54 24.40
C LEU B 260 43.93 -33.17 23.03
N SER B 261 42.92 -33.08 22.15
CA SER B 261 43.03 -33.63 20.81
C SER B 261 44.16 -33.00 20.00
N LEU B 262 44.31 -31.69 20.12
CA LEU B 262 45.37 -30.94 19.45
C LEU B 262 46.76 -31.43 19.86
N ALA B 263 46.96 -31.56 21.17
CA ALA B 263 48.23 -32.05 21.68
C ALA B 263 48.45 -33.49 21.28
N TYR B 264 47.43 -34.32 21.47
CA TYR B 264 47.57 -35.75 21.23
C TYR B 264 47.77 -36.09 19.75
N GLU B 265 46.96 -35.50 18.88
CA GLU B 265 47.02 -35.77 17.44
C GLU B 265 48.04 -34.95 16.66
N LEU B 266 48.14 -33.65 16.96
CA LEU B 266 48.86 -32.72 16.09
C LEU B 266 50.11 -32.12 16.75
N LYS B 267 50.34 -32.46 18.01
CA LYS B 267 51.40 -31.85 18.79
C LYS B 267 51.36 -30.33 18.75
N LYS B 268 50.15 -29.77 18.80
CA LYS B 268 49.99 -28.32 18.75
C LYS B 268 49.50 -27.82 20.11
N PRO B 269 50.09 -26.72 20.60
CA PRO B 269 49.68 -26.22 21.90
C PRO B 269 48.58 -25.16 21.83
N VAL B 270 47.75 -25.11 22.87
CA VAL B 270 46.88 -23.98 23.11
C VAL B 270 47.66 -23.03 23.99
N VAL B 271 47.75 -21.75 23.61
CA VAL B 271 48.53 -20.80 24.41
C VAL B 271 47.65 -19.89 25.28
N TYR B 272 46.45 -19.57 24.82
CA TYR B 272 45.54 -18.76 25.62
C TYR B 272 44.12 -19.24 25.44
N MET B 273 43.25 -18.87 26.37
CA MET B 273 41.82 -19.09 26.21
C MET B 273 41.03 -17.81 26.39
N GLY B 274 40.08 -17.57 25.49
CA GLY B 274 39.16 -16.47 25.61
C GLY B 274 37.99 -16.86 26.49
N VAL B 275 37.67 -16.00 27.46
CA VAL B 275 36.61 -16.33 28.40
C VAL B 275 35.60 -15.19 28.54
N GLY B 276 35.36 -14.46 27.45
CA GLY B 276 34.33 -13.43 27.47
C GLY B 276 34.58 -12.44 26.35
N GLN B 277 33.88 -11.31 26.40
CA GLN B 277 33.96 -10.34 25.30
C GLN B 277 34.74 -9.07 25.62
N ASN B 278 35.19 -8.93 26.87
CA ASN B 278 35.98 -7.77 27.29
C ASN B 278 37.47 -8.02 27.07
N TYR B 279 38.26 -6.95 27.05
CA TYR B 279 39.65 -7.06 26.65
C TYR B 279 40.46 -7.93 27.60
N ASP B 280 40.11 -7.88 28.88
CA ASP B 280 40.81 -8.66 29.93
C ASP B 280 40.46 -10.15 29.88
N ASP B 281 39.45 -10.52 29.08
CA ASP B 281 38.94 -11.90 29.11
C ASP B 281 39.80 -12.92 28.35
N LEU B 282 41.05 -13.03 28.76
CA LEU B 282 42.00 -13.89 28.09
C LEU B 282 42.88 -14.48 29.20
N ILE B 283 43.01 -15.80 29.25
CA ILE B 283 43.89 -16.43 30.23
C ILE B 283 44.90 -17.35 29.56
N PRO B 284 46.09 -17.50 30.16
CA PRO B 284 47.03 -18.45 29.56
C PRO B 284 46.52 -19.87 29.78
N PHE B 285 46.95 -20.80 28.94
CA PHE B 285 46.52 -22.20 29.06
C PHE B 285 47.47 -22.93 29.99
N SER B 286 46.91 -23.68 30.92
CA SER B 286 47.71 -24.51 31.81
C SER B 286 47.11 -25.92 31.84
N PRO B 287 47.96 -26.94 31.69
CA PRO B 287 47.51 -28.34 31.75
C PRO B 287 46.69 -28.64 32.99
N ASP B 288 47.18 -28.22 34.15
CA ASP B 288 46.49 -28.45 35.42
C ASP B 288 45.09 -27.86 35.42
N TRP B 289 44.97 -26.65 34.87
CA TRP B 289 43.70 -25.96 34.79
C TRP B 289 42.70 -26.73 33.91
N PHE B 290 43.20 -27.23 32.79
CA PHE B 290 42.40 -28.02 31.84
C PHE B 290 41.88 -29.31 32.46
N VAL B 291 42.77 -30.02 33.15
CA VAL B 291 42.43 -31.29 33.77
C VAL B 291 41.39 -31.11 34.87
N GLU B 292 41.52 -30.01 35.63
CA GLU B 292 40.54 -29.72 36.67
C GLU B 292 39.18 -29.40 36.07
N ARG B 293 39.17 -28.63 34.98
CA ARG B 293 37.91 -28.25 34.32
C ARG B 293 37.14 -29.50 33.90
N ILE B 294 37.83 -30.38 33.19
CA ILE B 294 37.24 -31.61 32.68
C ILE B 294 36.77 -32.57 33.77
N PHE B 295 37.62 -32.83 34.75
CA PHE B 295 37.29 -33.82 35.78
C PHE B 295 36.69 -33.22 37.05
N SER B 296 36.32 -31.95 37.00
CA SER B 296 35.64 -31.30 38.12
C SER B 296 34.71 -30.20 37.61
N SER C 22 -24.99 -75.32 4.03
CA SER C 22 -24.13 -74.92 2.92
C SER C 22 -24.43 -75.73 1.66
N THR C 23 -25.68 -75.68 1.22
CA THR C 23 -26.11 -76.39 0.02
C THR C 23 -25.76 -75.56 -1.22
N PRO C 24 -25.64 -76.21 -2.40
CA PRO C 24 -25.33 -75.52 -3.65
C PRO C 24 -26.21 -74.29 -3.92
N TYR C 25 -27.48 -74.36 -3.55
CA TYR C 25 -28.39 -73.23 -3.73
C TYR C 25 -28.15 -72.15 -2.69
N GLU C 26 -28.03 -72.56 -1.43
CA GLU C 26 -27.80 -71.61 -0.34
C GLU C 26 -26.45 -70.91 -0.50
N LYS C 27 -25.47 -71.63 -1.04
CA LYS C 27 -24.17 -71.03 -1.35
C LYS C 27 -24.30 -69.98 -2.45
N ALA C 28 -25.05 -70.33 -3.50
CA ALA C 28 -25.23 -69.44 -4.64
C ALA C 28 -25.97 -68.15 -4.26
N VAL C 29 -26.80 -68.22 -3.23
CA VAL C 29 -27.50 -67.03 -2.74
C VAL C 29 -26.51 -66.10 -2.05
N ASP C 30 -25.67 -66.67 -1.18
CA ASP C 30 -24.67 -65.90 -0.45
C ASP C 30 -23.70 -65.20 -1.40
N GLU C 31 -23.25 -65.94 -2.41
CA GLU C 31 -22.31 -65.40 -3.39
C GLU C 31 -22.93 -64.28 -4.23
N PHE C 32 -24.19 -64.45 -4.61
CA PHE C 32 -24.89 -63.46 -5.42
C PHE C 32 -25.15 -62.16 -4.64
N ILE C 33 -25.58 -62.31 -3.39
CA ILE C 33 -25.88 -61.17 -2.55
C ILE C 33 -24.61 -60.36 -2.25
N LYS C 34 -23.48 -61.06 -2.15
CA LYS C 34 -22.20 -60.37 -1.95
C LYS C 34 -21.87 -59.46 -3.13
N ASP C 35 -22.09 -59.95 -4.35
CA ASP C 35 -21.86 -59.15 -5.54
C ASP C 35 -22.88 -58.03 -5.67
N LEU C 36 -24.08 -58.28 -5.16
CA LEU C 36 -25.15 -57.28 -5.20
C LEU C 36 -24.83 -56.14 -4.23
N GLN C 37 -24.39 -56.50 -3.03
CA GLN C 37 -24.00 -55.51 -2.02
C GLN C 37 -22.86 -54.63 -2.51
N LYS C 38 -21.89 -55.25 -3.18
CA LYS C 38 -20.78 -54.51 -3.77
C LYS C 38 -21.29 -53.59 -4.87
N SER C 39 -22.14 -54.13 -5.74
CA SER C 39 -22.67 -53.39 -6.88
C SER C 39 -23.45 -52.15 -6.45
N LEU C 40 -24.24 -52.28 -5.40
CA LEU C 40 -25.05 -51.15 -4.92
C LEU C 40 -24.22 -50.10 -4.17
N ILE C 41 -23.30 -50.55 -3.34
CA ILE C 41 -22.42 -49.64 -2.60
C ILE C 41 -21.59 -48.77 -3.55
N SER C 42 -21.09 -49.38 -4.62
CA SER C 42 -20.29 -48.65 -5.61
C SER C 42 -21.12 -47.63 -6.39
N SER C 43 -22.43 -47.85 -6.46
CA SER C 43 -23.35 -46.92 -7.10
C SER C 43 -23.85 -45.87 -6.10
N ASP C 44 -23.24 -45.86 -4.92
CA ASP C 44 -23.50 -44.85 -3.89
C ASP C 44 -24.84 -44.96 -3.18
N VAL C 45 -25.48 -46.13 -3.24
CA VAL C 45 -26.65 -46.36 -2.39
C VAL C 45 -26.14 -46.39 -0.96
N ASN C 46 -26.90 -45.80 -0.04
CA ASN C 46 -26.56 -45.78 1.38
C ASN C 46 -26.17 -47.17 1.89
N VAL C 47 -25.01 -47.26 2.56
CA VAL C 47 -24.42 -48.54 2.98
C VAL C 47 -25.35 -49.41 3.84
N LYS C 48 -25.86 -48.85 4.92
CA LYS C 48 -26.77 -49.60 5.78
C LYS C 48 -28.04 -49.99 5.04
N LEU C 49 -28.53 -49.12 4.17
CA LEU C 49 -29.70 -49.41 3.34
C LEU C 49 -29.43 -50.61 2.44
N VAL C 50 -28.24 -50.66 1.84
CA VAL C 50 -27.84 -51.76 0.97
C VAL C 50 -27.95 -53.10 1.69
N PHE C 51 -27.40 -53.17 2.90
CA PHE C 51 -27.46 -54.38 3.70
C PHE C 51 -28.90 -54.77 4.04
N SER C 52 -29.64 -53.82 4.57
CA SER C 52 -31.05 -54.02 4.90
C SER C 52 -31.87 -54.46 3.68
N LEU C 53 -31.53 -53.94 2.52
CA LEU C 53 -32.26 -54.24 1.29
C LEU C 53 -31.89 -55.60 0.72
N THR C 54 -30.62 -55.97 0.78
CA THR C 54 -30.16 -57.22 0.22
C THR C 54 -30.45 -58.39 1.16
N ALA C 55 -30.62 -58.07 2.45
CA ALA C 55 -31.06 -59.06 3.42
C ALA C 55 -32.52 -59.40 3.16
N LYS C 56 -33.30 -58.41 2.74
CA LYS C 56 -34.69 -58.63 2.39
C LYS C 56 -34.78 -59.50 1.14
N ILE C 57 -34.03 -59.11 0.11
CA ILE C 57 -33.92 -59.91 -1.10
C ILE C 57 -33.48 -61.35 -0.80
N LYS C 58 -32.48 -61.49 0.07
CA LYS C 58 -31.88 -62.78 0.38
C LYS C 58 -32.87 -63.77 0.99
N GLU C 59 -33.62 -63.32 2.00
CA GLU C 59 -34.60 -64.17 2.65
C GLU C 59 -35.69 -64.58 1.67
N ARG C 60 -36.06 -63.63 0.81
CA ARG C 60 -37.06 -63.86 -0.22
C ARG C 60 -36.57 -64.89 -1.24
N LEU C 61 -35.26 -64.89 -1.48
CA LEU C 61 -34.67 -65.83 -2.43
C LEU C 61 -34.63 -67.25 -1.88
N ASN C 62 -34.49 -67.37 -0.56
CA ASN C 62 -34.39 -68.66 0.09
C ASN C 62 -35.74 -69.25 0.49
N LYS C 63 -36.62 -68.42 1.04
CA LYS C 63 -37.91 -68.87 1.52
C LYS C 63 -38.80 -69.42 0.40
N GLU C 64 -39.03 -68.61 -0.63
CA GLU C 64 -39.89 -69.04 -1.73
C GLU C 64 -39.15 -69.14 -3.06
N LYS C 65 -38.61 -70.32 -3.33
CA LYS C 65 -37.90 -70.58 -4.58
C LYS C 65 -38.88 -70.72 -5.74
N LYS C 73 -30.19 -68.05 -11.51
CA LYS C 73 -29.55 -66.74 -11.38
C LYS C 73 -30.36 -65.65 -12.07
N GLU C 74 -31.01 -66.01 -13.17
CA GLU C 74 -31.86 -65.08 -13.90
C GLU C 74 -33.07 -64.72 -13.04
N TRP C 75 -33.49 -65.67 -12.21
CA TRP C 75 -34.61 -65.44 -11.31
C TRP C 75 -34.19 -64.55 -10.14
N PHE C 76 -32.93 -64.68 -9.72
CA PHE C 76 -32.38 -63.85 -8.66
C PHE C 76 -32.47 -62.37 -9.01
N ILE C 77 -32.09 -62.04 -10.24
CA ILE C 77 -32.08 -60.66 -10.72
C ILE C 77 -33.49 -60.07 -10.80
N SER C 78 -34.43 -60.86 -11.33
CA SER C 78 -35.80 -60.41 -11.50
C SER C 78 -36.44 -60.06 -10.15
N ILE C 79 -35.98 -60.72 -9.09
CA ILE C 79 -36.46 -60.46 -7.74
C ILE C 79 -35.85 -59.16 -7.19
N VAL C 80 -34.59 -58.90 -7.53
CA VAL C 80 -33.93 -57.65 -7.16
C VAL C 80 -34.66 -56.47 -7.80
N TYR C 81 -34.99 -56.62 -9.08
CA TYR C 81 -35.73 -55.58 -9.80
C TYR C 81 -37.10 -55.33 -9.18
N ASP C 82 -37.69 -56.39 -8.63
CA ASP C 82 -39.01 -56.31 -8.01
C ASP C 82 -38.99 -55.53 -6.70
N GLU C 83 -38.08 -55.92 -5.80
CA GLU C 83 -37.91 -55.22 -4.53
C GLU C 83 -37.57 -53.75 -4.75
N LEU C 84 -36.68 -53.49 -5.72
CA LEU C 84 -36.25 -52.14 -6.01
C LEU C 84 -37.37 -51.27 -6.58
N SER C 85 -38.18 -51.85 -7.46
CA SER C 85 -39.28 -51.11 -8.09
C SER C 85 -40.31 -50.62 -7.07
N LYS C 86 -40.43 -51.35 -5.97
CA LYS C 86 -41.38 -51.01 -4.92
C LYS C 86 -41.03 -49.67 -4.27
N LEU C 87 -39.74 -49.36 -4.22
CA LEU C 87 -39.29 -48.12 -3.60
C LEU C 87 -39.70 -46.90 -4.42
N PHE C 88 -39.92 -47.09 -5.72
CA PHE C 88 -40.26 -45.97 -6.61
C PHE C 88 -41.76 -45.95 -6.93
N GLY C 89 -42.51 -46.80 -6.25
CA GLY C 89 -43.96 -46.84 -6.43
C GLY C 89 -44.38 -47.41 -7.77
N GLY C 90 -43.57 -48.32 -8.31
CA GLY C 90 -43.88 -48.95 -9.58
C GLY C 90 -43.11 -48.38 -10.74
N ASP C 91 -43.05 -49.14 -11.84
CA ASP C 91 -42.31 -48.75 -13.03
C ASP C 91 -43.08 -47.77 -13.93
N LYS C 92 -44.36 -47.57 -13.62
CA LYS C 92 -45.19 -46.65 -14.41
C LYS C 92 -44.64 -45.24 -14.31
N GLU C 93 -44.59 -44.56 -15.46
CA GLU C 93 -44.16 -43.18 -15.51
C GLU C 93 -45.10 -42.31 -14.65
N PRO C 94 -44.52 -41.56 -13.70
CA PRO C 94 -45.31 -40.69 -12.82
C PRO C 94 -46.04 -39.60 -13.61
N ASN C 95 -47.24 -39.26 -13.17
CA ASN C 95 -47.95 -38.09 -13.69
C ASN C 95 -47.22 -36.85 -13.20
N VAL C 96 -46.83 -35.97 -14.11
CA VAL C 96 -46.10 -34.79 -13.69
C VAL C 96 -46.90 -33.50 -13.89
N ASN C 97 -48.17 -33.64 -14.25
CA ASN C 97 -49.04 -32.48 -14.37
C ASN C 97 -49.47 -31.98 -12.99
N PRO C 98 -49.77 -30.68 -12.87
CA PRO C 98 -50.26 -30.15 -11.59
C PRO C 98 -51.55 -30.82 -11.16
N THR C 99 -51.66 -31.12 -9.87
CA THR C 99 -52.83 -31.80 -9.33
C THR C 99 -53.85 -30.81 -8.78
N LYS C 100 -53.54 -29.52 -8.92
CA LYS C 100 -54.39 -28.45 -8.43
C LYS C 100 -53.96 -27.16 -9.12
N LEU C 101 -54.88 -26.22 -9.27
CA LEU C 101 -54.56 -24.95 -9.90
C LEU C 101 -55.10 -23.80 -9.05
N PRO C 102 -54.29 -22.79 -8.75
CA PRO C 102 -52.86 -22.65 -9.09
C PRO C 102 -51.98 -23.65 -8.33
N PHE C 103 -50.81 -23.96 -8.88
CA PHE C 103 -49.94 -24.99 -8.33
C PHE C 103 -48.59 -24.39 -7.95
N ILE C 104 -48.31 -24.35 -6.66
CA ILE C 104 -47.09 -23.73 -6.15
C ILE C 104 -46.03 -24.79 -5.84
N ILE C 105 -44.91 -24.67 -6.54
CA ILE C 105 -43.79 -25.58 -6.39
C ILE C 105 -42.67 -24.83 -5.69
N MET C 106 -42.06 -25.48 -4.71
CA MET C 106 -40.91 -24.92 -4.00
C MET C 106 -39.74 -25.85 -4.23
N LEU C 107 -38.67 -25.33 -4.82
CA LEU C 107 -37.49 -26.15 -5.07
C LEU C 107 -36.48 -25.95 -3.94
N VAL C 108 -35.97 -27.06 -3.40
CA VAL C 108 -35.01 -27.03 -2.30
C VAL C 108 -33.85 -27.97 -2.62
N GLY C 109 -32.71 -27.78 -1.94
CA GLY C 109 -31.59 -28.67 -2.11
C GLY C 109 -30.24 -28.09 -1.74
N VAL C 110 -29.23 -28.96 -1.74
CA VAL C 110 -27.85 -28.60 -1.41
C VAL C 110 -27.29 -27.56 -2.39
N GLN C 111 -26.36 -26.75 -1.91
CA GLN C 111 -25.65 -25.81 -2.78
C GLN C 111 -25.15 -26.46 -4.09
N GLY C 112 -25.49 -25.82 -5.21
CA GLY C 112 -25.03 -26.26 -6.52
C GLY C 112 -25.71 -27.48 -7.12
N SER C 113 -26.75 -27.99 -6.45
CA SER C 113 -27.45 -29.21 -6.89
C SER C 113 -28.10 -29.05 -8.25
N GLY C 114 -28.53 -27.83 -8.56
CA GLY C 114 -29.13 -27.53 -9.85
C GLY C 114 -30.49 -26.88 -9.79
N LYS C 115 -30.81 -26.23 -8.66
CA LYS C 115 -32.16 -25.71 -8.42
C LYS C 115 -32.60 -24.63 -9.42
N THR C 116 -31.74 -23.63 -9.61
CA THR C 116 -32.11 -22.47 -10.42
C THR C 116 -32.33 -22.85 -11.87
N THR C 117 -31.38 -23.60 -12.41
CA THR C 117 -31.48 -24.09 -13.77
C THR C 117 -32.71 -25.01 -13.92
N THR C 118 -32.98 -25.81 -12.90
CA THR C 118 -34.12 -26.72 -12.95
C THR C 118 -35.44 -25.95 -12.90
N ALA C 119 -35.47 -24.86 -12.14
CA ALA C 119 -36.66 -23.99 -12.15
C ALA C 119 -36.96 -23.52 -13.57
N GLY C 120 -35.92 -23.09 -14.29
CA GLY C 120 -36.05 -22.74 -15.70
C GLY C 120 -36.56 -23.89 -16.55
N LYS C 121 -35.98 -25.07 -16.36
CA LYS C 121 -36.37 -26.26 -17.14
C LYS C 121 -37.84 -26.62 -16.91
N LEU C 122 -38.29 -26.47 -15.66
CA LEU C 122 -39.66 -26.82 -15.31
C LEU C 122 -40.60 -25.82 -15.95
N ALA C 123 -40.20 -24.55 -15.91
CA ALA C 123 -40.98 -23.47 -16.49
C ALA C 123 -41.16 -23.72 -17.98
N TYR C 124 -40.06 -24.06 -18.67
CA TYR C 124 -40.13 -24.41 -20.10
C TYR C 124 -41.04 -25.62 -20.36
N PHE C 125 -40.89 -26.66 -19.54
CA PHE C 125 -41.67 -27.89 -19.67
C PHE C 125 -43.17 -27.63 -19.58
N TYR C 126 -43.59 -26.88 -18.58
CA TYR C 126 -45.00 -26.61 -18.38
C TYR C 126 -45.56 -25.60 -19.39
N LYS C 127 -44.76 -24.62 -19.79
CA LYS C 127 -45.19 -23.65 -20.81
C LYS C 127 -45.43 -24.40 -22.11
N LYS C 128 -44.58 -25.38 -22.38
CA LYS C 128 -44.71 -26.21 -23.57
C LYS C 128 -46.03 -26.99 -23.55
N ARG C 129 -46.53 -27.31 -22.36
CA ARG C 129 -47.80 -28.04 -22.26
C ARG C 129 -49.05 -27.11 -22.21
N GLY C 130 -48.84 -25.81 -22.40
CA GLY C 130 -49.95 -24.88 -22.47
C GLY C 130 -50.33 -24.17 -21.18
N TYR C 131 -49.54 -24.36 -20.11
CA TYR C 131 -49.79 -23.69 -18.84
C TYR C 131 -49.21 -22.27 -18.79
N LYS C 132 -49.83 -21.39 -18.01
CA LYS C 132 -49.25 -20.06 -17.77
C LYS C 132 -48.41 -20.12 -16.51
N VAL C 133 -47.12 -19.81 -16.65
CA VAL C 133 -46.16 -20.06 -15.59
C VAL C 133 -45.52 -18.75 -15.10
N GLY C 134 -45.25 -18.70 -13.80
CA GLY C 134 -44.46 -17.60 -13.23
C GLY C 134 -43.30 -18.18 -12.43
N LEU C 135 -42.15 -17.50 -12.49
CA LEU C 135 -40.96 -17.89 -11.73
C LEU C 135 -40.69 -16.89 -10.61
N VAL C 136 -40.34 -17.38 -9.42
CA VAL C 136 -40.13 -16.50 -8.27
C VAL C 136 -38.70 -16.68 -7.72
N ALA C 137 -37.92 -15.59 -7.73
CA ALA C 137 -36.52 -15.65 -7.29
C ALA C 137 -36.43 -15.37 -5.79
N ALA C 138 -36.46 -16.41 -4.97
CA ALA C 138 -36.48 -16.22 -3.53
C ALA C 138 -35.16 -16.61 -2.84
N ASP C 139 -34.07 -16.52 -3.58
CA ASP C 139 -32.72 -16.72 -3.06
C ASP C 139 -32.07 -15.34 -2.96
N VAL C 140 -31.79 -14.88 -1.74
CA VAL C 140 -31.21 -13.58 -1.51
C VAL C 140 -29.74 -13.70 -1.08
N TYR C 141 -29.20 -14.91 -1.07
CA TYR C 141 -27.86 -15.15 -0.56
CA TYR C 141 -27.84 -15.12 -0.56
C TYR C 141 -26.80 -15.27 -1.67
N ARG C 142 -27.08 -16.09 -2.66
CA ARG C 142 -26.11 -16.31 -3.73
C ARG C 142 -25.92 -15.07 -4.62
N PRO C 143 -24.66 -14.65 -4.85
CA PRO C 143 -24.46 -13.51 -5.75
C PRO C 143 -25.06 -13.73 -7.14
N ALA C 144 -25.81 -12.74 -7.61
CA ALA C 144 -26.48 -12.80 -8.91
C ALA C 144 -27.49 -13.95 -9.06
N ALA C 145 -28.04 -14.43 -7.95
CA ALA C 145 -29.11 -15.43 -7.97
C ALA C 145 -30.32 -14.92 -8.76
N TYR C 146 -30.68 -13.67 -8.51
CA TYR C 146 -31.77 -13.04 -9.25
C TYR C 146 -31.47 -12.90 -10.74
N ASP C 147 -30.29 -12.34 -11.08
CA ASP C 147 -29.90 -12.22 -12.48
C ASP C 147 -29.94 -13.57 -13.17
N GLN C 148 -29.59 -14.64 -12.45
CA GLN C 148 -29.53 -15.94 -13.08
C GLN C 148 -30.94 -16.39 -13.49
N LEU C 149 -31.88 -16.31 -12.55
CA LEU C 149 -33.23 -16.76 -12.83
C LEU C 149 -33.92 -15.82 -13.85
N LEU C 150 -33.63 -14.53 -13.76
CA LEU C 150 -34.15 -13.55 -14.74
C LEU C 150 -33.75 -13.92 -16.16
N GLN C 151 -32.47 -14.21 -16.38
CA GLN C 151 -31.96 -14.56 -17.70
C GLN C 151 -32.62 -15.82 -18.26
N LEU C 152 -32.79 -16.83 -17.39
CA LEU C 152 -33.51 -18.05 -17.80
C LEU C 152 -34.95 -17.72 -18.18
N GLY C 153 -35.65 -16.97 -17.34
CA GLY C 153 -37.02 -16.56 -17.65
C GLY C 153 -37.12 -15.78 -18.96
N ASN C 154 -36.18 -14.87 -19.17
CA ASN C 154 -36.14 -14.09 -20.39
C ASN C 154 -35.92 -14.95 -21.62
N GLN C 155 -35.12 -15.99 -21.46
CA GLN C 155 -34.79 -16.89 -22.54
C GLN C 155 -36.05 -17.62 -23.06
N ILE C 156 -36.93 -18.04 -22.16
CA ILE C 156 -38.07 -18.87 -22.53
C ILE C 156 -39.41 -18.15 -22.57
N GLY C 157 -39.40 -16.85 -22.30
CA GLY C 157 -40.62 -16.06 -22.28
C GLY C 157 -41.52 -16.33 -21.08
N VAL C 158 -40.92 -16.42 -19.90
CA VAL C 158 -41.65 -16.65 -18.65
C VAL C 158 -41.31 -15.52 -17.69
N GLN C 159 -42.33 -14.91 -17.11
CA GLN C 159 -42.13 -13.79 -16.20
CA GLN C 159 -42.15 -13.79 -16.19
C GLN C 159 -41.44 -14.25 -14.92
N VAL C 160 -40.51 -13.44 -14.44
CA VAL C 160 -39.76 -13.74 -13.22
C VAL C 160 -40.05 -12.62 -12.22
N TYR C 161 -40.36 -13.00 -10.99
CA TYR C 161 -40.49 -11.99 -9.95
C TYR C 161 -39.33 -12.10 -8.96
N GLY C 162 -38.72 -10.97 -8.63
CA GLY C 162 -37.64 -10.93 -7.63
C GLY C 162 -37.46 -9.53 -7.07
N GLU C 163 -36.74 -9.43 -5.97
CA GLU C 163 -36.38 -8.16 -5.36
C GLU C 163 -34.93 -8.24 -4.90
N PRO C 164 -33.98 -8.02 -5.83
CA PRO C 164 -32.55 -8.12 -5.54
C PRO C 164 -32.08 -7.30 -4.33
N ASN C 165 -32.71 -6.15 -4.08
CA ASN C 165 -32.35 -5.30 -2.95
C ASN C 165 -33.03 -5.65 -1.60
N ASN C 166 -33.74 -6.78 -1.57
CA ASN C 166 -34.46 -7.22 -0.39
C ASN C 166 -33.74 -8.44 0.20
N GLN C 167 -33.56 -8.45 1.52
CA GLN C 167 -32.81 -9.53 2.17
C GLN C 167 -33.69 -10.52 2.92
N ASN C 168 -35.01 -10.43 2.72
CA ASN C 168 -35.95 -11.34 3.34
C ASN C 168 -36.57 -12.24 2.29
N PRO C 169 -36.09 -13.49 2.19
CA PRO C 169 -36.49 -14.40 1.10
C PRO C 169 -37.95 -14.82 1.19
N ILE C 170 -38.48 -14.91 2.40
CA ILE C 170 -39.88 -15.28 2.59
C ILE C 170 -40.80 -14.16 2.11
N GLU C 171 -40.42 -12.91 2.39
CA GLU C 171 -41.20 -11.76 1.94
C GLU C 171 -41.28 -11.76 0.42
N ILE C 172 -40.15 -12.00 -0.22
CA ILE C 172 -40.09 -12.05 -1.67
C ILE C 172 -40.95 -13.19 -2.21
N ALA C 173 -40.78 -14.38 -1.64
CA ALA C 173 -41.55 -15.55 -2.04
C ALA C 173 -43.04 -15.25 -1.97
N LYS C 174 -43.48 -14.69 -0.85
CA LYS C 174 -44.90 -14.47 -0.62
C LYS C 174 -45.46 -13.41 -1.57
N LYS C 175 -44.70 -12.34 -1.76
CA LYS C 175 -45.13 -11.30 -2.70
C LYS C 175 -45.17 -11.79 -4.14
N GLY C 176 -44.19 -12.59 -4.54
CA GLY C 176 -44.14 -13.13 -5.89
C GLY C 176 -45.27 -14.13 -6.16
N VAL C 177 -45.51 -15.02 -5.20
CA VAL C 177 -46.61 -15.96 -5.33
C VAL C 177 -47.92 -15.20 -5.45
N ASP C 178 -48.14 -14.26 -4.54
CA ASP C 178 -49.39 -13.50 -4.52
C ASP C 178 -49.65 -12.73 -5.83
N ILE C 179 -48.59 -12.16 -6.41
CA ILE C 179 -48.76 -11.40 -7.66
C ILE C 179 -49.14 -12.34 -8.82
N PHE C 180 -48.51 -13.51 -8.87
CA PHE C 180 -48.75 -14.46 -9.95
C PHE C 180 -50.10 -15.14 -9.80
N VAL C 181 -50.53 -15.36 -8.56
CA VAL C 181 -51.88 -15.88 -8.31
C VAL C 181 -52.93 -14.86 -8.77
N LYS C 182 -52.71 -13.60 -8.43
CA LYS C 182 -53.67 -12.56 -8.84
C LYS C 182 -53.71 -12.39 -10.36
N ASN C 183 -52.61 -12.74 -11.01
CA ASN C 183 -52.51 -12.65 -12.47
C ASN C 183 -52.89 -13.96 -13.18
N LYS C 184 -53.50 -14.88 -12.41
CA LYS C 184 -54.03 -16.14 -12.93
C LYS C 184 -52.98 -17.12 -13.48
N MET C 185 -51.77 -17.12 -12.93
CA MET C 185 -50.80 -18.14 -13.30
C MET C 185 -51.32 -19.52 -12.94
N ASP C 186 -50.98 -20.51 -13.77
CA ASP C 186 -51.35 -21.91 -13.49
C ASP C 186 -50.35 -22.53 -12.54
N ILE C 187 -49.08 -22.27 -12.80
CA ILE C 187 -48.00 -22.93 -12.08
C ILE C 187 -46.99 -21.87 -11.68
N ILE C 188 -46.62 -21.88 -10.39
CA ILE C 188 -45.68 -20.90 -9.87
C ILE C 188 -44.53 -21.65 -9.21
N ILE C 189 -43.31 -21.35 -9.66
CA ILE C 189 -42.14 -22.10 -9.25
C ILE C 189 -41.24 -21.20 -8.43
N VAL C 190 -40.93 -21.61 -7.20
CA VAL C 190 -40.17 -20.78 -6.28
C VAL C 190 -38.77 -21.33 -6.09
N ASP C 191 -37.77 -20.54 -6.46
CA ASP C 191 -36.38 -20.95 -6.37
C ASP C 191 -35.83 -20.45 -5.02
N THR C 192 -35.03 -21.27 -4.34
CA THR C 192 -34.56 -20.93 -3.00
C THR C 192 -33.06 -21.13 -2.86
N ALA C 193 -32.45 -20.55 -1.84
CA ALA C 193 -31.00 -20.68 -1.67
C ALA C 193 -30.55 -22.10 -1.39
N GLY C 194 -29.33 -22.45 -1.82
CA GLY C 194 -28.75 -23.74 -1.48
C GLY C 194 -28.48 -23.83 0.02
N ARG C 195 -28.58 -25.04 0.57
CA ARG C 195 -28.27 -25.26 1.97
C ARG C 195 -28.04 -26.74 2.24
N HIS C 196 -27.20 -27.04 3.23
CA HIS C 196 -27.01 -28.42 3.64
C HIS C 196 -27.53 -28.68 5.04
N GLY C 197 -27.74 -27.63 5.82
CA GLY C 197 -28.34 -27.78 7.13
C GLY C 197 -27.51 -28.30 8.30
N TYR C 198 -26.23 -28.55 8.08
CA TYR C 198 -25.34 -28.99 9.17
C TYR C 198 -24.59 -27.83 9.79
N GLY C 199 -24.09 -28.02 11.01
CA GLY C 199 -23.30 -27.00 11.67
C GLY C 199 -24.07 -25.70 11.83
N GLU C 200 -23.45 -24.60 11.39
CA GLU C 200 -24.12 -23.30 11.44
C GLU C 200 -25.30 -23.20 10.49
N GLU C 201 -25.41 -24.14 9.56
CA GLU C 201 -26.52 -24.11 8.60
C GLU C 201 -27.77 -24.78 9.13
N THR C 202 -27.75 -25.18 10.40
CA THR C 202 -28.94 -25.64 11.08
C THR C 202 -30.02 -24.56 10.93
N LYS C 203 -29.60 -23.31 11.10
CA LYS C 203 -30.49 -22.16 10.99
C LYS C 203 -31.17 -22.11 9.63
N LEU C 204 -30.48 -22.60 8.59
CA LEU C 204 -31.04 -22.57 7.23
C LEU C 204 -32.16 -23.58 7.04
N LEU C 205 -32.09 -24.72 7.73
CA LEU C 205 -33.19 -25.67 7.73
C LEU C 205 -34.42 -25.03 8.37
N GLU C 206 -34.20 -24.30 9.46
CA GLU C 206 -35.29 -23.60 10.13
C GLU C 206 -35.91 -22.54 9.21
N GLU C 207 -35.07 -21.79 8.49
CA GLU C 207 -35.58 -20.80 7.54
C GLU C 207 -36.41 -21.45 6.43
N MET C 208 -35.99 -22.64 6.02
CA MET C 208 -36.72 -23.41 5.01
C MET C 208 -38.08 -23.87 5.51
N LYS C 209 -38.13 -24.32 6.76
CA LYS C 209 -39.39 -24.72 7.37
C LYS C 209 -40.33 -23.53 7.44
N GLU C 210 -39.78 -22.37 7.81
CA GLU C 210 -40.56 -21.16 7.96
C GLU C 210 -41.15 -20.70 6.63
N MET C 211 -40.38 -20.87 5.56
CA MET C 211 -40.89 -20.53 4.23
C MET C 211 -41.97 -21.52 3.82
N TYR C 212 -41.76 -22.79 4.13
CA TYR C 212 -42.75 -23.82 3.86
C TYR C 212 -44.09 -23.48 4.52
N ASP C 213 -44.02 -23.09 5.80
CA ASP C 213 -45.23 -22.82 6.57
C ASP C 213 -45.98 -21.60 6.05
N VAL C 214 -45.24 -20.65 5.48
CA VAL C 214 -45.82 -19.41 4.96
C VAL C 214 -46.43 -19.60 3.57
N LEU C 215 -45.65 -20.17 2.65
CA LEU C 215 -46.14 -20.35 1.29
C LEU C 215 -47.17 -21.45 1.19
N LYS C 216 -47.04 -22.45 2.08
CA LYS C 216 -47.83 -23.68 1.99
C LYS C 216 -47.86 -24.21 0.56
N PRO C 217 -46.69 -24.58 0.01
CA PRO C 217 -46.60 -25.02 -1.38
C PRO C 217 -47.37 -26.32 -1.62
N ASP C 218 -47.71 -26.60 -2.87
CA ASP C 218 -48.41 -27.82 -3.21
C ASP C 218 -47.42 -28.95 -3.44
N ASP C 219 -46.19 -28.58 -3.76
CA ASP C 219 -45.16 -29.56 -4.03
C ASP C 219 -43.79 -29.00 -3.60
N VAL C 220 -43.17 -29.64 -2.63
CA VAL C 220 -41.79 -29.32 -2.30
C VAL C 220 -40.93 -30.33 -3.06
N ILE C 221 -40.03 -29.83 -3.89
CA ILE C 221 -39.19 -30.71 -4.70
C ILE C 221 -37.73 -30.63 -4.27
N LEU C 222 -37.19 -31.76 -3.84
CA LEU C 222 -35.77 -31.87 -3.53
C LEU C 222 -35.01 -32.08 -4.82
N VAL C 223 -34.17 -31.12 -5.16
CA VAL C 223 -33.32 -31.21 -6.33
C VAL C 223 -31.96 -31.77 -5.93
N ILE C 224 -31.64 -32.94 -6.47
CA ILE C 224 -30.48 -33.68 -6.02
C ILE C 224 -29.51 -34.00 -7.16
N ASP C 225 -28.24 -33.69 -6.92
CA ASP C 225 -27.14 -33.98 -7.83
C ASP C 225 -26.94 -35.49 -7.86
N ALA C 226 -26.94 -36.08 -9.05
CA ALA C 226 -26.80 -37.52 -9.22
C ALA C 226 -25.53 -38.10 -8.59
N SER C 227 -24.53 -37.26 -8.40
CA SER C 227 -23.25 -37.74 -7.89
C SER C 227 -23.18 -37.81 -6.37
N ILE C 228 -24.25 -37.40 -5.67
CA ILE C 228 -24.20 -37.30 -4.21
C ILE C 228 -23.84 -38.63 -3.55
N GLY C 229 -22.99 -38.56 -2.51
CA GLY C 229 -22.47 -39.76 -1.88
C GLY C 229 -23.22 -40.25 -0.66
N GLN C 230 -22.47 -40.75 0.32
CA GLN C 230 -23.04 -41.40 1.50
C GLN C 230 -23.83 -40.47 2.43
N LYS C 231 -23.61 -39.17 2.32
CA LYS C 231 -24.37 -38.21 3.10
C LYS C 231 -25.84 -38.08 2.64
N ALA C 232 -26.16 -38.64 1.47
CA ALA C 232 -27.47 -38.42 0.85
C ALA C 232 -28.67 -38.73 1.74
N TYR C 233 -28.64 -39.87 2.42
CA TYR C 233 -29.77 -40.29 3.24
C TYR C 233 -30.04 -39.32 4.37
N ASP C 234 -29.00 -38.99 5.13
CA ASP C 234 -29.16 -38.11 6.28
C ASP C 234 -29.55 -36.71 5.83
N LEU C 235 -28.94 -36.26 4.75
CA LEU C 235 -29.26 -34.95 4.19
C LEU C 235 -30.74 -34.85 3.88
N ALA C 236 -31.23 -35.78 3.06
CA ALA C 236 -32.64 -35.81 2.66
C ALA C 236 -33.53 -35.90 3.88
N SER C 237 -33.12 -36.73 4.83
CA SER C 237 -33.85 -36.93 6.07
C SER C 237 -33.98 -35.63 6.87
N ARG C 238 -32.91 -34.86 6.97
CA ARG C 238 -32.95 -33.60 7.70
C ARG C 238 -33.82 -32.58 6.97
N PHE C 239 -33.71 -32.53 5.65
CA PHE C 239 -34.59 -31.68 4.83
C PHE C 239 -36.06 -32.01 5.07
N HIS C 240 -36.38 -33.29 5.00
CA HIS C 240 -37.74 -33.78 5.16
C HIS C 240 -38.38 -33.37 6.49
N GLN C 241 -37.55 -33.23 7.52
CA GLN C 241 -38.04 -32.82 8.84
C GLN C 241 -38.47 -31.35 8.86
N ALA C 242 -37.78 -30.52 8.09
CA ALA C 242 -38.06 -29.09 8.06
C ALA C 242 -39.25 -28.80 7.16
N SER C 243 -39.21 -29.36 5.95
CA SER C 243 -40.28 -29.22 4.99
C SER C 243 -40.42 -30.54 4.24
N PRO C 244 -41.54 -31.23 4.45
CA PRO C 244 -41.83 -32.52 3.82
C PRO C 244 -41.55 -32.51 2.32
N ILE C 245 -40.68 -33.42 1.89
CA ILE C 245 -40.33 -33.56 0.49
C ILE C 245 -41.38 -34.41 -0.22
N GLY C 246 -42.08 -33.81 -1.18
CA GLY C 246 -43.11 -34.53 -1.92
C GLY C 246 -42.54 -35.17 -3.18
N SER C 247 -41.55 -34.51 -3.78
CA SER C 247 -40.98 -34.90 -5.06
C SER C 247 -39.45 -34.77 -5.11
N VAL C 248 -38.85 -35.45 -6.08
CA VAL C 248 -37.41 -35.40 -6.28
C VAL C 248 -37.13 -35.27 -7.78
N ILE C 249 -36.14 -34.46 -8.11
CA ILE C 249 -35.62 -34.38 -9.46
C ILE C 249 -34.13 -34.69 -9.36
N ILE C 250 -33.65 -35.61 -10.18
CA ILE C 250 -32.22 -35.93 -10.15
C ILE C 250 -31.52 -35.18 -11.29
N THR C 251 -30.57 -34.33 -10.94
CA THR C 251 -29.87 -33.56 -11.97
C THR C 251 -28.60 -34.26 -12.44
N LYS C 252 -28.09 -33.81 -13.58
CA LYS C 252 -26.78 -34.21 -14.06
C LYS C 252 -26.69 -35.72 -14.29
N MET C 253 -27.75 -36.27 -14.87
CA MET C 253 -27.78 -37.70 -15.16
C MET C 253 -27.07 -37.94 -16.48
N ASP C 254 -26.70 -36.86 -17.14
CA ASP C 254 -25.91 -36.95 -18.37
C ASP C 254 -24.43 -37.23 -18.11
N GLY C 255 -24.01 -37.22 -16.84
CA GLY C 255 -22.66 -37.55 -16.47
C GLY C 255 -22.43 -39.04 -16.23
N THR C 256 -21.43 -39.38 -15.45
CA THR C 256 -21.08 -40.78 -15.21
C THR C 256 -21.62 -41.34 -13.90
N ALA C 257 -22.13 -40.46 -13.05
CA ALA C 257 -22.65 -40.89 -11.76
C ALA C 257 -23.81 -41.87 -11.92
N LYS C 258 -23.81 -42.94 -11.13
CA LYS C 258 -24.89 -43.91 -11.15
C LYS C 258 -26.18 -43.31 -10.61
N GLY C 259 -26.10 -42.69 -9.44
CA GLY C 259 -27.24 -41.99 -8.86
C GLY C 259 -27.91 -42.69 -7.71
N GLY C 260 -27.21 -43.62 -7.07
CA GLY C 260 -27.73 -44.35 -5.93
C GLY C 260 -28.12 -43.47 -4.77
N GLY C 261 -27.51 -42.29 -4.68
CA GLY C 261 -27.82 -41.35 -3.62
C GLY C 261 -29.28 -40.90 -3.64
N ALA C 262 -29.84 -40.77 -4.85
CA ALA C 262 -31.25 -40.39 -4.99
C ALA C 262 -32.17 -41.49 -4.47
N LEU C 263 -31.77 -42.73 -4.66
CA LEU C 263 -32.51 -43.84 -4.11
C LEU C 263 -32.54 -43.67 -2.60
N SER C 264 -31.40 -43.34 -2.02
CA SER C 264 -31.31 -43.16 -0.57
C SER C 264 -32.26 -42.06 -0.10
N ALA C 265 -32.33 -40.98 -0.88
CA ALA C 265 -33.20 -39.85 -0.56
C ALA C 265 -34.68 -40.21 -0.62
N VAL C 266 -35.03 -41.07 -1.58
CA VAL C 266 -36.39 -41.59 -1.68
C VAL C 266 -36.79 -42.45 -0.47
N VAL C 267 -35.84 -43.22 0.06
CA VAL C 267 -36.13 -44.08 1.20
C VAL C 267 -36.22 -43.25 2.48
N ALA C 268 -35.40 -42.22 2.57
CA ALA C 268 -35.43 -41.31 3.71
C ALA C 268 -36.69 -40.43 3.77
N THR C 269 -37.28 -40.11 2.63
CA THR C 269 -38.37 -39.14 2.58
C THR C 269 -39.74 -39.71 2.17
N GLY C 270 -39.73 -40.80 1.41
CA GLY C 270 -40.96 -41.38 0.88
C GLY C 270 -41.43 -40.66 -0.38
N ALA C 271 -40.58 -39.77 -0.91
CA ALA C 271 -40.96 -38.95 -2.06
C ALA C 271 -40.88 -39.69 -3.40
N THR C 272 -41.58 -39.13 -4.39
CA THR C 272 -41.58 -39.67 -5.75
C THR C 272 -40.61 -38.91 -6.64
N ILE C 273 -39.78 -39.64 -7.39
CA ILE C 273 -38.92 -39.01 -8.38
C ILE C 273 -39.76 -38.73 -9.63
N LYS C 274 -39.79 -37.47 -10.03
CA LYS C 274 -40.64 -37.02 -11.14
C LYS C 274 -39.87 -36.82 -12.43
N PHE C 275 -38.69 -36.20 -12.33
CA PHE C 275 -37.92 -35.80 -13.51
C PHE C 275 -36.44 -36.12 -13.31
N ILE C 276 -35.72 -36.27 -14.41
CA ILE C 276 -34.25 -36.17 -14.36
C ILE C 276 -33.75 -35.03 -15.25
N GLY C 277 -32.62 -34.44 -14.87
CA GLY C 277 -31.94 -33.45 -15.68
C GLY C 277 -30.88 -34.14 -16.52
N THR C 278 -30.82 -33.80 -17.81
CA THR C 278 -29.92 -34.49 -18.74
C THR C 278 -28.98 -33.52 -19.46
N GLY C 279 -28.72 -32.38 -18.83
CA GLY C 279 -27.81 -31.41 -19.45
C GLY C 279 -28.08 -30.00 -18.99
N GLU C 280 -27.32 -29.05 -19.54
CA GLU C 280 -27.43 -27.65 -19.13
C GLU C 280 -28.46 -26.83 -19.90
N LYS C 281 -28.91 -27.33 -21.04
CA LYS C 281 -29.89 -26.60 -21.84
C LYS C 281 -31.29 -26.64 -21.23
N ILE C 282 -32.10 -25.63 -21.54
CA ILE C 282 -33.37 -25.44 -20.85
C ILE C 282 -34.39 -26.55 -21.14
N ASP C 283 -34.22 -27.25 -22.25
CA ASP C 283 -35.14 -28.33 -22.63
C ASP C 283 -34.61 -29.71 -22.22
N GLU C 284 -33.52 -29.74 -21.47
CA GLU C 284 -32.90 -31.02 -21.11
C GLU C 284 -33.43 -31.58 -19.78
N LEU C 285 -34.73 -31.84 -19.79
CA LEU C 285 -35.46 -32.38 -18.65
C LEU C 285 -36.41 -33.45 -19.16
N GLU C 286 -36.48 -34.57 -18.45
CA GLU C 286 -37.41 -35.62 -18.86
C GLU C 286 -38.00 -36.35 -17.67
N THR C 287 -39.19 -36.92 -17.85
CA THR C 287 -39.86 -37.64 -16.78
C THR C 287 -39.06 -38.89 -16.40
N PHE C 288 -39.17 -39.28 -15.13
CA PHE C 288 -38.41 -40.39 -14.57
C PHE C 288 -38.92 -41.73 -15.08
N ASN C 289 -37.98 -42.67 -15.28
CA ASN C 289 -38.32 -44.05 -15.61
C ASN C 289 -37.67 -45.01 -14.63
N ALA C 290 -38.47 -45.62 -13.76
CA ALA C 290 -37.94 -46.42 -12.66
C ALA C 290 -37.10 -47.62 -13.09
N LYS C 291 -37.55 -48.34 -14.12
CA LYS C 291 -36.83 -49.54 -14.54
C LYS C 291 -35.46 -49.23 -15.15
N ARG C 292 -35.38 -48.15 -15.93
CA ARG C 292 -34.12 -47.71 -16.50
C ARG C 292 -33.17 -47.23 -15.43
N PHE C 293 -33.73 -46.67 -14.36
CA PHE C 293 -32.94 -46.18 -13.24
C PHE C 293 -32.33 -47.35 -12.48
N VAL C 294 -33.14 -48.37 -12.22
CA VAL C 294 -32.68 -49.56 -11.53
C VAL C 294 -31.58 -50.23 -12.35
N SER C 295 -31.73 -50.22 -13.67
CA SER C 295 -30.74 -50.79 -14.56
C SER C 295 -29.41 -50.02 -14.44
N ARG C 296 -29.52 -48.70 -14.32
CA ARG C 296 -28.35 -47.84 -14.20
C ARG C 296 -27.59 -48.17 -12.92
N ILE C 297 -28.32 -48.18 -11.81
CA ILE C 297 -27.78 -48.53 -10.50
C ILE C 297 -27.24 -49.95 -10.49
N LEU C 298 -27.89 -50.82 -11.28
CA LEU C 298 -27.66 -52.27 -11.35
C LEU C 298 -28.45 -53.10 -10.33
N GLU D 20 -2.19 -63.38 12.77
CA GLU D 20 -3.39 -63.81 13.49
C GLU D 20 -4.65 -63.55 12.67
N ASP D 21 -5.66 -64.40 12.84
CA ASP D 21 -6.94 -64.22 12.18
C ASP D 21 -7.92 -63.55 13.13
N ASP D 22 -7.37 -62.75 14.05
CA ASP D 22 -8.18 -61.99 14.98
C ASP D 22 -8.34 -60.57 14.45
N LEU D 23 -8.31 -60.46 13.12
CA LEU D 23 -8.38 -59.16 12.45
C LEU D 23 -9.68 -59.01 11.67
N ASN D 24 -10.33 -60.14 11.38
CA ASN D 24 -11.52 -60.13 10.53
C ASN D 24 -12.66 -59.25 11.03
N ASP D 25 -12.87 -59.24 12.36
CA ASP D 25 -13.92 -58.42 12.95
C ASP D 25 -13.63 -56.92 12.84
N VAL D 26 -12.42 -56.53 13.22
CA VAL D 26 -12.04 -55.12 13.22
C VAL D 26 -11.86 -54.57 11.81
N ILE D 27 -11.35 -55.41 10.90
CA ILE D 27 -11.14 -55.02 9.51
C ILE D 27 -12.47 -54.64 8.85
N GLU D 28 -13.51 -55.43 9.11
CA GLU D 28 -14.82 -55.20 8.51
C GLU D 28 -15.49 -53.95 9.08
N GLU D 29 -15.26 -53.67 10.37
CA GLU D 29 -15.75 -52.45 10.99
C GLU D 29 -15.00 -51.21 10.46
N LEU D 30 -13.75 -51.40 10.06
CA LEU D 30 -12.98 -50.32 9.44
C LEU D 30 -13.41 -50.11 7.99
N ARG D 31 -13.87 -51.18 7.36
CA ARG D 31 -14.35 -51.10 5.98
C ARG D 31 -15.54 -50.14 5.86
N PHE D 32 -16.55 -50.35 6.69
CA PHE D 32 -17.74 -49.52 6.66
C PHE D 32 -17.44 -48.09 7.10
N GLN D 33 -16.46 -47.94 7.98
CA GLN D 33 -16.00 -46.63 8.41
C GLN D 33 -15.46 -45.87 7.20
N LEU D 34 -14.70 -46.59 6.37
CA LEU D 34 -14.12 -46.01 5.17
C LEU D 34 -15.17 -45.75 4.09
N LEU D 35 -16.05 -46.73 3.87
CA LEU D 35 -17.12 -46.59 2.88
C LEU D 35 -18.04 -45.43 3.25
N ASP D 36 -18.36 -45.31 4.53
CA ASP D 36 -19.22 -44.23 5.01
C ASP D 36 -18.56 -42.87 4.83
N SER D 37 -17.24 -42.87 4.64
CA SER D 37 -16.46 -41.65 4.53
C SER D 37 -16.18 -41.30 3.08
N ASP D 38 -16.88 -41.98 2.17
CA ASP D 38 -16.71 -41.77 0.73
C ASP D 38 -15.31 -42.07 0.24
N VAL D 39 -14.65 -43.04 0.86
CA VAL D 39 -13.49 -43.65 0.23
C VAL D 39 -14.08 -44.67 -0.73
N SER D 40 -13.63 -44.63 -1.98
CA SER D 40 -14.14 -45.53 -3.01
C SER D 40 -13.98 -46.99 -2.59
N TYR D 41 -14.90 -47.84 -3.04
CA TYR D 41 -14.93 -49.25 -2.64
C TYR D 41 -13.64 -49.96 -3.01
N GLU D 42 -13.17 -49.73 -4.22
CA GLU D 42 -11.96 -50.37 -4.71
C GLU D 42 -10.73 -49.89 -3.95
N VAL D 43 -10.70 -48.59 -3.63
CA VAL D 43 -9.60 -48.05 -2.85
C VAL D 43 -9.65 -48.60 -1.43
N THR D 44 -10.85 -48.58 -0.84
CA THR D 44 -11.08 -49.13 0.49
C THR D 44 -10.55 -50.56 0.57
N GLU D 45 -10.91 -51.37 -0.42
CA GLU D 45 -10.47 -52.75 -0.51
C GLU D 45 -8.94 -52.88 -0.58
N LYS D 46 -8.32 -52.09 -1.45
CA LYS D 46 -6.87 -52.14 -1.61
C LYS D 46 -6.14 -51.74 -0.33
N ILE D 47 -6.62 -50.66 0.31
CA ILE D 47 -6.01 -50.15 1.53
C ILE D 47 -6.06 -51.17 2.66
N LEU D 48 -7.20 -51.83 2.81
CA LEU D 48 -7.37 -52.82 3.85
C LEU D 48 -6.54 -54.08 3.57
N GLU D 49 -6.31 -54.35 2.29
CA GLU D 49 -5.45 -55.46 1.91
C GLU D 49 -3.99 -55.15 2.29
N ASP D 50 -3.60 -53.91 2.08
CA ASP D 50 -2.28 -53.42 2.49
C ASP D 50 -2.12 -53.56 4.00
N LEU D 51 -3.18 -53.19 4.72
CA LEU D 51 -3.19 -53.25 6.18
C LEU D 51 -3.00 -54.67 6.70
N LYS D 52 -3.78 -55.60 6.16
CA LYS D 52 -3.69 -56.99 6.59
C LYS D 52 -2.32 -57.58 6.31
N ASN D 53 -1.75 -57.21 5.17
CA ASN D 53 -0.42 -57.69 4.79
C ASN D 53 0.67 -57.21 5.74
N ASN D 54 0.45 -56.04 6.35
CA ASN D 54 1.40 -55.49 7.31
C ASN D 54 1.27 -56.07 8.71
N LEU D 55 0.13 -56.71 8.99
CA LEU D 55 -0.14 -57.19 10.34
C LEU D 55 -0.27 -58.71 10.43
N ILE D 56 -0.28 -59.39 9.27
CA ILE D 56 -0.56 -60.82 9.21
C ILE D 56 0.32 -61.68 10.12
N GLY D 57 1.51 -61.19 10.43
CA GLY D 57 2.39 -61.88 11.36
C GLY D 57 2.23 -61.32 12.75
N LYS D 58 3.14 -60.42 13.13
CA LYS D 58 3.05 -59.74 14.41
C LYS D 58 3.02 -58.22 14.21
N GLU D 65 -5.29 -53.59 22.89
CA GLU D 65 -4.86 -54.90 22.40
C GLU D 65 -4.75 -54.91 20.88
N VAL D 66 -5.23 -55.98 20.25
CA VAL D 66 -5.19 -56.12 18.80
C VAL D 66 -5.99 -55.03 18.10
N GLU D 67 -7.20 -54.79 18.58
CA GLU D 67 -8.11 -53.82 17.99
C GLU D 67 -7.44 -52.44 17.90
N GLU D 68 -6.74 -52.07 18.97
CA GLU D 68 -6.08 -50.76 19.03
C GLU D 68 -4.90 -50.68 18.07
N ILE D 69 -4.16 -51.78 17.94
CA ILE D 69 -3.00 -51.80 17.05
C ILE D 69 -3.43 -51.75 15.58
N VAL D 70 -4.50 -52.45 15.23
CA VAL D 70 -4.99 -52.48 13.86
C VAL D 70 -5.41 -51.08 13.40
N ILE D 71 -6.21 -50.41 14.22
CA ILE D 71 -6.67 -49.05 13.95
C ILE D 71 -5.51 -48.07 13.85
N ASN D 72 -4.56 -48.18 14.77
CA ASN D 72 -3.44 -47.26 14.82
C ASN D 72 -2.47 -47.42 13.65
N THR D 73 -2.27 -48.67 13.22
CA THR D 73 -1.46 -48.94 12.03
C THR D 73 -2.13 -48.37 10.77
N LEU D 74 -3.45 -48.51 10.69
CA LEU D 74 -4.18 -47.99 9.53
C LEU D 74 -4.18 -46.46 9.51
N LYS D 75 -4.42 -45.84 10.66
CA LYS D 75 -4.31 -44.39 10.78
C LYS D 75 -2.92 -43.93 10.37
N LYS D 76 -1.90 -44.63 10.86
CA LYS D 76 -0.51 -44.31 10.53
C LYS D 76 -0.23 -44.41 9.03
N SER D 77 -0.72 -45.47 8.40
CA SER D 77 -0.51 -45.67 6.97
C SER D 77 -1.16 -44.58 6.12
N ILE D 78 -2.40 -44.25 6.43
CA ILE D 78 -3.15 -43.23 5.69
C ILE D 78 -2.45 -41.88 5.83
N THR D 79 -1.99 -41.59 7.04
CA THR D 79 -1.26 -40.36 7.30
C THR D 79 -0.03 -40.25 6.39
N GLU D 80 0.73 -41.33 6.28
CA GLU D 80 1.94 -41.34 5.45
C GLU D 80 1.62 -41.14 3.97
N ILE D 81 0.57 -41.80 3.50
CA ILE D 81 0.14 -41.71 2.11
C ILE D 81 -0.20 -40.26 1.75
N LEU D 82 -0.95 -39.60 2.63
CA LEU D 82 -1.35 -38.22 2.44
C LEU D 82 -0.16 -37.28 2.55
N THR D 83 0.70 -37.51 3.54
CA THR D 83 1.85 -36.64 3.79
C THR D 83 2.84 -36.70 2.62
N LYS D 84 3.14 -37.90 2.14
CA LYS D 84 4.06 -38.06 1.02
C LYS D 84 3.57 -37.32 -0.22
N ASN D 85 2.26 -37.25 -0.36
CA ASN D 85 1.65 -36.68 -1.56
C ASN D 85 1.67 -35.15 -1.61
N GLN D 86 2.07 -34.53 -0.50
CA GLN D 86 2.08 -33.07 -0.40
C GLN D 86 3.14 -32.44 -1.32
N LYS D 87 2.83 -31.28 -1.88
CA LYS D 87 3.74 -30.58 -2.79
C LYS D 87 4.08 -29.19 -2.28
N THR D 88 4.96 -28.49 -2.99
CA THR D 88 5.37 -27.12 -2.65
C THR D 88 4.18 -26.17 -2.54
N ASP D 89 4.17 -25.34 -1.50
CA ASP D 89 3.07 -24.42 -1.24
C ASP D 89 2.83 -23.43 -2.38
N LEU D 90 1.56 -23.18 -2.65
CA LEU D 90 1.12 -22.30 -3.72
C LEU D 90 1.71 -20.89 -3.67
N ILE D 91 1.86 -20.35 -2.47
CA ILE D 91 2.49 -19.04 -2.33
C ILE D 91 3.94 -19.07 -2.81
N GLU D 92 4.71 -20.06 -2.37
CA GLU D 92 6.10 -20.16 -2.78
C GLU D 92 6.21 -20.43 -4.28
N LYS D 93 5.25 -21.19 -4.79
CA LYS D 93 5.15 -21.45 -6.22
C LYS D 93 4.96 -20.15 -7.00
N ILE D 94 4.06 -19.31 -6.50
CA ILE D 94 3.86 -18.00 -7.09
C ILE D 94 5.11 -17.13 -6.88
N ARG D 95 5.52 -17.03 -5.62
CA ARG D 95 6.61 -16.12 -5.20
C ARG D 95 7.97 -16.43 -5.83
N SER D 96 8.25 -17.73 -6.02
CA SER D 96 9.55 -18.16 -6.53
C SER D 96 9.57 -18.34 -8.04
N SER D 97 8.41 -18.16 -8.68
CA SER D 97 8.34 -18.25 -10.12
C SER D 97 8.80 -16.95 -10.74
N GLY D 98 9.40 -17.04 -11.92
CA GLY D 98 9.80 -15.84 -12.64
C GLY D 98 8.64 -15.27 -13.42
N LYS D 99 7.48 -15.93 -13.36
CA LYS D 99 6.32 -15.54 -14.14
C LYS D 99 5.64 -14.28 -13.62
N LYS D 100 5.40 -13.34 -14.52
CA LYS D 100 4.65 -12.12 -14.20
C LYS D 100 3.67 -11.85 -15.34
N PRO D 101 2.39 -12.20 -15.15
CA PRO D 101 1.75 -12.79 -13.98
C PRO D 101 1.88 -14.31 -13.89
N PHE D 102 1.67 -14.85 -12.70
CA PHE D 102 1.45 -16.28 -12.48
C PHE D 102 -0.01 -16.59 -12.82
N VAL D 103 -0.22 -17.59 -13.66
CA VAL D 103 -1.58 -17.89 -14.14
C VAL D 103 -2.11 -19.21 -13.57
N ILE D 104 -3.30 -19.14 -12.97
CA ILE D 104 -3.97 -20.29 -12.38
C ILE D 104 -5.34 -20.50 -13.00
N ILE D 105 -5.65 -21.74 -13.35
CA ILE D 105 -6.95 -22.04 -13.93
C ILE D 105 -7.68 -23.02 -13.04
N PHE D 106 -9.00 -22.86 -12.98
CA PHE D 106 -9.88 -23.64 -12.15
C PHE D 106 -10.92 -24.30 -13.05
N PHE D 107 -11.13 -25.61 -12.86
CA PHE D 107 -12.12 -26.31 -13.65
C PHE D 107 -12.67 -27.51 -12.87
N GLY D 108 -13.75 -28.08 -13.38
CA GLY D 108 -14.44 -29.15 -12.69
C GLY D 108 -15.85 -29.28 -13.24
N VAL D 109 -16.61 -30.24 -12.73
CA VAL D 109 -17.96 -30.44 -13.24
C VAL D 109 -18.89 -29.35 -12.70
N ASN D 110 -20.11 -29.32 -13.23
CA ASN D 110 -21.08 -28.30 -12.86
C ASN D 110 -21.46 -28.27 -11.39
N GLY D 111 -21.43 -27.08 -10.79
CA GLY D 111 -21.94 -26.84 -9.46
C GLY D 111 -21.03 -27.15 -8.29
N VAL D 112 -19.83 -27.66 -8.54
CA VAL D 112 -18.94 -28.08 -7.45
C VAL D 112 -18.36 -26.93 -6.62
N GLY D 113 -18.37 -25.72 -7.16
CA GLY D 113 -17.91 -24.57 -6.40
C GLY D 113 -16.74 -23.78 -6.95
N LYS D 114 -16.51 -23.86 -8.25
CA LYS D 114 -15.34 -23.20 -8.87
C LYS D 114 -15.29 -21.68 -8.67
N THR D 115 -16.40 -21.03 -9.02
CA THR D 115 -16.48 -19.57 -8.98
C THR D 115 -16.30 -19.01 -7.57
N THR D 116 -16.92 -19.67 -6.61
CA THR D 116 -16.85 -19.25 -5.21
C THR D 116 -15.45 -19.50 -4.63
N THR D 117 -14.84 -20.61 -5.04
CA THR D 117 -13.48 -20.93 -4.61
C THR D 117 -12.48 -19.88 -5.13
N ILE D 118 -12.71 -19.43 -6.35
CA ILE D 118 -11.89 -18.34 -6.89
C ILE D 118 -11.93 -17.10 -6.01
N ALA D 119 -13.13 -16.70 -5.61
CA ALA D 119 -13.29 -15.56 -4.69
C ALA D 119 -12.50 -15.80 -3.40
N LYS D 120 -12.61 -17.01 -2.85
CA LYS D 120 -11.86 -17.36 -1.65
C LYS D 120 -10.35 -17.28 -1.91
N VAL D 121 -9.92 -17.77 -3.06
CA VAL D 121 -8.50 -17.75 -3.38
C VAL D 121 -7.98 -16.30 -3.49
N VAL D 122 -8.77 -15.42 -4.10
CA VAL D 122 -8.41 -14.00 -4.17
C VAL D 122 -8.21 -13.43 -2.77
N ASN D 123 -9.16 -13.74 -1.89
CA ASN D 123 -9.12 -13.26 -0.52
C ASN D 123 -7.83 -13.72 0.19
N MET D 124 -7.46 -14.98 -0.04
CA MET D 124 -6.23 -15.53 0.52
C MET D 124 -5.02 -14.79 -0.02
N LEU D 125 -4.97 -14.56 -1.33
CA LEU D 125 -3.80 -13.92 -1.94
C LEU D 125 -3.63 -12.46 -1.49
N LYS D 126 -4.73 -11.75 -1.27
CA LYS D 126 -4.67 -10.39 -0.75
C LYS D 126 -4.06 -10.35 0.64
N LYS D 127 -4.26 -11.40 1.44
CA LYS D 127 -3.61 -11.50 2.75
C LYS D 127 -2.09 -11.65 2.62
N ASN D 128 -1.62 -12.09 1.47
CA ASN D 128 -0.18 -12.26 1.23
C ASN D 128 0.34 -11.06 0.44
N ASN D 129 -0.54 -10.07 0.29
CA ASN D 129 -0.26 -8.87 -0.49
C ASN D 129 0.10 -9.14 -1.93
N LEU D 130 -0.56 -10.12 -2.53
CA LEU D 130 -0.38 -10.40 -3.94
C LEU D 130 -1.53 -9.77 -4.71
N SER D 131 -1.22 -9.06 -5.79
CA SER D 131 -2.27 -8.48 -6.64
C SER D 131 -2.84 -9.52 -7.59
N THR D 132 -4.16 -9.47 -7.79
CA THR D 132 -4.80 -10.44 -8.68
CA THR D 132 -4.87 -10.46 -8.61
C THR D 132 -5.82 -9.82 -9.62
N ILE D 133 -6.11 -10.52 -10.69
CA ILE D 133 -7.23 -10.18 -11.57
C ILE D 133 -7.94 -11.48 -11.94
N ILE D 134 -9.23 -11.39 -12.23
CA ILE D 134 -10.02 -12.58 -12.54
C ILE D 134 -10.47 -12.54 -13.99
N ALA D 135 -10.28 -13.63 -14.71
CA ALA D 135 -10.83 -13.78 -16.05
C ALA D 135 -12.15 -14.51 -15.94
N ALA D 136 -13.21 -13.89 -16.45
CA ALA D 136 -14.55 -14.46 -16.45
C ALA D 136 -14.69 -15.34 -17.67
N SER D 137 -14.00 -16.48 -17.65
CA SER D 137 -13.99 -17.35 -18.82
C SER D 137 -15.13 -18.38 -18.84
N ASP D 138 -16.11 -18.26 -17.94
CA ASP D 138 -17.42 -18.91 -18.16
C ASP D 138 -18.29 -17.96 -18.97
N THR D 139 -18.42 -18.24 -20.25
CA THR D 139 -19.19 -17.38 -21.13
C THR D 139 -20.49 -18.06 -21.55
N PHE D 140 -20.82 -19.16 -20.87
CA PHE D 140 -22.01 -19.93 -21.22
C PHE D 140 -23.15 -19.76 -20.24
N ARG D 141 -22.89 -19.99 -18.96
CA ARG D 141 -23.98 -20.13 -17.99
C ARG D 141 -24.64 -18.82 -17.61
N ALA D 142 -25.95 -18.85 -17.41
CA ALA D 142 -26.71 -17.67 -16.99
C ALA D 142 -26.10 -17.03 -15.74
N ALA D 143 -25.86 -15.73 -15.84
CA ALA D 143 -25.34 -14.88 -14.77
C ALA D 143 -23.92 -15.22 -14.33
N ALA D 144 -23.16 -15.95 -15.13
CA ALA D 144 -21.81 -16.30 -14.71
C ALA D 144 -20.96 -15.04 -14.54
N GLN D 145 -21.12 -14.08 -15.44
CA GLN D 145 -20.29 -12.88 -15.35
C GLN D 145 -20.77 -12.01 -14.18
N GLU D 146 -22.08 -11.91 -14.01
CA GLU D 146 -22.65 -11.12 -12.93
C GLU D 146 -22.27 -11.68 -11.56
N GLN D 147 -22.17 -13.00 -11.47
CA GLN D 147 -21.80 -13.65 -10.22
C GLN D 147 -20.36 -13.23 -9.86
N LEU D 148 -19.45 -13.34 -10.80
CA LEU D 148 -18.08 -12.90 -10.60
C LEU D 148 -17.97 -11.39 -10.34
N ALA D 149 -18.80 -10.59 -11.02
CA ALA D 149 -18.77 -9.14 -10.85
C ALA D 149 -19.07 -8.73 -9.41
N TYR D 150 -20.00 -9.43 -8.78
CA TYR D 150 -20.26 -9.22 -7.36
C TYR D 150 -19.00 -9.48 -6.53
N HIS D 151 -18.38 -10.64 -6.74
CA HIS D 151 -17.22 -11.01 -5.92
C HIS D 151 -16.06 -10.03 -6.16
N ALA D 152 -15.79 -9.71 -7.42
CA ALA D 152 -14.67 -8.81 -7.75
C ALA D 152 -14.85 -7.42 -7.17
N SER D 153 -16.08 -6.92 -7.17
CA SER D 153 -16.34 -5.60 -6.61
C SER D 153 -16.18 -5.63 -5.10
N LYS D 154 -16.65 -6.70 -4.47
CA LYS D 154 -16.53 -6.84 -3.02
C LYS D 154 -15.06 -6.96 -2.59
N LEU D 155 -14.29 -7.73 -3.35
CA LEU D 155 -12.89 -8.01 -3.06
C LEU D 155 -11.96 -6.90 -3.52
N GLU D 156 -12.53 -5.98 -4.31
CA GLU D 156 -11.80 -4.84 -4.90
C GLU D 156 -10.67 -5.30 -5.79
N VAL D 157 -10.96 -6.19 -6.75
CA VAL D 157 -9.99 -6.56 -7.78
C VAL D 157 -10.61 -6.45 -9.16
N GLN D 158 -9.77 -6.47 -10.18
CA GLN D 158 -10.21 -6.29 -11.56
C GLN D 158 -10.81 -7.57 -12.12
N LEU D 159 -11.96 -7.44 -12.78
CA LEU D 159 -12.57 -8.55 -13.51
C LEU D 159 -12.48 -8.25 -14.99
N ILE D 160 -11.94 -9.19 -15.77
CA ILE D 160 -11.97 -9.05 -17.22
C ILE D 160 -13.11 -9.92 -17.75
N ARG D 161 -14.08 -9.28 -18.38
CA ARG D 161 -15.27 -9.98 -18.89
C ARG D 161 -15.24 -10.06 -20.41
N GLY D 162 -15.95 -11.05 -20.96
CA GLY D 162 -16.07 -11.17 -22.39
C GLY D 162 -17.33 -10.52 -22.90
N LYS D 163 -17.19 -9.73 -23.98
CA LYS D 163 -18.32 -9.05 -24.59
C LYS D 163 -18.49 -9.52 -26.03
N TYR D 164 -19.72 -9.38 -26.54
CA TYR D 164 -20.04 -9.65 -27.94
C TYR D 164 -19.59 -11.02 -28.44
N GLY D 165 -20.08 -12.08 -27.79
CA GLY D 165 -19.78 -13.43 -28.24
C GLY D 165 -18.35 -13.87 -27.98
N ALA D 166 -17.66 -13.19 -27.08
CA ALA D 166 -16.31 -13.61 -26.69
C ALA D 166 -16.35 -15.02 -26.13
N ASP D 167 -15.37 -15.84 -26.51
CA ASP D 167 -15.26 -17.22 -26.04
C ASP D 167 -14.27 -17.27 -24.85
N PRO D 168 -14.23 -18.39 -24.10
CA PRO D 168 -13.40 -18.43 -22.89
C PRO D 168 -11.92 -18.13 -23.10
N ALA D 169 -11.35 -18.59 -24.20
CA ALA D 169 -9.92 -18.39 -24.45
C ALA D 169 -9.60 -16.92 -24.69
N SER D 170 -10.44 -16.24 -25.45
CA SER D 170 -10.23 -14.83 -25.74
C SER D 170 -10.31 -13.98 -24.48
N VAL D 171 -11.17 -14.37 -23.54
CA VAL D 171 -11.27 -13.66 -22.27
C VAL D 171 -10.00 -13.87 -21.42
N ALA D 172 -9.52 -15.12 -21.36
CA ALA D 172 -8.31 -15.39 -20.58
C ALA D 172 -7.10 -14.66 -21.15
N PHE D 173 -7.05 -14.58 -22.48
CA PHE D 173 -6.00 -13.81 -23.14
C PHE D 173 -6.04 -12.34 -22.72
N ASP D 174 -7.24 -11.77 -22.79
CA ASP D 174 -7.44 -10.36 -22.44
C ASP D 174 -7.05 -10.08 -21.00
N ALA D 175 -7.30 -11.04 -20.10
CA ALA D 175 -6.93 -10.88 -18.69
C ALA D 175 -5.42 -10.86 -18.51
N ILE D 176 -4.73 -11.78 -19.18
CA ILE D 176 -3.29 -11.88 -19.09
C ILE D 176 -2.60 -10.66 -19.68
N SER D 177 -3.13 -10.17 -20.79
CA SER D 177 -2.60 -8.96 -21.41
C SER D 177 -2.76 -7.76 -20.48
N PHE D 178 -3.92 -7.66 -19.84
CA PHE D 178 -4.17 -6.59 -18.88
C PHE D 178 -3.23 -6.73 -17.66
N ALA D 179 -3.09 -7.95 -17.15
CA ALA D 179 -2.20 -8.20 -16.02
C ALA D 179 -0.77 -7.76 -16.31
N LYS D 180 -0.26 -8.11 -17.49
CA LYS D 180 1.06 -7.67 -17.91
C LYS D 180 1.22 -6.16 -17.95
N SER D 181 0.25 -5.47 -18.55
CA SER D 181 0.33 -4.02 -18.67
C SER D 181 0.26 -3.34 -17.31
N ARG D 182 -0.48 -3.94 -16.38
CA ARG D 182 -0.67 -3.32 -15.06
C ARG D 182 0.22 -3.91 -13.94
N ASN D 183 1.15 -4.79 -14.29
CA ASN D 183 2.05 -5.41 -13.30
C ASN D 183 1.34 -6.18 -12.19
N ILE D 184 0.28 -6.90 -12.55
CA ILE D 184 -0.50 -7.68 -11.61
C ILE D 184 0.15 -9.04 -11.39
N ASP D 185 0.23 -9.47 -10.13
CA ASP D 185 0.95 -10.69 -9.76
C ASP D 185 0.34 -11.99 -10.30
N VAL D 186 -0.99 -12.12 -10.19
CA VAL D 186 -1.64 -13.40 -10.44
C VAL D 186 -2.95 -13.24 -11.23
N VAL D 187 -3.14 -14.09 -12.23
CA VAL D 187 -4.41 -14.18 -12.95
C VAL D 187 -5.13 -15.47 -12.55
N LEU D 188 -6.39 -15.34 -12.16
CA LEU D 188 -7.23 -16.51 -11.84
C LEU D 188 -8.32 -16.63 -12.91
N ILE D 189 -8.38 -17.78 -13.56
CA ILE D 189 -9.31 -17.99 -14.65
C ILE D 189 -10.46 -18.89 -14.20
N ASP D 190 -11.67 -18.35 -14.26
CA ASP D 190 -12.88 -19.15 -14.00
C ASP D 190 -13.31 -19.84 -15.27
N THR D 191 -13.81 -21.07 -15.17
CA THR D 191 -14.30 -21.76 -16.35
C THR D 191 -15.70 -22.32 -16.08
N ALA D 192 -16.46 -22.55 -17.13
CA ALA D 192 -17.81 -23.12 -17.00
C ALA D 192 -17.72 -24.56 -16.49
N GLY D 193 -18.78 -25.02 -15.83
CA GLY D 193 -18.88 -26.41 -15.44
C GLY D 193 -18.91 -27.25 -16.71
N ARG D 194 -18.21 -28.38 -16.68
CA ARG D 194 -18.22 -29.28 -17.82
C ARG D 194 -18.05 -30.70 -17.31
N MET D 195 -18.75 -31.64 -17.94
CA MET D 195 -18.57 -33.05 -17.63
C MET D 195 -17.28 -33.53 -18.24
N HIS D 196 -16.60 -34.43 -17.55
CA HIS D 196 -15.33 -34.97 -17.99
C HIS D 196 -15.47 -35.80 -19.27
N ILE D 197 -16.69 -36.27 -19.54
CA ILE D 197 -16.97 -37.05 -20.73
C ILE D 197 -17.57 -36.21 -21.87
N ASP D 198 -17.64 -34.90 -21.68
CA ASP D 198 -18.15 -34.00 -22.72
C ASP D 198 -17.01 -33.60 -23.65
N SER D 199 -16.92 -34.27 -24.79
CA SER D 199 -15.79 -34.09 -25.70
C SER D 199 -15.59 -32.65 -26.13
N ASP D 200 -16.65 -32.02 -26.63
CA ASP D 200 -16.58 -30.64 -27.07
C ASP D 200 -16.14 -29.67 -25.97
N LEU D 201 -16.63 -29.91 -24.75
CA LEU D 201 -16.29 -29.01 -23.64
C LEU D 201 -14.87 -29.25 -23.12
N VAL D 202 -14.40 -30.49 -23.26
CA VAL D 202 -13.01 -30.79 -22.95
C VAL D 202 -12.10 -30.07 -23.96
N GLU D 203 -12.52 -30.07 -25.23
CA GLU D 203 -11.77 -29.36 -26.26
C GLU D 203 -11.73 -27.86 -26.00
N GLU D 204 -12.86 -27.29 -25.58
CA GLU D 204 -12.93 -25.89 -25.17
C GLU D 204 -11.91 -25.59 -24.06
N LEU D 205 -11.88 -26.45 -23.04
CA LEU D 205 -10.96 -26.28 -21.92
C LEU D 205 -9.51 -26.31 -22.37
N LYS D 206 -9.18 -27.26 -23.24
CA LYS D 206 -7.81 -27.37 -23.75
C LYS D 206 -7.42 -26.11 -24.51
N LYS D 207 -8.39 -25.53 -25.20
CA LYS D 207 -8.18 -24.30 -25.96
C LYS D 207 -7.83 -23.14 -25.04
N VAL D 208 -8.48 -23.07 -23.88
CA VAL D 208 -8.14 -22.08 -22.87
C VAL D 208 -6.75 -22.35 -22.32
N LEU D 209 -6.40 -23.63 -22.17
CA LEU D 209 -5.10 -24.01 -21.62
C LEU D 209 -3.96 -23.59 -22.54
N ARG D 210 -4.14 -23.81 -23.84
CA ARG D 210 -3.12 -23.46 -24.82
C ARG D 210 -2.88 -21.97 -24.88
N ILE D 211 -3.96 -21.20 -24.83
CA ILE D 211 -3.85 -19.75 -24.99
C ILE D 211 -3.38 -19.05 -23.70
N ALA D 212 -3.77 -19.59 -22.55
CA ALA D 212 -3.43 -18.97 -21.28
C ALA D 212 -2.16 -19.54 -20.66
N LYS D 213 -1.75 -20.73 -21.12
CA LYS D 213 -0.59 -21.44 -20.62
C LYS D 213 -0.45 -21.33 -19.10
N PRO D 214 -1.45 -21.81 -18.36
CA PRO D 214 -1.43 -21.57 -16.91
C PRO D 214 -0.24 -22.21 -16.23
N ASP D 215 0.14 -21.65 -15.09
CA ASP D 215 1.29 -22.14 -14.36
C ASP D 215 0.84 -23.12 -13.29
N PHE D 216 -0.45 -23.12 -13.02
CA PHE D 216 -1.05 -24.02 -12.05
C PHE D 216 -2.49 -24.35 -12.46
N ARG D 217 -2.81 -25.64 -12.45
CA ARG D 217 -4.16 -26.10 -12.82
C ARG D 217 -4.81 -26.75 -11.61
N ILE D 218 -6.00 -26.26 -11.26
CA ILE D 218 -6.73 -26.76 -10.08
C ILE D 218 -8.07 -27.35 -10.47
N LEU D 219 -8.25 -28.63 -10.17
CA LEU D 219 -9.51 -29.31 -10.35
C LEU D 219 -10.33 -29.14 -9.09
N ILE D 220 -11.59 -28.72 -9.23
CA ILE D 220 -12.47 -28.60 -8.07
C ILE D 220 -13.34 -29.85 -7.94
N LEU D 221 -13.37 -30.42 -6.74
CA LEU D 221 -14.22 -31.57 -6.46
C LEU D 221 -15.12 -31.25 -5.26
N ASP D 222 -16.32 -31.81 -5.27
CA ASP D 222 -17.32 -31.57 -4.24
C ASP D 222 -17.17 -32.71 -3.22
N SER D 223 -16.97 -32.36 -1.95
CA SER D 223 -16.74 -33.43 -0.96
C SER D 223 -18.02 -34.21 -0.64
N LEU D 224 -19.16 -33.73 -1.12
CA LEU D 224 -20.42 -34.45 -0.96
C LEU D 224 -20.60 -35.56 -2.00
N ALA D 225 -19.83 -35.51 -3.08
CA ALA D 225 -19.92 -36.51 -4.14
C ALA D 225 -19.43 -37.89 -3.69
N GLY D 226 -20.05 -38.93 -4.22
CA GLY D 226 -19.67 -40.29 -3.91
C GLY D 226 -18.57 -40.77 -4.85
N SER D 227 -18.72 -42.00 -5.33
CA SER D 227 -17.69 -42.62 -6.18
C SER D 227 -17.31 -41.81 -7.43
N ASP D 228 -18.22 -40.94 -7.88
CA ASP D 228 -18.00 -40.20 -9.13
C ASP D 228 -16.92 -39.14 -9.03
N ALA D 229 -16.69 -38.64 -7.81
CA ALA D 229 -15.58 -37.72 -7.56
C ALA D 229 -14.27 -38.32 -8.08
N LEU D 230 -14.02 -39.58 -7.74
CA LEU D 230 -12.81 -40.25 -8.22
C LEU D 230 -12.80 -40.44 -9.73
N GLU D 231 -13.95 -40.79 -10.29
CA GLU D 231 -14.12 -40.93 -11.73
C GLU D 231 -13.81 -39.63 -12.45
N GLN D 232 -14.30 -38.52 -11.89
CA GLN D 232 -13.99 -37.20 -12.40
C GLN D 232 -12.47 -36.96 -12.37
N ALA D 233 -11.85 -37.29 -11.24
CA ALA D 233 -10.42 -37.06 -11.05
C ALA D 233 -9.55 -37.84 -12.04
N ARG D 234 -9.89 -39.10 -12.26
CA ARG D 234 -9.14 -39.95 -13.20
C ARG D 234 -9.22 -39.42 -14.62
N HIS D 235 -10.44 -39.17 -15.07
CA HIS D 235 -10.73 -38.71 -16.44
C HIS D 235 -10.12 -37.35 -16.78
N PHE D 236 -10.40 -36.34 -15.95
CA PHE D 236 -9.77 -35.03 -16.12
C PHE D 236 -8.24 -35.14 -16.08
N GLU D 237 -7.71 -36.02 -15.23
CA GLU D 237 -6.27 -36.21 -15.19
C GLU D 237 -5.78 -36.76 -16.53
N ASN D 238 -6.53 -37.72 -17.08
CA ASN D 238 -6.16 -38.36 -18.34
C ASN D 238 -6.30 -37.44 -19.55
N ASN D 239 -7.43 -36.72 -19.61
CA ASN D 239 -7.78 -35.93 -20.79
C ASN D 239 -7.24 -34.51 -20.77
N VAL D 240 -6.96 -33.99 -19.57
CA VAL D 240 -6.56 -32.59 -19.46
C VAL D 240 -5.30 -32.41 -18.63
N GLY D 241 -5.30 -33.00 -17.43
CA GLY D 241 -4.17 -32.86 -16.52
C GLY D 241 -4.38 -31.72 -15.53
N TYR D 242 -3.96 -31.94 -14.28
CA TYR D 242 -4.03 -30.90 -13.27
C TYR D 242 -2.97 -31.12 -12.19
N ASP D 243 -2.71 -30.08 -11.41
CA ASP D 243 -1.60 -30.08 -10.48
C ASP D 243 -2.10 -30.42 -9.09
N ALA D 244 -3.27 -29.91 -8.75
CA ALA D 244 -3.82 -30.11 -7.42
C ALA D 244 -5.34 -30.05 -7.43
N VAL D 245 -5.92 -30.39 -6.29
CA VAL D 245 -7.37 -30.39 -6.15
C VAL D 245 -7.76 -29.51 -4.97
N ILE D 246 -8.88 -28.79 -5.11
CA ILE D 246 -9.51 -28.17 -3.95
C ILE D 246 -10.86 -28.86 -3.73
N LEU D 247 -11.08 -29.28 -2.49
CA LEU D 247 -12.26 -30.03 -2.10
C LEU D 247 -13.27 -29.12 -1.43
N THR D 248 -14.49 -29.03 -1.96
CA THR D 248 -15.45 -28.07 -1.42
C THR D 248 -16.56 -28.70 -0.58
N LYS D 249 -17.21 -27.85 0.22
CA LYS D 249 -18.42 -28.20 0.97
C LYS D 249 -18.15 -29.18 2.10
N VAL D 250 -16.93 -29.13 2.64
CA VAL D 250 -16.54 -30.03 3.72
C VAL D 250 -17.37 -29.72 4.98
N ASP D 251 -17.89 -28.48 5.06
CA ASP D 251 -18.77 -28.09 6.15
C ASP D 251 -20.12 -28.83 6.16
N ALA D 252 -20.44 -29.57 5.10
CA ALA D 252 -21.66 -30.39 5.10
C ALA D 252 -21.48 -31.75 5.78
N ASP D 253 -20.70 -31.79 6.86
CA ASP D 253 -20.43 -33.03 7.60
C ASP D 253 -19.88 -34.13 6.69
N ALA D 254 -19.13 -33.72 5.66
CA ALA D 254 -18.59 -34.65 4.67
C ALA D 254 -17.17 -35.05 5.04
N LYS D 255 -16.93 -36.35 5.15
CA LYS D 255 -15.60 -36.84 5.55
C LYS D 255 -14.54 -36.53 4.51
N GLY D 256 -14.91 -36.60 3.23
CA GLY D 256 -14.00 -36.21 2.16
C GLY D 256 -12.95 -37.26 1.85
N GLY D 257 -13.36 -38.52 1.92
CA GLY D 257 -12.45 -39.64 1.67
C GLY D 257 -11.82 -39.65 0.29
N ILE D 258 -12.38 -38.86 -0.63
CA ILE D 258 -11.80 -38.67 -1.96
C ILE D 258 -10.33 -38.24 -1.88
N ALA D 259 -9.98 -37.50 -0.82
CA ALA D 259 -8.61 -37.03 -0.64
C ALA D 259 -7.64 -38.21 -0.48
N LEU D 260 -8.13 -39.28 0.14
CA LEU D 260 -7.37 -40.50 0.27
C LEU D 260 -7.29 -41.25 -1.06
N SER D 261 -8.42 -41.32 -1.76
CA SER D 261 -8.45 -41.94 -3.07
C SER D 261 -7.55 -41.19 -4.06
N LEU D 262 -7.55 -39.86 -3.96
CA LEU D 262 -6.70 -39.02 -4.81
C LEU D 262 -5.22 -39.33 -4.63
N ALA D 263 -4.79 -39.45 -3.38
CA ALA D 263 -3.40 -39.74 -3.07
C ALA D 263 -3.05 -41.18 -3.46
N TYR D 264 -3.93 -42.10 -3.08
CA TYR D 264 -3.66 -43.53 -3.27
C TYR D 264 -3.60 -43.93 -4.75
N GLU D 265 -4.60 -43.53 -5.52
CA GLU D 265 -4.73 -43.96 -6.91
C GLU D 265 -4.03 -43.06 -7.93
N LEU D 266 -4.05 -41.76 -7.68
CA LEU D 266 -3.65 -40.81 -8.70
C LEU D 266 -2.44 -39.96 -8.30
N LYS D 267 -1.98 -40.11 -7.06
CA LYS D 267 -0.90 -39.30 -6.51
C LYS D 267 -1.10 -37.80 -6.77
N LYS D 268 -2.32 -37.32 -6.50
CA LYS D 268 -2.63 -35.90 -6.63
C LYS D 268 -3.00 -35.34 -5.27
N PRO D 269 -2.50 -34.15 -4.94
CA PRO D 269 -2.75 -33.58 -3.62
C PRO D 269 -4.01 -32.72 -3.56
N VAL D 270 -4.61 -32.66 -2.37
CA VAL D 270 -5.60 -31.65 -2.04
C VAL D 270 -4.82 -30.50 -1.39
N VAL D 271 -4.98 -29.29 -1.88
CA VAL D 271 -4.22 -28.16 -1.34
C VAL D 271 -5.02 -27.33 -0.35
N TYR D 272 -6.32 -27.21 -0.62
CA TYR D 272 -7.22 -26.51 0.28
C TYR D 272 -8.56 -27.23 0.33
N MET D 273 -9.27 -27.04 1.43
CA MET D 273 -10.67 -27.43 1.49
C MET D 273 -11.55 -26.20 1.70
N GLY D 274 -12.68 -26.17 1.00
CA GLY D 274 -13.67 -25.13 1.20
C GLY D 274 -14.60 -25.57 2.31
N VAL D 275 -14.87 -24.69 3.27
CA VAL D 275 -15.64 -25.08 4.45
C VAL D 275 -16.77 -24.09 4.75
N GLY D 276 -17.33 -23.51 3.69
CA GLY D 276 -18.42 -22.57 3.85
C GLY D 276 -18.57 -21.64 2.66
N GLN D 277 -19.38 -20.60 2.82
CA GLN D 277 -19.68 -19.73 1.69
C GLN D 277 -19.04 -18.35 1.85
N ASN D 278 -18.38 -18.14 2.99
CA ASN D 278 -17.65 -16.89 3.20
C ASN D 278 -16.24 -16.96 2.63
N TYR D 279 -15.65 -15.79 2.32
CA TYR D 279 -14.33 -15.77 1.69
C TYR D 279 -13.26 -16.45 2.56
N ASP D 280 -13.37 -16.32 3.87
CA ASP D 280 -12.39 -16.91 4.78
C ASP D 280 -12.51 -18.43 4.91
N ASP D 281 -13.56 -18.99 4.33
CA ASP D 281 -13.84 -20.43 4.49
C ASP D 281 -13.00 -21.28 3.54
N LEU D 282 -11.69 -21.12 3.65
CA LEU D 282 -10.77 -21.91 2.86
C LEU D 282 -9.57 -22.26 3.74
N ILE D 283 -9.32 -23.55 3.94
CA ILE D 283 -8.26 -23.96 4.84
C ILE D 283 -7.26 -24.90 4.17
N PRO D 284 -5.98 -24.88 4.62
CA PRO D 284 -5.03 -25.79 4.00
C PRO D 284 -5.37 -27.24 4.39
N PHE D 285 -4.90 -28.19 3.60
CA PHE D 285 -5.20 -29.59 3.87
C PHE D 285 -4.22 -30.14 4.90
N SER D 286 -4.78 -30.71 5.97
CA SER D 286 -3.97 -31.29 7.04
C SER D 286 -4.30 -32.76 7.26
N PRO D 287 -3.34 -33.65 6.92
CA PRO D 287 -3.43 -35.10 7.10
C PRO D 287 -3.95 -35.53 8.48
N ASP D 288 -3.38 -35.01 9.55
CA ASP D 288 -3.81 -35.40 10.89
C ASP D 288 -5.29 -35.12 11.15
N TRP D 289 -5.70 -33.89 10.87
CA TRP D 289 -7.10 -33.46 10.97
C TRP D 289 -8.00 -34.37 10.15
N PHE D 290 -7.59 -34.63 8.92
CA PHE D 290 -8.33 -35.49 8.01
C PHE D 290 -8.56 -36.90 8.55
N VAL D 291 -7.50 -37.51 9.09
CA VAL D 291 -7.58 -38.88 9.56
C VAL D 291 -8.45 -39.00 10.81
N GLU D 292 -8.37 -38.01 11.69
CA GLU D 292 -9.21 -37.99 12.87
C GLU D 292 -10.68 -37.77 12.53
N ARG D 293 -10.93 -37.14 11.38
CA ARG D 293 -12.29 -36.89 10.92
C ARG D 293 -12.93 -38.17 10.37
N ILE D 294 -12.22 -38.83 9.46
CA ILE D 294 -12.69 -40.08 8.88
C ILE D 294 -13.05 -41.12 9.94
N PHE D 295 -12.22 -41.22 10.97
CA PHE D 295 -12.48 -42.15 12.05
C PHE D 295 -13.21 -41.45 13.21
N SER D 296 -14.11 -40.54 12.82
CA SER D 296 -14.97 -39.81 13.76
C SER D 296 -14.18 -39.05 14.82
N SER E 22 -56.30 56.56 -32.57
CA SER E 22 -57.18 55.43 -32.32
C SER E 22 -58.39 55.83 -31.48
N THR E 23 -59.40 54.96 -31.44
CA THR E 23 -60.53 55.13 -30.55
C THR E 23 -60.10 54.73 -29.14
N PRO E 24 -60.80 55.23 -28.11
CA PRO E 24 -60.48 54.87 -26.72
C PRO E 24 -60.51 53.35 -26.51
N TYR E 25 -61.48 52.69 -27.12
CA TYR E 25 -61.59 51.24 -27.00
C TYR E 25 -60.39 50.53 -27.61
N GLU E 26 -59.92 51.03 -28.75
CA GLU E 26 -58.77 50.45 -29.42
C GLU E 26 -57.50 50.63 -28.60
N LYS E 27 -57.33 51.81 -28.03
CA LYS E 27 -56.17 52.09 -27.18
C LYS E 27 -56.17 51.16 -25.97
N ALA E 28 -57.35 50.82 -25.48
CA ALA E 28 -57.50 49.92 -24.33
C ALA E 28 -57.08 48.48 -24.67
N VAL E 29 -57.42 48.04 -25.87
CA VAL E 29 -57.08 46.69 -26.31
C VAL E 29 -55.57 46.58 -26.59
N ASP E 30 -54.97 47.67 -27.05
CA ASP E 30 -53.54 47.70 -27.32
C ASP E 30 -52.72 47.49 -26.06
N GLU E 31 -53.05 48.25 -25.02
CA GLU E 31 -52.32 48.21 -23.77
C GLU E 31 -52.50 46.88 -23.05
N PHE E 32 -53.67 46.27 -23.21
CA PHE E 32 -53.94 44.96 -22.60
C PHE E 32 -53.08 43.88 -23.27
N ILE E 33 -53.12 43.85 -24.60
CA ILE E 33 -52.35 42.89 -25.38
C ILE E 33 -50.86 42.98 -25.06
N LYS E 34 -50.35 44.21 -24.92
CA LYS E 34 -48.94 44.41 -24.59
C LYS E 34 -48.57 43.82 -23.23
N ASP E 35 -49.50 43.90 -22.27
CA ASP E 35 -49.28 43.33 -20.95
C ASP E 35 -49.37 41.80 -20.98
N LEU E 36 -50.30 41.29 -21.78
CA LEU E 36 -50.49 39.85 -21.96
C LEU E 36 -49.27 39.22 -22.63
N GLN E 37 -48.69 39.95 -23.59
CA GLN E 37 -47.51 39.48 -24.30
C GLN E 37 -46.35 39.28 -23.36
N LYS E 38 -46.09 40.28 -22.53
CA LYS E 38 -45.04 40.20 -21.51
C LYS E 38 -45.33 39.06 -20.54
N SER E 39 -46.58 38.92 -20.16
CA SER E 39 -47.00 37.95 -19.17
C SER E 39 -46.72 36.51 -19.61
N LEU E 40 -47.02 36.21 -20.87
CA LEU E 40 -46.82 34.87 -21.40
C LEU E 40 -45.36 34.53 -21.66
N ILE E 41 -44.60 35.49 -22.19
CA ILE E 41 -43.17 35.27 -22.38
C ILE E 41 -42.50 34.98 -21.05
N SER E 42 -42.85 35.75 -20.02
CA SER E 42 -42.28 35.58 -18.70
C SER E 42 -42.55 34.18 -18.13
N SER E 43 -43.68 33.61 -18.51
CA SER E 43 -44.05 32.26 -18.10
C SER E 43 -43.51 31.19 -19.05
N ASP E 44 -42.57 31.58 -19.90
CA ASP E 44 -41.80 30.65 -20.74
C ASP E 44 -42.52 30.09 -21.96
N VAL E 45 -43.66 30.68 -22.32
CA VAL E 45 -44.30 30.31 -23.56
C VAL E 45 -43.39 30.75 -24.71
N ASN E 46 -43.37 29.97 -25.79
CA ASN E 46 -42.60 30.30 -26.97
C ASN E 46 -42.91 31.73 -27.46
N VAL E 47 -41.86 32.54 -27.63
CA VAL E 47 -42.00 33.95 -27.97
C VAL E 47 -42.84 34.22 -29.23
N LYS E 48 -42.49 33.56 -30.33
CA LYS E 48 -43.25 33.71 -31.57
C LYS E 48 -44.69 33.25 -31.38
N LEU E 49 -44.88 32.22 -30.56
CA LEU E 49 -46.21 31.69 -30.27
C LEU E 49 -47.04 32.70 -29.50
N VAL E 50 -46.39 33.44 -28.60
CA VAL E 50 -47.07 34.48 -27.83
C VAL E 50 -47.64 35.56 -28.74
N PHE E 51 -46.85 35.99 -29.73
CA PHE E 51 -47.30 37.02 -30.66
C PHE E 51 -48.40 36.51 -31.60
N SER E 52 -48.20 35.31 -32.13
CA SER E 52 -49.21 34.62 -32.91
C SER E 52 -50.51 34.49 -32.11
N LEU E 53 -50.39 34.14 -30.83
CA LEU E 53 -51.54 33.94 -29.97
C LEU E 53 -52.26 35.26 -29.67
N THR E 54 -51.48 36.26 -29.26
CA THR E 54 -52.05 37.55 -28.88
C THR E 54 -52.64 38.30 -30.07
N ALA E 55 -52.09 38.06 -31.26
CA ALA E 55 -52.61 38.67 -32.48
C ALA E 55 -54.04 38.19 -32.73
N LYS E 56 -54.28 36.92 -32.43
CA LYS E 56 -55.59 36.32 -32.60
C LYS E 56 -56.57 36.91 -31.57
N ILE E 57 -56.10 37.01 -30.33
CA ILE E 57 -56.90 37.59 -29.25
C ILE E 57 -57.28 39.03 -29.54
N LYS E 58 -56.32 39.79 -30.07
CA LYS E 58 -56.51 41.21 -30.33
C LYS E 58 -57.58 41.48 -31.40
N GLU E 59 -57.57 40.64 -32.44
CA GLU E 59 -58.55 40.76 -33.52
C GLU E 59 -59.95 40.40 -33.02
N ARG E 60 -59.99 39.52 -32.02
CA ARG E 60 -61.24 39.07 -31.43
C ARG E 60 -61.83 40.17 -30.55
N LEU E 61 -60.97 40.81 -29.76
CA LEU E 61 -61.40 41.88 -28.86
C LEU E 61 -62.02 43.06 -29.59
N ASN E 62 -61.66 43.23 -30.85
CA ASN E 62 -62.14 44.35 -31.66
C ASN E 62 -63.53 44.14 -32.24
N LYS E 63 -63.81 42.90 -32.68
CA LYS E 63 -65.04 42.61 -33.42
C LYS E 63 -66.25 42.35 -32.53
N GLU E 64 -66.01 41.93 -31.30
CA GLU E 64 -67.08 41.47 -30.42
C GLU E 64 -67.36 42.42 -29.26
N LYS E 65 -66.81 43.63 -29.34
CA LYS E 65 -66.84 44.62 -28.25
C LYS E 65 -68.13 44.66 -27.44
N ARG E 72 -64.19 46.53 -18.15
CA ARG E 72 -63.98 45.98 -19.48
C ARG E 72 -62.81 44.99 -19.48
N LYS E 73 -61.93 45.14 -18.49
CA LYS E 73 -60.77 44.27 -18.37
C LYS E 73 -61.21 42.84 -18.12
N GLU E 74 -62.28 42.67 -17.36
CA GLU E 74 -62.80 41.34 -17.03
C GLU E 74 -63.28 40.63 -18.30
N TRP E 75 -63.80 41.39 -19.25
CA TRP E 75 -64.19 40.81 -20.54
C TRP E 75 -62.96 40.44 -21.37
N PHE E 76 -61.94 41.30 -21.33
CA PHE E 76 -60.67 41.01 -22.00
C PHE E 76 -60.10 39.70 -21.46
N ILE E 77 -60.10 39.57 -20.14
CA ILE E 77 -59.60 38.37 -19.48
C ILE E 77 -60.33 37.12 -19.96
N SER E 78 -61.66 37.22 -20.08
CA SER E 78 -62.50 36.10 -20.50
C SER E 78 -62.13 35.61 -21.90
N ILE E 79 -61.86 36.55 -22.80
CA ILE E 79 -61.47 36.21 -24.17
C ILE E 79 -60.11 35.50 -24.20
N VAL E 80 -59.23 35.88 -23.28
CA VAL E 80 -57.94 35.22 -23.15
C VAL E 80 -58.12 33.76 -22.74
N TYR E 81 -58.85 33.55 -21.65
CA TYR E 81 -59.14 32.21 -21.17
C TYR E 81 -59.76 31.34 -22.26
N ASP E 82 -60.77 31.87 -22.95
CA ASP E 82 -61.41 31.17 -24.06
C ASP E 82 -60.42 30.71 -25.12
N GLU E 83 -59.62 31.65 -25.63
CA GLU E 83 -58.61 31.34 -26.64
C GLU E 83 -57.56 30.37 -26.11
N LEU E 84 -57.14 30.56 -24.87
CA LEU E 84 -56.18 29.67 -24.25
C LEU E 84 -56.76 28.26 -24.05
N SER E 85 -58.04 28.18 -23.67
CA SER E 85 -58.70 26.89 -23.46
C SER E 85 -58.81 26.08 -24.75
N LYS E 86 -58.89 26.78 -25.88
CA LYS E 86 -58.98 26.12 -27.18
C LYS E 86 -57.74 25.26 -27.43
N LEU E 87 -56.58 25.78 -27.02
CA LEU E 87 -55.31 25.08 -27.19
C LEU E 87 -55.30 23.72 -26.50
N PHE E 88 -56.04 23.60 -25.41
CA PHE E 88 -56.04 22.37 -24.60
C PHE E 88 -57.23 21.45 -24.90
N GLY E 89 -58.25 21.97 -25.56
CA GLY E 89 -59.41 21.18 -25.92
C GLY E 89 -60.57 21.34 -24.95
N GLY E 90 -60.59 22.46 -24.23
CA GLY E 90 -61.64 22.72 -23.26
C GLY E 90 -61.23 22.46 -21.83
N ASP E 91 -62.07 22.91 -20.91
CA ASP E 91 -61.77 22.86 -19.48
C ASP E 91 -62.14 21.53 -18.82
N LYS E 92 -62.97 20.73 -19.49
CA LYS E 92 -63.42 19.45 -18.95
C LYS E 92 -62.24 18.52 -18.71
N GLU E 93 -62.28 17.79 -17.59
CA GLU E 93 -61.20 16.87 -17.26
C GLU E 93 -61.01 15.84 -18.37
N PRO E 94 -59.74 15.63 -18.78
CA PRO E 94 -59.39 14.63 -19.79
C PRO E 94 -59.91 13.25 -19.44
N ASN E 95 -60.16 12.42 -20.45
CA ASN E 95 -60.54 11.03 -20.26
C ASN E 95 -59.29 10.15 -20.27
N VAL E 96 -58.98 9.54 -19.14
CA VAL E 96 -57.66 8.91 -19.00
C VAL E 96 -57.72 7.39 -18.85
N ASN E 97 -58.91 6.86 -18.65
CA ASN E 97 -59.10 5.42 -18.51
C ASN E 97 -59.35 4.73 -19.85
N PRO E 98 -58.38 3.93 -20.30
CA PRO E 98 -58.42 3.24 -21.60
C PRO E 98 -59.66 2.37 -21.71
N THR E 99 -60.27 2.34 -22.88
CA THR E 99 -61.44 1.52 -23.13
C THR E 99 -61.07 0.32 -23.99
N LYS E 100 -60.14 0.51 -24.91
CA LYS E 100 -59.67 -0.58 -25.75
C LYS E 100 -58.51 -1.28 -25.07
N LEU E 101 -58.61 -2.59 -24.91
CA LEU E 101 -57.56 -3.34 -24.23
C LEU E 101 -57.10 -4.47 -25.14
N PRO E 102 -55.81 -4.84 -25.07
CA PRO E 102 -54.78 -4.20 -24.24
C PRO E 102 -54.29 -2.87 -24.84
N PHE E 103 -53.87 -1.99 -23.95
CA PHE E 103 -53.56 -0.62 -24.35
C PHE E 103 -52.08 -0.39 -24.08
N ILE E 104 -51.32 -0.13 -25.15
CA ILE E 104 -49.87 0.00 -25.03
C ILE E 104 -49.48 1.45 -25.03
N ILE E 105 -48.75 1.85 -23.99
CA ILE E 105 -48.29 3.21 -23.80
C ILE E 105 -46.78 3.27 -23.96
N MET E 106 -46.30 4.22 -24.75
CA MET E 106 -44.86 4.45 -24.89
C MET E 106 -44.54 5.83 -24.35
N LEU E 107 -43.67 5.91 -23.35
CA LEU E 107 -43.28 7.17 -22.74
C LEU E 107 -41.97 7.65 -23.32
N VAL E 108 -41.95 8.88 -23.80
CA VAL E 108 -40.74 9.46 -24.38
C VAL E 108 -40.48 10.82 -23.76
N GLY E 109 -39.25 11.32 -23.90
CA GLY E 109 -38.93 12.60 -23.31
C GLY E 109 -37.46 12.84 -23.14
N VAL E 110 -37.12 14.10 -22.88
CA VAL E 110 -35.76 14.55 -22.67
C VAL E 110 -35.16 13.86 -21.44
N GLN E 111 -33.85 13.68 -21.47
CA GLN E 111 -33.10 13.19 -20.32
C GLN E 111 -33.53 13.88 -19.02
N GLY E 112 -33.92 13.08 -18.04
CA GLY E 112 -34.27 13.61 -16.72
C GLY E 112 -35.68 14.14 -16.52
N SER E 113 -36.51 14.09 -17.57
CA SER E 113 -37.82 14.74 -17.53
C SER E 113 -38.77 14.11 -16.52
N GLY E 114 -38.55 12.84 -16.22
CA GLY E 114 -39.40 12.15 -15.27
C GLY E 114 -40.07 10.87 -15.76
N LYS E 115 -39.61 10.32 -16.90
CA LYS E 115 -40.27 9.16 -17.54
C LYS E 115 -40.46 7.93 -16.66
N THR E 116 -39.36 7.52 -16.04
CA THR E 116 -39.30 6.28 -15.28
C THR E 116 -40.20 6.38 -14.07
N THR E 117 -40.08 7.47 -13.34
CA THR E 117 -40.92 7.70 -12.15
C THR E 117 -42.40 7.77 -12.56
N THR E 118 -42.66 8.43 -13.68
CA THR E 118 -44.01 8.55 -14.23
C THR E 118 -44.60 7.20 -14.70
N ALA E 119 -43.77 6.33 -15.27
CA ALA E 119 -44.23 4.97 -15.52
C ALA E 119 -44.77 4.32 -14.26
N GLY E 120 -44.03 4.43 -13.15
CA GLY E 120 -44.50 3.92 -11.87
C GLY E 120 -45.80 4.57 -11.41
N LYS E 121 -45.87 5.90 -11.50
CA LYS E 121 -47.07 6.65 -11.10
C LYS E 121 -48.29 6.24 -11.92
N LEU E 122 -48.11 6.07 -13.22
CA LEU E 122 -49.21 5.65 -14.09
C LEU E 122 -49.63 4.23 -13.72
N ALA E 123 -48.67 3.38 -13.39
CA ALA E 123 -49.00 1.99 -13.04
C ALA E 123 -49.80 1.97 -11.75
N TYR E 124 -49.37 2.75 -10.77
CA TYR E 124 -50.13 2.89 -9.53
C TYR E 124 -51.56 3.44 -9.76
N PHE E 125 -51.68 4.48 -10.59
CA PHE E 125 -52.95 5.13 -10.89
C PHE E 125 -53.93 4.12 -11.49
N TYR E 126 -53.44 3.34 -12.46
CA TYR E 126 -54.29 2.39 -13.17
C TYR E 126 -54.61 1.14 -12.33
N LYS E 127 -53.64 0.69 -11.54
CA LYS E 127 -53.88 -0.45 -10.66
C LYS E 127 -54.97 -0.12 -9.64
N LYS E 128 -54.90 1.09 -9.10
CA LYS E 128 -55.88 1.57 -8.14
C LYS E 128 -57.28 1.53 -8.76
N ARG E 129 -57.35 1.64 -10.07
CA ARG E 129 -58.64 1.65 -10.75
C ARG E 129 -59.06 0.29 -11.33
N GLY E 130 -58.34 -0.77 -10.95
CA GLY E 130 -58.77 -2.13 -11.26
C GLY E 130 -58.13 -2.77 -12.48
N TYR E 131 -57.24 -2.04 -13.15
CA TYR E 131 -56.53 -2.55 -14.33
C TYR E 131 -55.37 -3.48 -13.96
N LYS E 132 -55.11 -4.50 -14.80
CA LYS E 132 -53.87 -5.26 -14.70
C LYS E 132 -52.78 -4.60 -15.53
N VAL E 133 -51.71 -4.18 -14.86
CA VAL E 133 -50.68 -3.37 -15.50
C VAL E 133 -49.36 -4.12 -15.60
N GLY E 134 -48.67 -3.98 -16.74
CA GLY E 134 -47.31 -4.45 -16.88
C GLY E 134 -46.39 -3.29 -17.24
N LEU E 135 -45.18 -3.28 -16.66
CA LEU E 135 -44.17 -2.26 -16.94
C LEU E 135 -43.01 -2.88 -17.73
N VAL E 136 -42.58 -2.21 -18.79
CA VAL E 136 -41.50 -2.71 -19.64
C VAL E 136 -40.30 -1.75 -19.58
N ALA E 137 -39.15 -2.27 -19.16
CA ALA E 137 -37.92 -1.46 -19.02
C ALA E 137 -37.12 -1.53 -20.31
N ALA E 138 -37.36 -0.57 -21.21
CA ALA E 138 -36.74 -0.58 -22.53
C ALA E 138 -35.69 0.51 -22.70
N ASP E 139 -35.13 0.97 -21.59
CA ASP E 139 -34.00 1.91 -21.59
C ASP E 139 -32.75 1.07 -21.35
N VAL E 140 -31.88 0.97 -22.34
CA VAL E 140 -30.66 0.18 -22.18
C VAL E 140 -29.41 1.06 -22.02
N TYR E 141 -29.60 2.37 -21.98
CA TYR E 141 -28.46 3.31 -21.93
CA TYR E 141 -28.44 3.27 -21.93
C TYR E 141 -28.12 3.80 -20.53
N ARG E 142 -29.14 4.27 -19.81
CA ARG E 142 -28.92 4.84 -18.48
C ARG E 142 -28.53 3.76 -17.46
N PRO E 143 -27.44 3.98 -16.71
CA PRO E 143 -27.01 2.97 -15.72
C PRO E 143 -28.08 2.75 -14.64
N ALA E 144 -28.35 1.49 -14.34
CA ALA E 144 -29.40 1.12 -13.37
C ALA E 144 -30.83 1.52 -13.77
N ALA E 145 -31.05 1.71 -15.08
CA ALA E 145 -32.40 2.02 -15.60
C ALA E 145 -33.35 0.89 -15.30
N TYR E 146 -32.89 -0.34 -15.54
CA TYR E 146 -33.72 -1.49 -15.23
C TYR E 146 -33.99 -1.58 -13.72
N ASP E 147 -32.94 -1.41 -12.91
CA ASP E 147 -33.08 -1.43 -11.45
C ASP E 147 -34.09 -0.40 -10.93
N GLN E 148 -34.10 0.79 -11.53
CA GLN E 148 -34.99 1.85 -11.09
C GLN E 148 -36.45 1.42 -11.31
N LEU E 149 -36.74 0.89 -12.47
CA LEU E 149 -38.14 0.59 -12.81
C LEU E 149 -38.60 -0.67 -12.07
N LEU E 150 -37.69 -1.62 -11.93
CA LEU E 150 -37.97 -2.81 -11.13
C LEU E 150 -38.34 -2.44 -9.70
N GLN E 151 -37.57 -1.54 -9.09
CA GLN E 151 -37.84 -1.11 -7.73
C GLN E 151 -39.24 -0.45 -7.60
N LEU E 152 -39.57 0.40 -8.55
CA LEU E 152 -40.88 1.04 -8.56
C LEU E 152 -42.00 0.01 -8.70
N GLY E 153 -41.84 -0.94 -9.63
CA GLY E 153 -42.81 -2.01 -9.78
C GLY E 153 -42.96 -2.88 -8.54
N ASN E 154 -41.84 -3.22 -7.91
CA ASN E 154 -41.88 -4.04 -6.69
C ASN E 154 -42.60 -3.30 -5.60
N GLN E 155 -42.41 -1.99 -5.55
CA GLN E 155 -43.04 -1.17 -4.52
C GLN E 155 -44.57 -1.20 -4.63
N ILE E 156 -45.11 -1.15 -5.84
CA ILE E 156 -46.58 -1.07 -5.99
C ILE E 156 -47.27 -2.40 -6.33
N GLY E 157 -46.50 -3.47 -6.44
CA GLY E 157 -47.03 -4.78 -6.75
C GLY E 157 -47.39 -4.90 -8.23
N VAL E 158 -46.57 -4.31 -9.09
CA VAL E 158 -46.77 -4.42 -10.53
C VAL E 158 -45.57 -5.09 -11.20
N GLN E 159 -45.85 -6.07 -12.06
CA GLN E 159 -44.78 -6.78 -12.76
C GLN E 159 -44.01 -5.91 -13.73
N VAL E 160 -42.69 -6.13 -13.76
CA VAL E 160 -41.78 -5.43 -14.65
C VAL E 160 -41.07 -6.46 -15.52
N TYR E 161 -40.96 -6.19 -16.81
CA TYR E 161 -40.17 -7.01 -17.70
C TYR E 161 -38.97 -6.21 -18.13
N GLY E 162 -37.81 -6.83 -18.13
CA GLY E 162 -36.62 -6.20 -18.67
C GLY E 162 -35.52 -7.20 -18.93
N GLU E 163 -34.50 -6.77 -19.65
CA GLU E 163 -33.36 -7.61 -19.95
C GLU E 163 -32.09 -6.76 -19.75
N PRO E 164 -31.67 -6.60 -18.49
CA PRO E 164 -30.51 -5.75 -18.19
C PRO E 164 -29.26 -6.11 -19.01
N ASN E 165 -29.11 -7.38 -19.41
CA ASN E 165 -27.94 -7.78 -20.20
C ASN E 165 -28.12 -7.64 -21.72
N ASN E 166 -29.21 -7.03 -22.14
CA ASN E 166 -29.52 -6.84 -23.55
C ASN E 166 -29.34 -5.37 -23.96
N GLN E 167 -28.67 -5.15 -25.09
CA GLN E 167 -28.39 -3.79 -25.55
C GLN E 167 -29.28 -3.35 -26.71
N ASN E 168 -30.34 -4.11 -26.97
CA ASN E 168 -31.26 -3.74 -28.05
C ASN E 168 -32.61 -3.38 -27.46
N PRO E 169 -32.87 -2.07 -27.33
CA PRO E 169 -34.07 -1.57 -26.64
C PRO E 169 -35.36 -2.01 -27.34
N ILE E 170 -35.32 -2.14 -28.66
CA ILE E 170 -36.51 -2.55 -29.41
C ILE E 170 -36.84 -4.03 -29.20
N GLU E 171 -35.82 -4.87 -29.13
CA GLU E 171 -36.04 -6.29 -28.87
C GLU E 171 -36.69 -6.47 -27.49
N ILE E 172 -36.15 -5.78 -26.50
CA ILE E 172 -36.70 -5.84 -25.15
C ILE E 172 -38.16 -5.37 -25.15
N ALA E 173 -38.42 -4.24 -25.78
CA ALA E 173 -39.75 -3.66 -25.72
C ALA E 173 -40.77 -4.60 -26.35
N LYS E 174 -40.40 -5.19 -27.48
CA LYS E 174 -41.27 -6.11 -28.20
C LYS E 174 -41.46 -7.39 -27.38
N LYS E 175 -40.39 -7.92 -26.80
CA LYS E 175 -40.50 -9.13 -25.97
C LYS E 175 -41.38 -8.88 -24.74
N GLY E 176 -41.20 -7.71 -24.12
CA GLY E 176 -41.99 -7.32 -22.97
C GLY E 176 -43.46 -7.08 -23.26
N VAL E 177 -43.75 -6.39 -24.35
CA VAL E 177 -45.13 -6.19 -24.74
C VAL E 177 -45.78 -7.53 -25.05
N ASP E 178 -45.08 -8.37 -25.80
CA ASP E 178 -45.60 -9.68 -26.18
C ASP E 178 -45.89 -10.59 -24.98
N ILE E 179 -45.01 -10.59 -23.98
CA ILE E 179 -45.25 -11.44 -22.81
C ILE E 179 -46.45 -10.92 -22.00
N PHE E 180 -46.58 -9.61 -21.89
CA PHE E 180 -47.68 -9.04 -21.12
C PHE E 180 -49.01 -9.15 -21.89
N VAL E 181 -48.97 -9.07 -23.22
CA VAL E 181 -50.20 -9.31 -24.00
C VAL E 181 -50.66 -10.75 -23.83
N LYS E 182 -49.73 -11.68 -24.01
CA LYS E 182 -50.02 -13.09 -23.83
C LYS E 182 -50.58 -13.42 -22.44
N ASN E 183 -50.10 -12.70 -21.42
CA ASN E 183 -50.52 -12.93 -20.04
C ASN E 183 -51.75 -12.10 -19.65
N LYS E 184 -52.33 -11.43 -20.64
CA LYS E 184 -53.59 -10.70 -20.49
C LYS E 184 -53.52 -9.46 -19.59
N MET E 185 -52.44 -8.68 -19.66
CA MET E 185 -52.44 -7.36 -19.03
C MET E 185 -53.44 -6.47 -19.75
N ASP E 186 -53.97 -5.48 -19.03
CA ASP E 186 -54.91 -4.53 -19.62
C ASP E 186 -54.15 -3.35 -20.18
N ILE E 187 -53.10 -2.94 -19.46
CA ILE E 187 -52.33 -1.77 -19.83
C ILE E 187 -50.84 -2.09 -19.74
N ILE E 188 -50.11 -1.75 -20.80
CA ILE E 188 -48.67 -2.04 -20.86
C ILE E 188 -47.92 -0.73 -21.07
N ILE E 189 -47.02 -0.42 -20.14
CA ILE E 189 -46.32 0.87 -20.15
C ILE E 189 -44.83 0.67 -20.44
N VAL E 190 -44.37 1.25 -21.55
CA VAL E 190 -43.01 1.07 -22.03
C VAL E 190 -42.17 2.31 -21.72
N ASP E 191 -41.17 2.14 -20.87
CA ASP E 191 -40.23 3.20 -20.46
C ASP E 191 -39.06 3.23 -21.43
N THR E 192 -38.66 4.42 -21.88
CA THR E 192 -37.63 4.55 -22.90
C THR E 192 -36.51 5.49 -22.43
N ALA E 193 -35.35 5.39 -23.08
CA ALA E 193 -34.19 6.21 -22.71
C ALA E 193 -34.43 7.69 -23.03
N GLY E 194 -33.89 8.58 -22.19
CA GLY E 194 -33.95 10.01 -22.43
C GLY E 194 -33.24 10.37 -23.73
N ARG E 195 -33.77 11.38 -24.44
CA ARG E 195 -33.11 11.90 -25.63
C ARG E 195 -33.60 13.31 -25.91
N HIS E 196 -32.76 14.15 -26.49
CA HIS E 196 -33.20 15.46 -26.94
C HIS E 196 -33.28 15.53 -28.46
N GLY E 197 -32.51 14.68 -29.14
CA GLY E 197 -32.59 14.58 -30.59
C GLY E 197 -31.82 15.60 -31.40
N TYR E 198 -30.97 16.38 -30.74
CA TYR E 198 -30.12 17.35 -31.45
C TYR E 198 -28.72 16.79 -31.65
N GLY E 199 -27.97 17.39 -32.59
CA GLY E 199 -26.60 17.00 -32.86
C GLY E 199 -26.49 15.51 -33.14
N GLU E 200 -25.59 14.84 -32.43
CA GLU E 200 -25.39 13.40 -32.62
C GLU E 200 -26.59 12.58 -32.20
N GLU E 201 -27.51 13.19 -31.44
CA GLU E 201 -28.69 12.48 -30.97
C GLU E 201 -29.82 12.45 -32.00
N THR E 202 -29.57 12.96 -33.19
CA THR E 202 -30.53 12.80 -34.27
C THR E 202 -30.79 11.30 -34.50
N LYS E 203 -29.76 10.50 -34.32
CA LYS E 203 -29.88 9.05 -34.43
C LYS E 203 -30.85 8.47 -33.41
N LEU E 204 -30.95 9.11 -32.24
CA LEU E 204 -31.86 8.66 -31.21
C LEU E 204 -33.32 8.90 -31.58
N LEU E 205 -33.57 9.94 -32.37
CA LEU E 205 -34.92 10.17 -32.89
C LEU E 205 -35.30 9.06 -33.85
N GLU E 206 -34.36 8.65 -34.70
CA GLU E 206 -34.59 7.56 -35.64
C GLU E 206 -34.88 6.26 -34.90
N GLU E 207 -34.23 6.05 -33.77
CA GLU E 207 -34.46 4.85 -32.98
C GLU E 207 -35.83 4.90 -32.32
N MET E 208 -36.22 6.09 -31.87
CA MET E 208 -37.54 6.26 -31.26
C MET E 208 -38.60 5.99 -32.32
N LYS E 209 -38.33 6.43 -33.55
CA LYS E 209 -39.24 6.18 -34.66
C LYS E 209 -39.35 4.69 -34.96
N GLU E 210 -38.22 3.99 -34.86
CA GLU E 210 -38.21 2.56 -35.17
C GLU E 210 -38.98 1.78 -34.10
N MET E 211 -38.80 2.18 -32.84
CA MET E 211 -39.51 1.53 -31.75
C MET E 211 -41.01 1.75 -31.90
N TYR E 212 -41.39 2.96 -32.27
CA TYR E 212 -42.79 3.29 -32.53
C TYR E 212 -43.37 2.43 -33.66
N ASP E 213 -42.61 2.26 -34.73
CA ASP E 213 -43.06 1.49 -35.88
C ASP E 213 -43.26 0.02 -35.53
N VAL E 214 -42.34 -0.49 -34.72
CA VAL E 214 -42.38 -1.89 -34.28
C VAL E 214 -43.48 -2.12 -33.24
N LEU E 215 -43.58 -1.25 -32.25
CA LEU E 215 -44.55 -1.45 -31.17
C LEU E 215 -45.99 -1.11 -31.58
N LYS E 216 -46.15 -0.14 -32.47
CA LYS E 216 -47.48 0.37 -32.81
C LYS E 216 -48.27 0.69 -31.54
N PRO E 217 -47.73 1.55 -30.67
CA PRO E 217 -48.40 1.81 -29.39
C PRO E 217 -49.71 2.56 -29.59
N ASP E 218 -50.62 2.42 -28.63
CA ASP E 218 -51.89 3.12 -28.70
C ASP E 218 -51.75 4.58 -28.27
N ASP E 219 -50.71 4.86 -27.50
CA ASP E 219 -50.46 6.22 -27.06
C ASP E 219 -48.98 6.47 -26.83
N VAL E 220 -48.42 7.46 -27.53
CA VAL E 220 -47.09 7.94 -27.22
C VAL E 220 -47.23 9.17 -26.34
N ILE E 221 -46.66 9.10 -25.14
CA ILE E 221 -46.83 10.18 -24.18
C ILE E 221 -45.49 10.92 -24.03
N LEU E 222 -45.50 12.21 -24.36
CA LEU E 222 -44.33 13.04 -24.09
C LEU E 222 -44.37 13.44 -22.63
N VAL E 223 -43.37 13.02 -21.89
CA VAL E 223 -43.22 13.38 -20.49
C VAL E 223 -42.29 14.60 -20.42
N ILE E 224 -42.81 15.73 -19.94
CA ILE E 224 -42.07 16.99 -20.04
C ILE E 224 -41.94 17.74 -18.72
N ASP E 225 -40.72 18.16 -18.42
CA ASP E 225 -40.41 18.96 -17.24
C ASP E 225 -41.16 20.31 -17.30
N ALA E 226 -41.92 20.63 -16.26
CA ALA E 226 -42.59 21.92 -16.14
C ALA E 226 -41.69 23.15 -16.41
N SER E 227 -40.40 23.01 -16.11
CA SER E 227 -39.50 24.16 -16.15
C SER E 227 -38.90 24.44 -17.53
N ILE E 228 -39.22 23.62 -18.53
CA ILE E 228 -38.57 23.72 -19.84
C ILE E 228 -38.75 25.11 -20.49
N GLY E 229 -37.65 25.66 -21.02
CA GLY E 229 -37.66 27.01 -21.58
C GLY E 229 -37.95 27.09 -23.06
N GLN E 230 -37.26 28.01 -23.74
CA GLN E 230 -37.58 28.37 -25.12
C GLN E 230 -37.35 27.29 -26.17
N LYS E 231 -36.60 26.25 -25.82
CA LYS E 231 -36.35 25.16 -26.75
C LYS E 231 -37.56 24.24 -26.87
N ALA E 232 -38.54 24.44 -25.99
CA ALA E 232 -39.66 23.50 -25.88
C ALA E 232 -40.39 23.23 -27.20
N TYR E 233 -40.76 24.30 -27.90
CA TYR E 233 -41.49 24.14 -29.15
C TYR E 233 -40.75 23.32 -30.20
N ASP E 234 -39.50 23.66 -30.47
CA ASP E 234 -38.73 22.97 -31.51
C ASP E 234 -38.43 21.53 -31.11
N LEU E 235 -38.09 21.34 -29.84
CA LEU E 235 -37.76 20.01 -29.35
C LEU E 235 -38.97 19.08 -29.47
N ALA E 236 -40.15 19.58 -29.09
CA ALA E 236 -41.38 18.82 -29.23
C ALA E 236 -41.71 18.51 -30.69
N SER E 237 -41.46 19.48 -31.57
CA SER E 237 -41.66 19.30 -33.01
C SER E 237 -40.81 18.17 -33.56
N ARG E 238 -39.53 18.13 -33.17
CA ARG E 238 -38.63 17.10 -33.65
C ARG E 238 -39.09 15.72 -33.20
N PHE E 239 -39.46 15.61 -31.92
CA PHE E 239 -39.97 14.37 -31.36
C PHE E 239 -41.19 13.91 -32.15
N HIS E 240 -42.12 14.83 -32.34
CA HIS E 240 -43.40 14.56 -32.99
C HIS E 240 -43.26 14.10 -34.43
N GLN E 241 -42.25 14.61 -35.15
CA GLN E 241 -42.00 14.18 -36.51
C GLN E 241 -41.49 12.74 -36.56
N ALA E 242 -40.84 12.31 -35.48
CA ALA E 242 -40.29 10.96 -35.39
C ALA E 242 -41.34 9.93 -34.95
N SER E 243 -42.08 10.25 -33.90
CA SER E 243 -43.15 9.40 -33.41
C SER E 243 -44.26 10.29 -32.87
N PRO E 244 -45.39 10.37 -33.58
CA PRO E 244 -46.50 11.26 -33.22
C PRO E 244 -46.87 11.20 -31.74
N ILE E 245 -46.91 12.36 -31.10
CA ILE E 245 -47.21 12.46 -29.69
C ILE E 245 -48.72 12.54 -29.49
N GLY E 246 -49.28 11.53 -28.83
CA GLY E 246 -50.71 11.53 -28.56
C GLY E 246 -51.04 12.38 -27.35
N SER E 247 -50.25 12.24 -26.29
CA SER E 247 -50.51 12.86 -25.00
C SER E 247 -49.27 13.47 -24.39
N VAL E 248 -49.49 14.35 -23.42
CA VAL E 248 -48.42 14.99 -22.68
C VAL E 248 -48.69 14.81 -21.19
N ILE E 249 -47.64 14.53 -20.41
CA ILE E 249 -47.70 14.63 -18.97
C ILE E 249 -46.70 15.69 -18.53
N ILE E 250 -47.14 16.65 -17.73
CA ILE E 250 -46.21 17.67 -17.21
C ILE E 250 -45.72 17.31 -15.82
N THR E 251 -44.43 17.05 -15.68
CA THR E 251 -43.85 16.66 -14.40
C THR E 251 -43.41 17.85 -13.58
N LYS E 252 -43.17 17.62 -12.27
CA LYS E 252 -42.58 18.63 -11.39
C LYS E 252 -43.39 19.92 -11.28
N MET E 253 -44.71 19.78 -11.25
CA MET E 253 -45.61 20.93 -11.12
C MET E 253 -45.72 21.36 -9.66
N ASP E 254 -45.21 20.53 -8.76
CA ASP E 254 -45.08 20.94 -7.37
C ASP E 254 -43.98 22.00 -7.22
N GLY E 255 -43.20 22.21 -8.28
CA GLY E 255 -42.17 23.23 -8.29
C GLY E 255 -42.70 24.64 -8.53
N THR E 256 -41.80 25.57 -8.83
CA THR E 256 -42.18 26.97 -9.00
C THR E 256 -42.33 27.37 -10.46
N ALA E 257 -42.04 26.46 -11.38
CA ALA E 257 -42.08 26.80 -12.80
C ALA E 257 -43.49 27.15 -13.26
N LYS E 258 -43.62 28.19 -14.07
CA LYS E 258 -44.92 28.61 -14.58
C LYS E 258 -45.56 27.55 -15.47
N GLY E 259 -44.77 26.97 -16.37
CA GLY E 259 -45.22 25.83 -17.16
C GLY E 259 -45.51 26.14 -18.61
N GLY E 260 -45.25 27.38 -19.02
CA GLY E 260 -45.52 27.82 -20.38
C GLY E 260 -44.87 26.99 -21.48
N GLY E 261 -43.71 26.42 -21.18
CA GLY E 261 -43.03 25.57 -22.14
C GLY E 261 -43.88 24.36 -22.52
N ALA E 262 -44.73 23.93 -21.60
CA ALA E 262 -45.57 22.77 -21.86
C ALA E 262 -46.74 23.16 -22.77
N LEU E 263 -47.18 24.41 -22.65
CA LEU E 263 -48.16 24.94 -23.59
C LEU E 263 -47.54 24.92 -24.98
N SER E 264 -46.28 25.34 -25.08
CA SER E 264 -45.58 25.36 -26.35
C SER E 264 -45.52 23.97 -26.96
N ALA E 265 -45.25 22.97 -26.13
CA ALA E 265 -45.22 21.58 -26.59
C ALA E 265 -46.58 21.12 -27.12
N VAL E 266 -47.67 21.54 -26.48
CA VAL E 266 -49.01 21.18 -26.96
C VAL E 266 -49.29 21.71 -28.36
N VAL E 267 -48.97 22.98 -28.60
CA VAL E 267 -49.22 23.60 -29.91
C VAL E 267 -48.35 22.95 -30.99
N ALA E 268 -47.12 22.59 -30.63
CA ALA E 268 -46.20 21.99 -31.59
C ALA E 268 -46.66 20.61 -32.04
N THR E 269 -47.30 19.88 -31.13
CA THR E 269 -47.69 18.50 -31.38
C THR E 269 -49.19 18.30 -31.61
N GLY E 270 -50.00 19.21 -31.09
CA GLY E 270 -51.45 19.05 -31.12
C GLY E 270 -51.89 17.97 -30.13
N ALA E 271 -51.04 17.68 -29.16
CA ALA E 271 -51.31 16.62 -28.18
C ALA E 271 -52.25 17.04 -27.05
N THR E 272 -52.77 16.06 -26.31
CA THR E 272 -53.61 16.34 -25.15
C THR E 272 -52.81 16.20 -23.87
N ILE E 273 -52.87 17.18 -22.98
CA ILE E 273 -52.28 17.01 -21.65
C ILE E 273 -53.26 16.19 -20.80
N LYS E 274 -52.79 15.07 -20.26
CA LYS E 274 -53.66 14.16 -19.51
C LYS E 274 -53.41 14.23 -18.02
N PHE E 275 -52.14 14.24 -17.62
CA PHE E 275 -51.78 14.25 -16.22
C PHE E 275 -50.72 15.29 -15.90
N ILE E 276 -50.61 15.65 -14.63
CA ILE E 276 -49.41 16.33 -14.11
C ILE E 276 -48.84 15.53 -12.93
N GLY E 277 -47.52 15.59 -12.78
CA GLY E 277 -46.82 15.03 -11.63
C GLY E 277 -46.66 16.11 -10.58
N THR E 278 -46.88 15.76 -9.32
CA THR E 278 -46.87 16.76 -8.25
C THR E 278 -45.96 16.34 -7.10
N GLY E 279 -44.96 15.51 -7.39
CA GLY E 279 -44.02 15.05 -6.37
C GLY E 279 -43.22 13.82 -6.77
N GLU E 280 -42.30 13.41 -5.90
CA GLU E 280 -41.51 12.21 -6.18
C GLU E 280 -42.19 10.89 -5.80
N LYS E 281 -43.19 10.94 -4.92
CA LYS E 281 -43.86 9.71 -4.48
C LYS E 281 -44.81 9.12 -5.54
N ILE E 282 -45.00 7.81 -5.46
CA ILE E 282 -45.64 7.03 -6.50
C ILE E 282 -47.12 7.41 -6.73
N ASP E 283 -47.73 8.05 -5.74
CA ASP E 283 -49.15 8.40 -5.83
C ASP E 283 -49.34 9.84 -6.27
N GLU E 284 -48.23 10.54 -6.50
CA GLU E 284 -48.29 11.97 -6.79
C GLU E 284 -48.49 12.27 -8.29
N LEU E 285 -49.64 11.84 -8.78
CA LEU E 285 -50.03 12.07 -10.17
C LEU E 285 -51.52 12.40 -10.18
N GLU E 286 -51.93 13.33 -11.02
CA GLU E 286 -53.34 13.67 -11.10
C GLU E 286 -53.73 14.19 -12.48
N THR E 287 -55.02 14.13 -12.78
CA THR E 287 -55.53 14.60 -14.05
C THR E 287 -55.32 16.11 -14.24
N PHE E 288 -55.02 16.48 -15.47
CA PHE E 288 -54.80 17.87 -15.83
C PHE E 288 -56.08 18.70 -15.72
N ASN E 289 -55.95 19.90 -15.15
CA ASN E 289 -57.07 20.84 -15.13
C ASN E 289 -56.70 22.10 -15.90
N ALA E 290 -57.35 22.30 -17.05
CA ALA E 290 -57.01 23.38 -17.97
C ALA E 290 -57.20 24.79 -17.42
N LYS E 291 -58.27 25.01 -16.68
CA LYS E 291 -58.55 26.35 -16.16
C LYS E 291 -57.50 26.77 -15.13
N ARG E 292 -57.15 25.83 -14.25
CA ARG E 292 -56.12 26.07 -13.24
C ARG E 292 -54.76 26.32 -13.87
N PHE E 293 -54.49 25.60 -14.96
CA PHE E 293 -53.23 25.73 -15.66
C PHE E 293 -53.09 27.09 -16.33
N VAL E 294 -54.17 27.53 -16.99
CA VAL E 294 -54.18 28.85 -17.63
C VAL E 294 -53.95 29.92 -16.58
N SER E 295 -54.56 29.72 -15.42
CA SER E 295 -54.42 30.63 -14.29
C SER E 295 -52.98 30.69 -13.82
N ARG E 296 -52.36 29.53 -13.71
CA ARG E 296 -50.97 29.39 -13.31
C ARG E 296 -50.05 30.17 -14.26
N ILE E 297 -50.24 29.94 -15.56
CA ILE E 297 -49.50 30.63 -16.61
C ILE E 297 -49.68 32.15 -16.49
N LEU E 298 -50.85 32.55 -15.96
CA LEU E 298 -51.29 33.93 -15.78
C LEU E 298 -51.81 34.54 -17.08
N LEU F 13 -16.58 68.35 -35.47
CA LEU F 13 -16.30 67.50 -36.61
C LEU F 13 -17.58 66.79 -37.07
N LYS F 14 -17.53 66.20 -38.27
CA LYS F 14 -18.68 65.55 -38.86
C LYS F 14 -18.93 64.18 -38.22
N TYR F 15 -19.59 64.19 -37.07
CA TYR F 15 -19.99 62.96 -36.40
C TYR F 15 -21.46 63.05 -36.01
N LYS F 16 -21.97 62.04 -35.32
CA LYS F 16 -23.36 62.01 -34.92
C LYS F 16 -23.54 61.64 -33.45
N THR F 17 -24.52 62.24 -32.80
CA THR F 17 -24.83 61.95 -31.41
C THR F 17 -25.93 60.90 -31.32
N ILE F 18 -25.70 59.83 -30.58
CA ILE F 18 -26.68 58.76 -30.42
C ILE F 18 -27.89 59.23 -29.60
N LYS F 19 -29.08 59.08 -30.17
CA LYS F 19 -30.34 59.40 -29.50
C LYS F 19 -31.17 58.13 -29.31
N GLU F 20 -32.14 58.18 -28.41
CA GLU F 20 -32.95 56.99 -28.09
C GLU F 20 -33.63 56.44 -29.34
N ASP F 21 -34.08 57.33 -30.21
CA ASP F 21 -34.74 56.95 -31.46
C ASP F 21 -33.82 56.12 -32.36
N ASP F 22 -32.52 56.39 -32.31
CA ASP F 22 -31.55 55.61 -33.06
C ASP F 22 -31.42 54.17 -32.53
N LEU F 23 -31.87 53.94 -31.29
CA LEU F 23 -31.59 52.68 -30.60
C LEU F 23 -32.77 51.71 -30.62
N ASN F 24 -33.98 52.21 -30.82
CA ASN F 24 -35.19 51.42 -30.63
C ASN F 24 -35.24 50.08 -31.37
N ASP F 25 -35.01 50.11 -32.68
CA ASP F 25 -35.11 48.88 -33.47
C ASP F 25 -34.09 47.81 -33.09
N VAL F 26 -32.83 48.22 -32.95
CA VAL F 26 -31.78 47.28 -32.61
C VAL F 26 -31.93 46.74 -31.17
N ILE F 27 -32.48 47.57 -30.28
CA ILE F 27 -32.74 47.11 -28.91
C ILE F 27 -33.84 46.05 -28.89
N GLU F 28 -34.83 46.18 -29.75
CA GLU F 28 -35.91 45.19 -29.78
C GLU F 28 -35.44 43.84 -30.33
N GLU F 29 -34.67 43.87 -31.42
CA GLU F 29 -34.10 42.65 -31.98
C GLU F 29 -33.23 41.96 -30.93
N LEU F 30 -32.45 42.75 -30.21
CA LEU F 30 -31.60 42.23 -29.14
C LEU F 30 -32.44 41.61 -28.02
N ARG F 31 -33.57 42.25 -27.70
CA ARG F 31 -34.48 41.73 -26.68
C ARG F 31 -34.98 40.33 -27.01
N PHE F 32 -35.41 40.11 -28.24
CA PHE F 32 -35.89 38.79 -28.63
C PHE F 32 -34.78 37.77 -28.81
N GLN F 33 -33.58 38.24 -29.10
CA GLN F 33 -32.43 37.34 -29.18
C GLN F 33 -32.06 36.84 -27.79
N LEU F 34 -32.08 37.76 -26.82
CA LEU F 34 -31.77 37.42 -25.45
C LEU F 34 -32.86 36.53 -24.83
N LEU F 35 -34.13 36.85 -25.10
CA LEU F 35 -35.24 36.08 -24.57
C LEU F 35 -35.24 34.69 -25.17
N ASP F 36 -34.85 34.59 -26.43
CA ASP F 36 -34.83 33.30 -27.09
C ASP F 36 -33.72 32.42 -26.53
N SER F 37 -32.69 33.06 -25.97
CA SER F 37 -31.55 32.36 -25.39
C SER F 37 -31.77 32.01 -23.93
N ASP F 38 -32.99 32.21 -23.45
CA ASP F 38 -33.35 31.93 -22.06
C ASP F 38 -32.64 32.85 -21.06
N VAL F 39 -32.33 34.08 -21.45
CA VAL F 39 -32.07 35.10 -20.46
C VAL F 39 -33.45 35.57 -20.02
N SER F 40 -33.70 35.56 -18.71
CA SER F 40 -35.03 35.87 -18.20
C SER F 40 -35.46 37.27 -18.61
N TYR F 41 -36.77 37.49 -18.67
CA TYR F 41 -37.33 38.76 -19.12
C TYR F 41 -36.82 39.93 -18.30
N GLU F 42 -36.82 39.80 -16.98
CA GLU F 42 -36.45 40.89 -16.10
C GLU F 42 -34.97 41.24 -16.22
N VAL F 43 -34.13 40.22 -16.40
CA VAL F 43 -32.70 40.44 -16.59
C VAL F 43 -32.45 41.09 -17.94
N THR F 44 -33.13 40.59 -18.97
CA THR F 44 -33.02 41.14 -20.32
C THR F 44 -33.36 42.63 -20.32
N GLU F 45 -34.47 42.97 -19.67
CA GLU F 45 -34.92 44.36 -19.55
C GLU F 45 -33.85 45.27 -18.93
N LYS F 46 -33.29 44.85 -17.80
CA LYS F 46 -32.29 45.65 -17.10
C LYS F 46 -31.02 45.82 -17.94
N ILE F 47 -30.56 44.72 -18.50
CA ILE F 47 -29.36 44.73 -19.33
C ILE F 47 -29.49 45.71 -20.52
N LEU F 48 -30.66 45.68 -21.15
CA LEU F 48 -30.93 46.55 -22.31
C LEU F 48 -31.13 48.03 -21.93
N GLU F 49 -31.66 48.28 -20.74
CA GLU F 49 -31.78 49.64 -20.26
C GLU F 49 -30.40 50.22 -19.96
N ASP F 50 -29.56 49.41 -19.31
CA ASP F 50 -28.17 49.76 -19.07
C ASP F 50 -27.49 50.16 -20.37
N LEU F 51 -27.66 49.32 -21.39
CA LEU F 51 -27.07 49.57 -22.71
C LEU F 51 -27.55 50.87 -23.32
N LYS F 52 -28.86 51.10 -23.28
CA LYS F 52 -29.45 52.29 -23.86
C LYS F 52 -28.92 53.55 -23.16
N ASN F 53 -28.98 53.55 -21.84
CA ASN F 53 -28.50 54.66 -21.03
C ASN F 53 -26.99 54.90 -21.14
N ASN F 54 -26.25 53.86 -21.50
CA ASN F 54 -24.83 54.04 -21.69
C ASN F 54 -24.52 54.72 -23.01
N LEU F 55 -25.34 54.44 -24.03
CA LEU F 55 -25.05 54.89 -25.39
C LEU F 55 -25.63 56.26 -25.75
N ILE F 56 -26.81 56.56 -25.19
CA ILE F 56 -27.47 57.84 -25.47
C ILE F 56 -26.56 58.99 -25.06
N GLY F 57 -26.25 59.87 -26.01
CA GLY F 57 -25.39 61.00 -25.73
C GLY F 57 -23.97 60.77 -26.18
N LYS F 58 -23.64 59.51 -26.49
CA LYS F 58 -22.31 59.19 -27.01
C LYS F 58 -22.18 59.50 -28.51
N LYS F 59 -20.95 59.70 -28.98
CA LYS F 59 -20.70 60.13 -30.36
C LYS F 59 -20.40 58.98 -31.32
N VAL F 60 -20.90 59.11 -32.55
CA VAL F 60 -20.67 58.12 -33.60
C VAL F 60 -20.36 58.83 -34.92
N SER F 61 -19.58 58.18 -35.78
CA SER F 61 -19.29 58.70 -37.11
C SER F 61 -20.55 58.83 -37.96
N ARG F 63 -23.37 57.15 -37.90
CA ARG F 63 -24.79 57.17 -38.20
C ARG F 63 -25.25 55.86 -38.82
N GLU F 64 -24.45 55.33 -39.74
CA GLU F 64 -24.77 54.08 -40.41
C GLU F 64 -24.37 52.90 -39.52
N GLU F 65 -23.35 53.13 -38.70
CA GLU F 65 -22.74 52.08 -37.89
C GLU F 65 -23.29 52.04 -36.47
N VAL F 66 -24.35 52.80 -36.22
CA VAL F 66 -24.95 52.82 -34.89
C VAL F 66 -25.43 51.42 -34.49
N GLU F 67 -26.07 50.72 -35.42
CA GLU F 67 -26.63 49.40 -35.17
C GLU F 67 -25.55 48.42 -34.73
N GLU F 68 -24.39 48.47 -35.36
CA GLU F 68 -23.31 47.55 -35.01
C GLU F 68 -22.62 47.94 -33.71
N ILE F 69 -22.53 49.24 -33.44
CA ILE F 69 -21.94 49.73 -32.19
C ILE F 69 -22.77 49.27 -30.98
N VAL F 70 -24.08 49.22 -31.16
CA VAL F 70 -24.97 48.71 -30.11
C VAL F 70 -24.70 47.23 -29.84
N ILE F 71 -24.62 46.44 -30.90
CA ILE F 71 -24.36 45.01 -30.79
C ILE F 71 -23.05 44.75 -30.06
N ASN F 72 -21.99 45.39 -30.54
CA ASN F 72 -20.65 45.17 -30.00
C ASN F 72 -20.50 45.68 -28.57
N THR F 73 -21.17 46.78 -28.26
CA THR F 73 -21.17 47.31 -26.90
C THR F 73 -21.81 46.30 -25.95
N LEU F 74 -22.93 45.72 -26.35
CA LEU F 74 -23.62 44.70 -25.55
C LEU F 74 -22.78 43.44 -25.37
N LYS F 75 -22.16 42.98 -26.46
CA LYS F 75 -21.28 41.81 -26.38
C LYS F 75 -20.11 42.03 -25.43
N LYS F 76 -19.47 43.20 -25.50
CA LYS F 76 -18.36 43.53 -24.61
C LYS F 76 -18.81 43.61 -23.16
N SER F 77 -19.97 44.22 -22.95
CA SER F 77 -20.54 44.33 -21.61
C SER F 77 -20.85 42.95 -20.99
N ILE F 78 -21.54 42.11 -21.76
CA ILE F 78 -21.83 40.76 -21.30
C ILE F 78 -20.56 39.97 -21.00
N THR F 79 -19.54 40.14 -21.85
CA THR F 79 -18.26 39.48 -21.67
C THR F 79 -17.62 39.89 -20.35
N GLU F 80 -17.72 41.19 -20.03
CA GLU F 80 -17.13 41.72 -18.81
C GLU F 80 -17.91 41.27 -17.58
N ILE F 81 -19.23 41.25 -17.70
CA ILE F 81 -20.11 40.73 -16.64
C ILE F 81 -19.72 39.31 -16.30
N LEU F 82 -19.52 38.50 -17.33
CA LEU F 82 -19.16 37.10 -17.14
C LEU F 82 -17.71 36.91 -16.70
N THR F 83 -16.81 37.76 -17.18
CA THR F 83 -15.38 37.63 -16.84
C THR F 83 -15.14 37.99 -15.38
N LYS F 84 -15.71 39.13 -14.96
CA LYS F 84 -15.60 39.61 -13.59
C LYS F 84 -15.94 38.56 -12.53
N ASN F 85 -16.94 37.73 -12.81
CA ASN F 85 -17.45 36.77 -11.82
C ASN F 85 -16.66 35.47 -11.69
N GLN F 86 -15.85 35.15 -12.69
CA GLN F 86 -14.98 33.98 -12.66
C GLN F 86 -14.12 33.96 -11.39
N LYS F 87 -13.86 32.75 -10.89
CA LYS F 87 -13.04 32.57 -9.70
C LYS F 87 -11.83 31.70 -10.03
N THR F 88 -11.01 31.43 -9.02
CA THR F 88 -9.86 30.54 -9.17
C THR F 88 -10.32 29.15 -9.61
N ASP F 89 -9.55 28.53 -10.51
CA ASP F 89 -9.88 27.19 -10.99
C ASP F 89 -9.95 26.18 -9.84
N LEU F 90 -10.93 25.30 -9.93
CA LEU F 90 -11.24 24.34 -8.88
C LEU F 90 -10.08 23.38 -8.59
N ILE F 91 -9.46 22.86 -9.66
CA ILE F 91 -8.32 21.96 -9.52
C ILE F 91 -7.16 22.63 -8.78
N GLU F 92 -6.87 23.89 -9.10
CA GLU F 92 -5.82 24.58 -8.39
C GLU F 92 -6.27 24.90 -6.97
N LYS F 93 -7.55 25.21 -6.82
CA LYS F 93 -8.15 25.44 -5.51
C LYS F 93 -7.99 24.19 -4.62
N ILE F 94 -8.31 23.03 -5.20
CA ILE F 94 -8.16 21.75 -4.50
C ILE F 94 -6.71 21.52 -4.06
N ARG F 95 -5.76 21.73 -4.97
CA ARG F 95 -4.35 21.56 -4.66
C ARG F 95 -3.87 22.61 -3.67
N SER F 96 -4.19 23.88 -3.95
CA SER F 96 -3.69 24.98 -3.13
C SER F 96 -4.20 24.94 -1.69
N SER F 97 -5.32 24.26 -1.47
CA SER F 97 -5.84 24.11 -0.12
C SER F 97 -5.20 22.88 0.52
N GLY F 98 -4.84 22.99 1.79
CA GLY F 98 -4.24 21.89 2.52
C GLY F 98 -5.27 21.03 3.23
N LYS F 99 -6.52 21.13 2.79
CA LYS F 99 -7.57 20.29 3.34
C LYS F 99 -7.46 18.90 2.74
N LYS F 100 -7.52 17.88 3.58
CA LYS F 100 -7.48 16.49 3.14
C LYS F 100 -8.43 15.66 4.01
N PRO F 101 -9.53 15.18 3.42
CA PRO F 101 -9.84 15.38 2.00
C PRO F 101 -10.49 16.72 1.73
N PHE F 102 -10.46 17.14 0.46
CA PHE F 102 -11.16 18.33 0.04
C PHE F 102 -12.58 17.84 -0.28
N VAL F 103 -13.59 18.45 0.33
CA VAL F 103 -14.96 17.93 0.23
C VAL F 103 -15.85 18.80 -0.66
N ILE F 104 -16.40 18.17 -1.69
CA ILE F 104 -17.28 18.85 -2.64
C ILE F 104 -18.67 18.21 -2.61
N ILE F 105 -19.70 19.04 -2.51
CA ILE F 105 -21.07 18.56 -2.54
C ILE F 105 -21.79 19.10 -3.76
N PHE F 106 -22.72 18.31 -4.31
CA PHE F 106 -23.50 18.66 -5.49
C PHE F 106 -24.97 18.62 -5.14
N PHE F 107 -25.70 19.68 -5.47
CA PHE F 107 -27.16 19.67 -5.26
C PHE F 107 -27.94 20.42 -6.35
N GLY F 108 -29.26 20.29 -6.33
CA GLY F 108 -30.08 20.88 -7.37
C GLY F 108 -31.41 20.17 -7.45
N VAL F 109 -32.32 20.68 -8.28
CA VAL F 109 -33.65 20.08 -8.36
C VAL F 109 -33.62 18.76 -9.11
N ASN F 110 -34.74 18.04 -9.08
CA ASN F 110 -34.79 16.70 -9.64
C ASN F 110 -34.51 16.61 -11.13
N GLY F 111 -33.64 15.66 -11.49
CA GLY F 111 -33.37 15.29 -12.86
C GLY F 111 -32.38 16.16 -13.64
N VAL F 112 -31.84 17.18 -12.99
CA VAL F 112 -30.98 18.17 -13.69
C VAL F 112 -29.62 17.61 -14.17
N GLY F 113 -29.16 16.50 -13.59
CA GLY F 113 -27.88 15.91 -13.96
C GLY F 113 -26.79 15.79 -12.88
N LYS F 114 -27.17 15.86 -11.61
CA LYS F 114 -26.20 15.79 -10.50
C LYS F 114 -25.30 14.54 -10.53
N THR F 115 -25.94 13.38 -10.59
CA THR F 115 -25.24 12.10 -10.49
C THR F 115 -24.28 11.88 -11.67
N THR F 116 -24.74 12.22 -12.86
CA THR F 116 -23.93 12.06 -14.05
C THR F 116 -22.74 13.05 -14.06
N THR F 117 -22.97 14.24 -13.50
CA THR F 117 -21.93 15.26 -13.48
C THR F 117 -20.84 14.87 -12.50
N ILE F 118 -21.22 14.24 -11.38
CA ILE F 118 -20.23 13.74 -10.44
C ILE F 118 -19.28 12.76 -11.13
N ALA F 119 -19.85 11.89 -11.95
CA ALA F 119 -19.04 10.94 -12.73
C ALA F 119 -18.05 11.66 -13.64
N LYS F 120 -18.50 12.73 -14.27
CA LYS F 120 -17.64 13.51 -15.14
C LYS F 120 -16.54 14.17 -14.33
N VAL F 121 -16.89 14.65 -13.15
CA VAL F 121 -15.93 15.33 -12.30
C VAL F 121 -14.88 14.34 -11.81
N VAL F 122 -15.29 13.10 -11.49
CA VAL F 122 -14.32 12.08 -11.10
C VAL F 122 -13.32 11.86 -12.22
N ASN F 123 -13.86 11.69 -13.43
CA ASN F 123 -13.01 11.48 -14.60
C ASN F 123 -11.96 12.59 -14.74
N MET F 124 -12.37 13.83 -14.48
CA MET F 124 -11.46 14.96 -14.60
C MET F 124 -10.39 14.97 -13.50
N LEU F 125 -10.81 14.72 -12.26
CA LEU F 125 -9.88 14.67 -11.13
C LEU F 125 -8.81 13.59 -11.31
N LYS F 126 -9.20 12.47 -11.92
CA LYS F 126 -8.29 11.36 -12.20
C LYS F 126 -7.22 11.76 -13.20
N LYS F 127 -7.61 12.54 -14.19
CA LYS F 127 -6.65 13.07 -15.16
C LYS F 127 -5.69 14.07 -14.52
N ASN F 128 -6.08 14.62 -13.38
CA ASN F 128 -5.24 15.58 -12.67
C ASN F 128 -4.51 14.97 -11.48
N ASN F 129 -4.45 13.65 -11.45
CA ASN F 129 -3.74 12.91 -10.41
C ASN F 129 -4.30 13.11 -9.00
N LEU F 130 -5.61 13.32 -8.89
CA LEU F 130 -6.24 13.46 -7.60
C LEU F 130 -7.08 12.25 -7.28
N SER F 131 -6.81 11.59 -6.17
CA SER F 131 -7.62 10.44 -5.75
C SER F 131 -8.98 10.91 -5.24
N THR F 132 -10.01 10.14 -5.56
CA THR F 132 -11.37 10.55 -5.23
C THR F 132 -12.19 9.38 -4.71
N ILE F 133 -13.14 9.68 -3.84
CA ILE F 133 -14.15 8.71 -3.46
C ILE F 133 -15.49 9.41 -3.52
N ILE F 134 -16.55 8.61 -3.70
CA ILE F 134 -17.88 9.18 -3.86
C ILE F 134 -18.74 8.74 -2.68
N ALA F 135 -19.47 9.70 -2.12
CA ALA F 135 -20.46 9.40 -1.10
C ALA F 135 -21.84 9.28 -1.76
N ALA F 136 -22.49 8.13 -1.61
CA ALA F 136 -23.81 7.93 -2.22
C ALA F 136 -24.88 8.46 -1.28
N SER F 137 -24.98 9.78 -1.16
CA SER F 137 -25.84 10.38 -0.15
C SER F 137 -27.25 10.74 -0.67
N ASP F 138 -27.62 10.20 -1.83
CA ASP F 138 -29.04 10.15 -2.23
C ASP F 138 -29.55 8.83 -1.71
N THR F 139 -30.25 8.87 -0.58
CA THR F 139 -30.71 7.65 0.06
C THR F 139 -32.20 7.44 -0.18
N PHE F 140 -32.77 8.22 -1.10
CA PHE F 140 -34.22 8.19 -1.29
C PHE F 140 -34.68 7.52 -2.58
N ARG F 141 -34.13 7.96 -3.71
CA ARG F 141 -34.71 7.62 -5.00
C ARG F 141 -34.35 6.20 -5.43
N ALA F 142 -35.28 5.55 -6.12
CA ALA F 142 -35.06 4.21 -6.66
C ALA F 142 -33.77 4.13 -7.49
N ALA F 143 -32.95 3.14 -7.17
CA ALA F 143 -31.72 2.84 -7.89
C ALA F 143 -30.63 3.91 -7.80
N ALA F 144 -30.77 4.83 -6.85
CA ALA F 144 -29.79 5.92 -6.72
C ALA F 144 -28.40 5.37 -6.43
N GLN F 145 -28.34 4.39 -5.54
CA GLN F 145 -27.06 3.77 -5.18
C GLN F 145 -26.50 2.94 -6.34
N GLU F 146 -27.38 2.18 -6.99
CA GLU F 146 -26.99 1.32 -8.09
C GLU F 146 -26.46 2.09 -9.31
N GLN F 147 -27.05 3.26 -9.55
CA GLN F 147 -26.67 4.09 -10.67
C GLN F 147 -25.25 4.59 -10.42
N LEU F 148 -25.01 5.03 -9.20
CA LEU F 148 -23.70 5.52 -8.79
C LEU F 148 -22.70 4.36 -8.71
N ALA F 149 -23.19 3.16 -8.35
CA ALA F 149 -22.31 2.00 -8.30
C ALA F 149 -21.75 1.64 -9.68
N TYR F 150 -22.58 1.71 -10.71
CA TYR F 150 -22.11 1.50 -12.08
C TYR F 150 -20.96 2.46 -12.45
N HIS F 151 -21.15 3.75 -12.19
CA HIS F 151 -20.14 4.75 -12.55
C HIS F 151 -18.85 4.56 -11.77
N ALA F 152 -18.96 4.36 -10.46
CA ALA F 152 -17.80 4.13 -9.60
C ALA F 152 -16.95 2.95 -10.07
N SER F 153 -17.62 1.87 -10.45
CA SER F 153 -16.94 0.67 -10.95
C SER F 153 -16.22 0.96 -12.27
N LYS F 154 -16.90 1.67 -13.16
CA LYS F 154 -16.35 2.02 -14.46
C LYS F 154 -15.11 2.93 -14.32
N LEU F 155 -15.20 3.86 -13.38
CA LEU F 155 -14.13 4.83 -13.13
C LEU F 155 -13.06 4.31 -12.18
N GLU F 156 -13.31 3.15 -11.59
CA GLU F 156 -12.37 2.52 -10.66
C GLU F 156 -12.08 3.36 -9.42
N VAL F 157 -13.14 3.88 -8.78
CA VAL F 157 -13.00 4.68 -7.58
C VAL F 157 -13.93 4.13 -6.49
N GLN F 158 -13.58 4.40 -5.24
CA GLN F 158 -14.36 3.91 -4.10
C GLN F 158 -15.73 4.59 -4.00
N LEU F 159 -16.74 3.81 -3.67
CA LEU F 159 -18.09 4.32 -3.45
C LEU F 159 -18.48 3.94 -2.03
N ILE F 160 -18.90 4.93 -1.26
CA ILE F 160 -19.40 4.68 0.08
C ILE F 160 -20.92 4.75 0.05
N ARG F 161 -21.56 3.61 0.31
CA ARG F 161 -23.00 3.47 0.20
C ARG F 161 -23.68 3.65 1.54
N GLY F 162 -24.96 4.01 1.50
CA GLY F 162 -25.74 4.13 2.71
C GLY F 162 -26.22 2.77 3.17
N LYS F 163 -25.81 2.38 4.37
CA LYS F 163 -26.26 1.11 4.94
C LYS F 163 -27.76 1.15 5.22
N TYR F 164 -28.33 0.01 5.60
CA TYR F 164 -29.78 -0.09 5.77
C TYR F 164 -30.31 0.92 6.81
N GLY F 165 -31.00 1.94 6.31
CA GLY F 165 -31.58 2.96 7.16
C GLY F 165 -30.79 4.26 7.20
N ALA F 166 -29.61 4.26 6.58
CA ALA F 166 -28.71 5.42 6.62
C ALA F 166 -29.31 6.66 5.93
N ASP F 167 -29.19 7.80 6.59
CA ASP F 167 -29.61 9.07 6.01
C ASP F 167 -28.40 9.70 5.28
N PRO F 168 -28.65 10.70 4.42
CA PRO F 168 -27.56 11.31 3.64
C PRO F 168 -26.34 11.74 4.47
N ALA F 169 -26.60 12.38 5.60
CA ALA F 169 -25.54 12.92 6.45
C ALA F 169 -24.58 11.83 6.97
N SER F 170 -25.13 10.68 7.38
CA SER F 170 -24.32 9.60 7.89
C SER F 170 -23.47 8.97 6.79
N VAL F 171 -23.99 8.94 5.57
CA VAL F 171 -23.20 8.44 4.44
C VAL F 171 -22.04 9.40 4.16
N ALA F 172 -22.34 10.69 4.13
CA ALA F 172 -21.33 11.70 3.88
C ALA F 172 -20.23 11.64 4.96
N PHE F 173 -20.61 11.34 6.20
CA PHE F 173 -19.63 11.22 7.28
C PHE F 173 -18.73 9.99 7.11
N ASP F 174 -19.33 8.89 6.71
CA ASP F 174 -18.60 7.65 6.52
C ASP F 174 -17.57 7.81 5.40
N ALA F 175 -17.95 8.53 4.35
CA ALA F 175 -17.05 8.72 3.23
C ALA F 175 -15.85 9.57 3.66
N ILE F 176 -16.13 10.60 4.44
CA ILE F 176 -15.08 11.50 4.88
C ILE F 176 -14.10 10.79 5.82
N SER F 177 -14.65 9.96 6.72
CA SER F 177 -13.81 9.20 7.64
C SER F 177 -12.93 8.20 6.89
N PHE F 178 -13.53 7.48 5.93
CA PHE F 178 -12.78 6.56 5.09
C PHE F 178 -11.69 7.29 4.28
N ALA F 179 -12.02 8.45 3.75
CA ALA F 179 -11.06 9.26 2.98
C ALA F 179 -9.83 9.62 3.80
N LYS F 180 -10.05 10.07 5.03
CA LYS F 180 -8.96 10.40 5.94
C LYS F 180 -8.05 9.21 6.24
N SER F 181 -8.65 8.05 6.48
CA SER F 181 -7.88 6.87 6.86
C SER F 181 -7.07 6.35 5.69
N ARG F 182 -7.55 6.61 4.48
CA ARG F 182 -6.88 6.17 3.27
C ARG F 182 -6.09 7.29 2.59
N ASN F 183 -6.11 8.48 3.19
CA ASN F 183 -5.42 9.64 2.67
C ASN F 183 -5.82 9.97 1.22
N ILE F 184 -7.13 9.99 0.97
CA ILE F 184 -7.75 10.30 -0.32
C ILE F 184 -7.88 11.81 -0.50
N ASP F 185 -7.58 12.31 -1.70
CA ASP F 185 -7.59 13.75 -1.95
C ASP F 185 -8.96 14.41 -1.82
N VAL F 186 -9.97 13.81 -2.47
CA VAL F 186 -11.27 14.44 -2.65
C VAL F 186 -12.44 13.51 -2.30
N VAL F 187 -13.43 14.05 -1.58
CA VAL F 187 -14.72 13.39 -1.43
C VAL F 187 -15.78 14.15 -2.24
N LEU F 188 -16.49 13.46 -3.11
CA LEU F 188 -17.62 14.05 -3.85
C LEU F 188 -18.93 13.50 -3.31
N ILE F 189 -19.85 14.40 -2.93
CA ILE F 189 -21.08 13.98 -2.29
C ILE F 189 -22.27 14.18 -3.22
N ASP F 190 -22.94 13.08 -3.56
CA ASP F 190 -24.16 13.12 -4.37
C ASP F 190 -25.33 13.33 -3.43
N THR F 191 -26.31 14.11 -3.83
CA THR F 191 -27.49 14.28 -3.01
C THR F 191 -28.74 14.09 -3.86
N ALA F 192 -29.85 13.78 -3.20
CA ALA F 192 -31.10 13.54 -3.92
C ALA F 192 -31.60 14.84 -4.54
N GLY F 193 -32.36 14.73 -5.62
CA GLY F 193 -33.01 15.91 -6.16
C GLY F 193 -33.95 16.48 -5.12
N ARG F 194 -34.05 17.80 -5.04
CA ARG F 194 -34.97 18.44 -4.12
C ARG F 194 -35.41 19.78 -4.69
N MET F 195 -36.67 20.12 -4.49
CA MET F 195 -37.15 21.45 -4.86
C MET F 195 -36.64 22.46 -3.85
N HIS F 196 -36.28 23.64 -4.36
CA HIS F 196 -35.79 24.73 -3.53
C HIS F 196 -36.83 25.25 -2.51
N ILE F 197 -38.11 24.94 -2.73
CA ILE F 197 -39.17 25.39 -1.83
C ILE F 197 -39.68 24.27 -0.92
N ASP F 198 -38.98 23.14 -0.95
CA ASP F 198 -39.31 22.01 -0.10
C ASP F 198 -38.55 22.17 1.21
N SER F 199 -39.22 22.69 2.23
CA SER F 199 -38.56 23.00 3.50
C SER F 199 -37.91 21.78 4.16
N ASP F 200 -38.63 20.66 4.20
CA ASP F 200 -38.09 19.43 4.77
C ASP F 200 -36.80 19.01 4.07
N LEU F 201 -36.79 19.03 2.74
CA LEU F 201 -35.62 18.57 2.01
C LEU F 201 -34.44 19.55 2.08
N VAL F 202 -34.73 20.84 2.23
CA VAL F 202 -33.68 21.84 2.38
C VAL F 202 -33.00 21.67 3.73
N GLU F 203 -33.80 21.43 4.77
CA GLU F 203 -33.24 21.12 6.08
C GLU F 203 -32.43 19.82 6.06
N GLU F 204 -32.87 18.86 5.26
CA GLU F 204 -32.08 17.63 5.08
C GLU F 204 -30.72 17.98 4.49
N LEU F 205 -30.72 18.84 3.48
CA LEU F 205 -29.49 19.27 2.84
C LEU F 205 -28.58 19.96 3.84
N LYS F 206 -29.16 20.86 4.64
CA LYS F 206 -28.39 21.59 5.63
C LYS F 206 -27.73 20.66 6.63
N LYS F 207 -28.39 19.56 6.98
CA LYS F 207 -27.82 18.60 7.92
C LYS F 207 -26.57 17.98 7.32
N VAL F 208 -26.66 17.65 6.03
CA VAL F 208 -25.49 17.12 5.33
C VAL F 208 -24.35 18.15 5.30
N LEU F 209 -24.70 19.42 5.08
CA LEU F 209 -23.68 20.49 5.09
C LEU F 209 -22.96 20.63 6.43
N ARG F 210 -23.73 20.61 7.52
CA ARG F 210 -23.14 20.74 8.86
C ARG F 210 -22.20 19.59 9.16
N ILE F 211 -22.63 18.38 8.82
CA ILE F 211 -21.86 17.19 9.16
C ILE F 211 -20.62 17.05 8.26
N ALA F 212 -20.76 17.41 6.99
CA ALA F 212 -19.69 17.21 6.01
C ALA F 212 -18.76 18.40 5.87
N LYS F 213 -19.23 19.59 6.25
CA LYS F 213 -18.45 20.82 6.16
C LYS F 213 -17.71 20.92 4.84
N PRO F 214 -18.45 21.06 3.74
CA PRO F 214 -17.82 21.02 2.41
C PRO F 214 -16.93 22.22 2.15
N ASP F 215 -15.92 22.00 1.32
CA ASP F 215 -15.00 23.06 0.95
C ASP F 215 -15.48 23.75 -0.33
N PHE F 216 -16.42 23.11 -1.03
CA PHE F 216 -16.95 23.68 -2.26
C PHE F 216 -18.34 23.12 -2.49
N ARG F 217 -19.29 23.99 -2.71
CA ARG F 217 -20.67 23.57 -2.94
C ARG F 217 -21.05 23.93 -4.37
N ILE F 218 -21.59 22.96 -5.10
CA ILE F 218 -21.93 23.17 -6.50
C ILE F 218 -23.41 22.96 -6.75
N LEU F 219 -24.08 23.98 -7.28
CA LEU F 219 -25.48 23.86 -7.69
C LEU F 219 -25.51 23.41 -9.13
N ILE F 220 -26.36 22.44 -9.43
CA ILE F 220 -26.50 21.94 -10.79
C ILE F 220 -27.78 22.51 -11.42
N LEU F 221 -27.63 23.15 -12.58
CA LEU F 221 -28.78 23.69 -13.30
C LEU F 221 -28.88 23.07 -14.67
N ASP F 222 -30.13 22.92 -15.14
CA ASP F 222 -30.43 22.33 -16.44
C ASP F 222 -30.51 23.45 -17.44
N SER F 223 -29.64 23.42 -18.46
CA SER F 223 -29.62 24.52 -19.44
C SER F 223 -30.88 24.59 -20.31
N LEU F 224 -31.69 23.54 -20.29
CA LEU F 224 -32.93 23.54 -21.08
C LEU F 224 -34.05 24.30 -20.38
N ALA F 225 -33.89 24.53 -19.08
CA ALA F 225 -34.91 25.23 -18.31
C ALA F 225 -34.91 26.72 -18.62
N GLY F 226 -36.10 27.31 -18.55
CA GLY F 226 -36.27 28.73 -18.80
C GLY F 226 -36.16 29.53 -17.52
N SER F 227 -37.14 30.41 -17.29
CA SER F 227 -37.06 31.37 -16.17
C SER F 227 -36.91 30.72 -14.79
N ASP F 228 -37.38 29.49 -14.64
CA ASP F 228 -37.33 28.84 -13.32
C ASP F 228 -35.92 28.53 -12.87
N ALA F 229 -35.00 28.40 -13.83
CA ALA F 229 -33.59 28.19 -13.53
C ALA F 229 -33.00 29.29 -12.65
N LEU F 230 -33.36 30.54 -12.93
CA LEU F 230 -32.91 31.66 -12.12
C LEU F 230 -33.61 31.64 -10.77
N GLU F 231 -34.87 31.24 -10.76
CA GLU F 231 -35.62 31.10 -9.52
C GLU F 231 -34.99 30.04 -8.59
N GLN F 232 -34.63 28.89 -9.15
CA GLN F 232 -33.91 27.86 -8.40
C GLN F 232 -32.64 28.46 -7.79
N ALA F 233 -31.81 29.04 -8.66
CA ALA F 233 -30.56 29.66 -8.24
C ALA F 233 -30.72 30.69 -7.11
N ARG F 234 -31.77 31.51 -7.18
CA ARG F 234 -32.03 32.52 -6.16
C ARG F 234 -32.35 31.88 -4.80
N HIS F 235 -33.34 30.99 -4.81
CA HIS F 235 -33.81 30.34 -3.58
C HIS F 235 -32.74 29.51 -2.87
N PHE F 236 -31.98 28.73 -3.64
CA PHE F 236 -30.91 27.93 -3.08
C PHE F 236 -29.83 28.81 -2.47
N GLU F 237 -29.55 29.95 -3.08
CA GLU F 237 -28.60 30.89 -2.50
C GLU F 237 -29.12 31.45 -1.17
N ASN F 238 -30.38 31.84 -1.13
CA ASN F 238 -30.98 32.36 0.09
C ASN F 238 -31.03 31.31 1.19
N ASN F 239 -31.49 30.12 0.83
CA ASN F 239 -31.75 29.05 1.80
C ASN F 239 -30.50 28.27 2.20
N VAL F 240 -29.57 28.12 1.26
CA VAL F 240 -28.46 27.20 1.43
C VAL F 240 -27.12 27.87 1.13
N GLY F 241 -26.99 28.45 -0.06
CA GLY F 241 -25.75 29.07 -0.47
C GLY F 241 -24.88 28.07 -1.22
N TYR F 242 -24.23 28.52 -2.29
CA TYR F 242 -23.31 27.69 -3.05
C TYR F 242 -22.19 28.55 -3.63
N ASP F 243 -21.13 27.91 -4.08
CA ASP F 243 -19.96 28.63 -4.59
C ASP F 243 -19.99 28.79 -6.10
N ALA F 244 -20.53 27.79 -6.79
CA ALA F 244 -20.52 27.80 -8.23
C ALA F 244 -21.64 26.94 -8.79
N VAL F 245 -21.75 26.95 -10.12
CA VAL F 245 -22.77 26.26 -10.85
C VAL F 245 -22.13 25.45 -11.98
N ILE F 246 -22.64 24.24 -12.20
CA ILE F 246 -22.37 23.51 -13.43
C ILE F 246 -23.69 23.45 -14.20
N LEU F 247 -23.64 23.82 -15.47
CA LEU F 247 -24.80 23.83 -16.36
C LEU F 247 -24.79 22.58 -17.20
N THR F 248 -25.90 21.85 -17.22
CA THR F 248 -25.97 20.56 -17.91
C THR F 248 -26.79 20.62 -19.20
N LYS F 249 -26.60 19.61 -20.04
CA LYS F 249 -27.42 19.38 -21.25
C LYS F 249 -27.33 20.49 -22.29
N VAL F 250 -26.18 21.15 -22.34
CA VAL F 250 -25.94 22.24 -23.27
C VAL F 250 -25.93 21.68 -24.70
N ASP F 251 -25.62 20.40 -24.82
CA ASP F 251 -25.64 19.73 -26.12
C ASP F 251 -27.06 19.66 -26.76
N ALA F 252 -28.10 19.96 -25.99
CA ALA F 252 -29.47 19.99 -26.53
C ALA F 252 -29.75 21.32 -27.23
N ASP F 253 -28.72 21.90 -27.85
CA ASP F 253 -28.84 23.17 -28.54
C ASP F 253 -29.50 24.26 -27.68
N ALA F 254 -29.29 24.18 -26.37
CA ALA F 254 -29.75 25.21 -25.45
C ALA F 254 -28.67 26.28 -25.37
N LYS F 255 -29.07 27.55 -25.41
CA LYS F 255 -28.11 28.65 -25.49
C LYS F 255 -27.43 28.92 -24.15
N GLY F 256 -28.14 28.62 -23.06
CA GLY F 256 -27.56 28.77 -21.74
C GLY F 256 -27.57 30.19 -21.19
N GLY F 257 -28.61 30.97 -21.50
CA GLY F 257 -28.71 32.33 -21.01
C GLY F 257 -28.68 32.48 -19.49
N ILE F 258 -29.05 31.43 -18.77
CA ILE F 258 -28.97 31.43 -17.31
C ILE F 258 -27.59 31.85 -16.78
N ALA F 259 -26.53 31.56 -17.54
CA ALA F 259 -25.18 31.92 -17.11
C ALA F 259 -25.00 33.42 -16.97
N LEU F 260 -25.69 34.18 -17.83
CA LEU F 260 -25.67 35.64 -17.73
C LEU F 260 -26.50 36.10 -16.55
N SER F 261 -27.70 35.53 -16.41
CA SER F 261 -28.60 35.90 -15.32
C SER F 261 -27.92 35.63 -13.98
N LEU F 262 -27.20 34.52 -13.90
CA LEU F 262 -26.47 34.15 -12.69
C LEU F 262 -25.45 35.22 -12.32
N ALA F 263 -24.58 35.55 -13.27
CA ALA F 263 -23.55 36.56 -13.05
C ALA F 263 -24.17 37.93 -12.76
N TYR F 264 -25.15 38.32 -13.57
CA TYR F 264 -25.76 39.65 -13.44
C TYR F 264 -26.55 39.81 -12.14
N GLU F 265 -27.40 38.84 -11.81
CA GLU F 265 -28.28 38.97 -10.64
C GLU F 265 -27.65 38.46 -9.34
N LEU F 266 -26.89 37.39 -9.43
CA LEU F 266 -26.43 36.67 -8.25
C LEU F 266 -24.92 36.70 -8.03
N LYS F 267 -24.19 37.16 -9.05
CA LYS F 267 -22.72 37.15 -9.03
C LYS F 267 -22.15 35.75 -8.80
N LYS F 268 -22.83 34.73 -9.34
CA LYS F 268 -22.34 33.36 -9.26
C LYS F 268 -21.77 32.91 -10.61
N PRO F 269 -20.61 32.23 -10.58
CA PRO F 269 -19.96 31.72 -11.79
C PRO F 269 -20.46 30.33 -12.21
N VAL F 270 -20.44 30.10 -13.52
CA VAL F 270 -20.54 28.75 -14.07
C VAL F 270 -19.11 28.26 -14.21
N VAL F 271 -18.81 27.07 -13.67
CA VAL F 271 -17.42 26.59 -13.74
C VAL F 271 -17.20 25.53 -14.80
N TYR F 272 -18.24 24.75 -15.10
CA TYR F 272 -18.16 23.76 -16.16
C TYR F 272 -19.53 23.67 -16.83
N MET F 273 -19.56 23.13 -18.04
CA MET F 273 -20.82 22.82 -18.70
C MET F 273 -20.84 21.37 -19.17
N GLY F 274 -21.98 20.71 -18.97
CA GLY F 274 -22.19 19.34 -19.44
C GLY F 274 -22.64 19.33 -20.88
N VAL F 275 -21.96 18.58 -21.75
CA VAL F 275 -22.32 18.55 -23.16
C VAL F 275 -22.57 17.12 -23.70
N GLY F 276 -23.09 16.24 -22.85
CA GLY F 276 -23.41 14.89 -23.28
C GLY F 276 -23.53 13.94 -22.10
N GLN F 277 -23.61 12.65 -22.39
CA GLN F 277 -23.77 11.65 -21.34
C GLN F 277 -22.50 10.84 -21.04
N ASN F 278 -21.44 11.09 -21.78
CA ASN F 278 -20.14 10.43 -21.58
C ASN F 278 -19.26 11.19 -20.57
N TYR F 279 -18.26 10.50 -20.00
CA TYR F 279 -17.47 11.07 -18.90
C TYR F 279 -16.69 12.30 -19.34
N ASP F 280 -16.24 12.30 -20.59
CA ASP F 280 -15.43 13.40 -21.13
C ASP F 280 -16.27 14.63 -21.51
N ASP F 281 -17.59 14.48 -21.46
CA ASP F 281 -18.51 15.53 -21.93
C ASP F 281 -18.68 16.67 -20.95
N LEU F 282 -17.56 17.26 -20.55
CA LEU F 282 -17.58 18.38 -19.62
C LEU F 282 -16.53 19.37 -20.12
N ILE F 283 -16.89 20.64 -20.23
CA ILE F 283 -15.96 21.66 -20.71
C ILE F 283 -15.92 22.87 -19.76
N PRO F 284 -14.74 23.48 -19.58
CA PRO F 284 -14.66 24.65 -18.71
C PRO F 284 -15.53 25.77 -19.28
N PHE F 285 -16.05 26.63 -18.42
CA PHE F 285 -16.90 27.72 -18.90
C PHE F 285 -16.04 28.85 -19.46
N SER F 286 -16.50 29.39 -20.59
CA SER F 286 -15.77 30.43 -21.30
C SER F 286 -16.70 31.57 -21.69
N PRO F 287 -16.43 32.78 -21.19
CA PRO F 287 -17.21 33.97 -21.53
C PRO F 287 -17.32 34.17 -23.03
N ASP F 288 -16.20 34.10 -23.74
CA ASP F 288 -16.20 34.20 -25.20
C ASP F 288 -17.08 33.13 -25.85
N TRP F 289 -16.86 31.88 -25.47
CA TRP F 289 -17.63 30.75 -25.99
C TRP F 289 -19.12 30.99 -25.79
N PHE F 290 -19.44 31.66 -24.69
CA PHE F 290 -20.82 31.87 -24.29
C PHE F 290 -21.48 32.99 -25.10
N VAL F 291 -20.81 34.13 -25.19
CA VAL F 291 -21.36 35.26 -25.94
C VAL F 291 -21.60 34.89 -27.40
N GLU F 292 -20.69 34.12 -27.96
CA GLU F 292 -20.84 33.63 -29.33
C GLU F 292 -22.02 32.67 -29.45
N ARG F 293 -22.30 31.93 -28.39
CA ARG F 293 -23.45 31.01 -28.40
C ARG F 293 -24.78 31.75 -28.29
N ILE F 294 -24.85 32.72 -27.39
CA ILE F 294 -26.07 33.48 -27.14
C ILE F 294 -26.51 34.32 -28.34
N PHE F 295 -25.54 34.80 -29.12
CA PHE F 295 -25.84 35.59 -30.31
C PHE F 295 -25.70 34.77 -31.57
N SER F 296 -25.68 33.45 -31.42
CA SER F 296 -25.54 32.51 -32.53
C SER F 296 -24.26 32.75 -33.33
N SER G 22 8.67 69.43 -12.51
CA SER G 22 7.89 68.41 -11.82
C SER G 22 6.73 69.02 -11.04
N THR G 23 5.54 68.45 -11.20
CA THR G 23 4.34 68.90 -10.49
C THR G 23 4.44 68.55 -9.01
N PRO G 24 3.58 69.15 -8.16
CA PRO G 24 3.54 68.75 -6.75
C PRO G 24 3.27 67.25 -6.54
N TYR G 25 2.38 66.65 -7.33
CA TYR G 25 2.13 65.21 -7.19
C TYR G 25 3.37 64.38 -7.54
N GLU G 26 4.02 64.75 -8.65
CA GLU G 26 5.20 64.02 -9.12
C GLU G 26 6.34 64.05 -8.08
N LYS G 27 6.51 65.19 -7.43
CA LYS G 27 7.47 65.34 -6.34
C LYS G 27 7.13 64.43 -5.15
N ALA G 28 5.85 64.38 -4.77
CA ALA G 28 5.40 63.48 -3.70
C ALA G 28 5.73 62.03 -4.03
N VAL G 29 5.53 61.66 -5.30
CA VAL G 29 5.86 60.31 -5.74
C VAL G 29 7.37 60.05 -5.64
N ASP G 30 8.17 61.00 -6.12
CA ASP G 30 9.63 60.90 -6.06
C ASP G 30 10.14 60.73 -4.64
N GLU G 31 9.55 61.48 -3.71
CA GLU G 31 9.95 61.40 -2.30
C GLU G 31 9.61 60.03 -1.72
N PHE G 32 8.43 59.52 -2.09
CA PHE G 32 8.01 58.19 -1.66
C PHE G 32 8.95 57.12 -2.23
N ILE G 33 9.25 57.24 -3.51
CA ILE G 33 10.09 56.28 -4.22
C ILE G 33 11.50 56.24 -3.64
N LYS G 34 12.05 57.42 -3.33
CA LYS G 34 13.37 57.51 -2.73
C LYS G 34 13.43 56.80 -1.38
N ASP G 35 12.38 56.95 -0.57
CA ASP G 35 12.36 56.30 0.74
C ASP G 35 12.23 54.79 0.57
N LEU G 36 11.44 54.39 -0.42
CA LEU G 36 11.22 52.99 -0.74
C LEU G 36 12.50 52.30 -1.19
N GLN G 37 13.34 53.01 -1.94
CA GLN G 37 14.62 52.45 -2.38
C GLN G 37 15.56 52.19 -1.20
N LYS G 38 15.70 53.16 -0.31
CA LYS G 38 16.54 52.99 0.89
C LYS G 38 16.09 51.79 1.72
N SER G 39 14.77 51.67 1.88
CA SER G 39 14.15 50.63 2.67
C SER G 39 14.42 49.22 2.10
N LEU G 40 14.26 49.07 0.79
CA LEU G 40 14.46 47.77 0.14
C LEU G 40 15.94 47.36 0.10
N ILE G 41 16.82 48.32 -0.20
CA ILE G 41 18.25 48.06 -0.21
C ILE G 41 18.75 47.67 1.20
N SER G 42 18.24 48.37 2.21
CA SER G 42 18.58 48.09 3.60
C SER G 42 18.11 46.70 4.04
N SER G 43 17.08 46.19 3.36
CA SER G 43 16.55 44.86 3.65
C SER G 43 17.20 43.79 2.77
N ASP G 44 18.25 44.20 2.06
CA ASP G 44 19.11 43.29 1.28
C ASP G 44 18.55 42.80 -0.04
N VAL G 45 17.57 43.52 -0.57
CA VAL G 45 17.14 43.23 -1.93
C VAL G 45 18.28 43.64 -2.85
N ASN G 46 18.49 42.86 -3.90
CA ASN G 46 19.48 43.17 -4.92
C ASN G 46 19.35 44.63 -5.41
N VAL G 47 20.45 45.38 -5.37
CA VAL G 47 20.41 46.83 -5.63
C VAL G 47 19.82 47.20 -6.99
N LYS G 48 20.32 46.59 -8.06
CA LYS G 48 19.80 46.84 -9.41
C LYS G 48 18.32 46.48 -9.47
N LEU G 49 17.94 45.42 -8.77
CA LEU G 49 16.54 45.00 -8.73
C LEU G 49 15.65 46.04 -8.06
N VAL G 50 16.15 46.62 -6.97
CA VAL G 50 15.42 47.68 -6.28
C VAL G 50 15.12 48.86 -7.22
N PHE G 51 16.12 49.28 -7.99
CA PHE G 51 15.94 50.43 -8.89
C PHE G 51 15.01 50.12 -10.06
N SER G 52 15.11 48.89 -10.56
CA SER G 52 14.24 48.41 -11.63
C SER G 52 12.79 48.36 -11.15
N LEU G 53 12.59 47.79 -9.96
CA LEU G 53 11.25 47.58 -9.40
C LEU G 53 10.57 48.89 -9.02
N THR G 54 11.31 49.78 -8.36
CA THR G 54 10.74 51.05 -7.93
C THR G 54 10.45 51.98 -9.11
N ALA G 55 11.18 51.82 -10.21
CA ALA G 55 10.88 52.58 -11.42
C ALA G 55 9.52 52.16 -11.98
N LYS G 56 9.25 50.85 -11.93
CA LYS G 56 7.97 50.31 -12.35
C LYS G 56 6.86 50.84 -11.45
N ILE G 57 7.10 50.79 -10.13
CA ILE G 57 6.13 51.35 -9.18
C ILE G 57 5.88 52.83 -9.45
N LYS G 58 6.96 53.60 -9.60
CA LYS G 58 6.88 55.04 -9.88
C LYS G 58 6.02 55.32 -11.12
N GLU G 59 6.28 54.58 -12.19
CA GLU G 59 5.52 54.75 -13.42
C GLU G 59 4.03 54.53 -13.17
N ARG G 60 3.71 53.52 -12.36
CA ARG G 60 2.31 53.22 -12.06
C ARG G 60 1.68 54.32 -11.22
N LEU G 61 2.43 54.84 -10.26
CA LEU G 61 1.92 55.92 -9.40
C LEU G 61 1.63 57.20 -10.18
N ASN G 62 2.39 57.42 -11.24
CA ASN G 62 2.21 58.62 -12.08
C ASN G 62 1.19 58.46 -13.20
N LYS G 63 0.83 57.22 -13.50
CA LYS G 63 -0.11 56.96 -14.60
C LYS G 63 -1.48 56.50 -14.14
N GLU G 64 -1.57 55.91 -12.96
CA GLU G 64 -2.83 55.32 -12.53
C GLU G 64 -3.71 56.20 -11.63
N LYS G 65 -5.00 55.92 -11.65
CA LYS G 65 -5.98 56.66 -10.88
C LYS G 65 -6.17 56.00 -9.51
N PRO G 66 -5.93 56.76 -8.43
CA PRO G 66 -6.11 56.23 -7.08
C PRO G 66 -7.58 56.05 -6.73
N PRO G 67 -7.94 54.86 -6.21
CA PRO G 67 -9.33 54.51 -5.83
C PRO G 67 -9.93 55.46 -4.81
N SER G 68 -11.25 55.38 -4.63
CA SER G 68 -12.00 56.33 -3.82
C SER G 68 -11.66 56.34 -2.33
N VAL G 69 -11.66 55.16 -1.70
CA VAL G 69 -11.47 55.10 -0.25
C VAL G 69 -10.06 54.70 0.16
N LEU G 70 -9.08 55.12 -0.62
CA LEU G 70 -7.68 54.95 -0.26
C LEU G 70 -7.02 56.31 -0.11
N GLU G 71 -6.47 56.58 1.06
CA GLU G 71 -5.62 57.75 1.26
C GLU G 71 -4.38 57.56 0.40
N ARG G 72 -3.78 58.66 -0.03
CA ARG G 72 -2.60 58.62 -0.91
C ARG G 72 -1.54 57.67 -0.41
N LYS G 73 -1.10 57.85 0.83
CA LYS G 73 -0.04 57.03 1.42
C LYS G 73 -0.42 55.56 1.40
N GLU G 74 -1.67 55.29 1.78
CA GLU G 74 -2.21 53.93 1.79
C GLU G 74 -2.25 53.34 0.39
N TRP G 75 -2.58 54.16 -0.61
CA TRP G 75 -2.63 53.70 -1.99
C TRP G 75 -1.24 53.47 -2.57
N PHE G 76 -0.32 54.38 -2.31
CA PHE G 76 1.08 54.20 -2.69
C PHE G 76 1.58 52.84 -2.21
N ILE G 77 1.33 52.55 -0.94
CA ILE G 77 1.70 51.30 -0.32
C ILE G 77 1.04 50.09 -0.99
N SER G 78 -0.21 50.23 -1.41
CA SER G 78 -0.92 49.14 -2.07
C SER G 78 -0.24 48.76 -3.39
N ILE G 79 0.25 49.75 -4.12
CA ILE G 79 0.96 49.49 -5.38
C ILE G 79 2.27 48.75 -5.12
N VAL G 80 2.98 49.15 -4.06
CA VAL G 80 4.20 48.44 -3.68
C VAL G 80 3.92 46.97 -3.38
N TYR G 81 2.88 46.71 -2.58
CA TYR G 81 2.49 45.34 -2.27
C TYR G 81 2.10 44.58 -3.53
N ASP G 82 1.38 45.24 -4.43
CA ASP G 82 0.92 44.59 -5.66
C ASP G 82 2.08 44.18 -6.56
N GLU G 83 3.01 45.09 -6.77
CA GLU G 83 4.16 44.81 -7.62
C GLU G 83 5.07 43.78 -7.00
N LEU G 84 5.24 43.85 -5.68
CA LEU G 84 6.02 42.84 -4.97
C LEU G 84 5.36 41.46 -5.04
N SER G 85 4.03 41.42 -4.89
CA SER G 85 3.29 40.16 -4.94
C SER G 85 3.35 39.48 -6.30
N LYS G 86 3.50 40.29 -7.35
CA LYS G 86 3.62 39.73 -8.70
C LYS G 86 4.96 39.01 -8.84
N LEU G 87 5.98 39.49 -8.13
CA LEU G 87 7.31 38.89 -8.19
C LEU G 87 7.34 37.43 -7.72
N PHE G 88 6.40 37.06 -6.86
CA PHE G 88 6.36 35.67 -6.40
C PHE G 88 4.98 34.99 -6.40
N GLY G 89 4.15 35.37 -7.36
CA GLY G 89 2.95 34.60 -7.69
C GLY G 89 1.68 34.86 -6.90
N GLY G 90 1.54 36.06 -6.34
CA GLY G 90 0.32 36.42 -5.66
C GLY G 90 0.33 36.13 -4.17
N ASP G 91 -0.63 36.72 -3.45
CA ASP G 91 -0.70 36.61 -1.99
C ASP G 91 -1.32 35.31 -1.49
N LYS G 92 -1.90 34.52 -2.39
CA LYS G 92 -2.54 33.27 -2.00
C LYS G 92 -1.51 32.24 -1.59
N GLU G 93 -1.86 31.42 -0.60
CA GLU G 93 -1.01 30.33 -0.15
C GLU G 93 -0.59 29.44 -1.32
N PRO G 94 0.72 29.16 -1.41
CA PRO G 94 1.24 28.25 -2.44
C PRO G 94 0.77 26.82 -2.18
N ASN G 95 0.68 26.02 -3.22
CA ASN G 95 0.46 24.60 -3.04
C ASN G 95 1.75 23.97 -2.57
N VAL G 96 1.71 23.29 -1.44
CA VAL G 96 2.91 22.60 -0.95
C VAL G 96 2.77 21.10 -0.99
N ASN G 97 1.63 20.61 -1.51
CA ASN G 97 1.44 19.17 -1.67
C ASN G 97 2.07 18.64 -2.96
N PRO G 98 2.47 17.37 -2.96
CA PRO G 98 2.95 16.74 -4.19
C PRO G 98 1.89 16.75 -5.31
N THR G 99 2.34 17.01 -6.53
CA THR G 99 1.45 17.14 -7.67
C THR G 99 1.26 15.81 -8.38
N LYS G 100 2.01 14.81 -7.93
CA LYS G 100 1.89 13.43 -8.40
C LYS G 100 2.57 12.56 -7.37
N LEU G 101 2.31 11.25 -7.44
CA LEU G 101 2.98 10.31 -6.55
C LEU G 101 3.60 9.18 -7.36
N PRO G 102 4.81 8.73 -6.98
CA PRO G 102 5.66 9.32 -5.94
C PRO G 102 6.26 10.66 -6.39
N PHE G 103 6.75 11.44 -5.42
CA PHE G 103 7.19 12.81 -5.68
C PHE G 103 8.60 12.97 -5.08
N ILE G 104 9.57 13.20 -5.95
CA ILE G 104 10.96 13.31 -5.56
C ILE G 104 11.36 14.77 -5.43
N ILE G 105 11.84 15.11 -4.24
CA ILE G 105 12.32 16.44 -3.93
C ILE G 105 13.84 16.36 -3.75
N MET G 106 14.55 17.33 -4.33
CA MET G 106 15.99 17.42 -4.21
C MET G 106 16.30 18.76 -3.56
N LEU G 107 17.01 18.74 -2.42
CA LEU G 107 17.33 19.98 -1.70
C LEU G 107 18.75 20.43 -2.01
N VAL G 108 18.88 21.71 -2.33
CA VAL G 108 20.16 22.29 -2.72
C VAL G 108 20.34 23.64 -2.03
N GLY G 109 21.58 24.07 -1.90
CA GLY G 109 21.84 25.31 -1.19
C GLY G 109 23.29 25.50 -0.79
N VAL G 110 23.62 26.74 -0.43
CA VAL G 110 24.96 27.10 0.02
C VAL G 110 25.27 26.38 1.32
N GLN G 111 26.55 26.12 1.56
CA GLN G 111 27.02 25.59 2.83
C GLN G 111 26.35 26.26 4.04
N GLY G 112 25.75 25.44 4.90
CA GLY G 112 25.18 25.90 6.14
C GLY G 112 23.81 26.57 6.06
N SER G 113 23.20 26.55 4.87
CA SER G 113 21.91 27.24 4.67
C SER G 113 20.77 26.64 5.50
N GLY G 114 20.87 25.35 5.80
CA GLY G 114 19.84 24.67 6.59
C GLY G 114 19.21 23.46 5.90
N LYS G 115 19.88 22.92 4.90
CA LYS G 115 19.33 21.82 4.06
C LYS G 115 18.94 20.56 4.85
N THR G 116 19.86 20.09 5.68
CA THR G 116 19.66 18.81 6.36
C THR G 116 18.55 18.92 7.39
N THR G 117 18.58 19.99 8.18
CA THR G 117 17.54 20.24 9.17
C THR G 117 16.17 20.43 8.46
N THR G 118 16.18 21.10 7.31
CA THR G 118 14.92 21.36 6.59
C THR G 118 14.40 20.07 5.95
N ALA G 119 15.30 19.18 5.55
CA ALA G 119 14.87 17.86 5.08
C ALA G 119 14.02 17.17 6.17
N GLY G 120 14.56 17.15 7.40
CA GLY G 120 13.83 16.61 8.53
C GLY G 120 12.49 17.30 8.74
N LYS G 121 12.50 18.64 8.64
CA LYS G 121 11.27 19.41 8.86
C LYS G 121 10.21 19.08 7.81
N LEU G 122 10.65 18.93 6.56
CA LEU G 122 9.74 18.58 5.48
C LEU G 122 9.18 17.17 5.67
N ALA G 123 10.06 16.25 6.07
CA ALA G 123 9.63 14.89 6.42
C ALA G 123 8.56 14.92 7.50
N TYR G 124 8.76 15.74 8.54
CA TYR G 124 7.77 15.87 9.60
C TYR G 124 6.44 16.45 9.10
N PHE G 125 6.55 17.53 8.32
CA PHE G 125 5.40 18.22 7.78
C PHE G 125 4.52 17.27 6.96
N TYR G 126 5.13 16.51 6.06
CA TYR G 126 4.40 15.58 5.21
C TYR G 126 3.91 14.32 5.93
N LYS G 127 4.68 13.86 6.92
CA LYS G 127 4.26 12.75 7.76
C LYS G 127 2.97 13.13 8.46
N LYS G 128 2.95 14.35 8.98
CA LYS G 128 1.79 14.86 9.68
C LYS G 128 0.57 14.90 8.76
N ARG G 129 0.78 15.16 7.48
CA ARG G 129 -0.32 15.22 6.52
C ARG G 129 -0.71 13.83 6.00
N GLY G 130 -0.12 12.79 6.60
CA GLY G 130 -0.50 11.42 6.30
C GLY G 130 0.26 10.77 5.14
N TYR G 131 1.31 11.42 4.65
CA TYR G 131 2.12 10.85 3.57
C TYR G 131 3.15 9.84 4.06
N LYS G 132 3.40 8.81 3.27
CA LYS G 132 4.56 7.96 3.51
C LYS G 132 5.80 8.65 2.96
N VAL G 133 6.82 8.80 3.80
CA VAL G 133 7.97 9.63 3.44
C VAL G 133 9.29 8.90 3.66
N GLY G 134 10.19 9.02 2.68
CA GLY G 134 11.54 8.53 2.82
C GLY G 134 12.58 9.64 2.66
N LEU G 135 13.64 9.58 3.45
CA LEU G 135 14.75 10.54 3.40
C LEU G 135 16.01 9.89 2.84
N VAL G 136 16.71 10.60 1.97
CA VAL G 136 17.90 10.04 1.35
C VAL G 136 19.12 10.92 1.64
N ALA G 137 20.11 10.35 2.31
CA ALA G 137 21.32 11.10 2.70
C ALA G 137 22.35 11.04 1.58
N ALA G 138 22.35 12.03 0.69
CA ALA G 138 23.23 11.99 -0.48
C ALA G 138 24.35 13.03 -0.42
N ASP G 139 24.73 13.42 0.79
CA ASP G 139 25.87 14.30 1.04
C ASP G 139 27.00 13.39 1.54
N VAL G 140 28.03 13.19 0.72
CA VAL G 140 29.15 12.32 1.12
C VAL G 140 30.37 13.16 1.53
N TYR G 141 30.23 14.49 1.57
CA TYR G 141 31.37 15.37 1.84
C TYR G 141 31.46 15.87 3.28
N ARG G 142 30.36 16.40 3.81
CA ARG G 142 30.36 16.94 5.17
C ARG G 142 30.54 15.86 6.22
N PRO G 143 31.48 16.07 7.16
CA PRO G 143 31.68 15.08 8.22
C PRO G 143 30.41 14.83 9.03
N ALA G 144 30.05 13.56 9.20
CA ALA G 144 28.83 13.13 9.89
C ALA G 144 27.54 13.64 9.25
N ALA G 145 27.55 13.88 7.93
CA ALA G 145 26.33 14.30 7.23
C ALA G 145 25.28 13.21 7.32
N TYR G 146 25.72 11.97 7.18
CA TYR G 146 24.82 10.82 7.28
C TYR G 146 24.23 10.69 8.69
N ASP G 147 25.09 10.71 9.69
CA ASP G 147 24.65 10.67 11.10
C ASP G 147 23.62 11.76 11.42
N GLN G 148 23.80 12.93 10.82
CA GLN G 148 22.92 14.04 11.11
C GLN G 148 21.51 13.74 10.59
N LEU G 149 21.41 13.31 9.34
CA LEU G 149 20.09 13.05 8.76
C LEU G 149 19.47 11.78 9.36
N LEU G 150 20.32 10.79 9.68
CA LEU G 150 19.89 9.58 10.38
C LEU G 150 19.24 9.93 11.72
N GLN G 151 19.90 10.75 12.53
CA GLN G 151 19.36 11.14 13.83
C GLN G 151 18.02 11.89 13.74
N LEU G 152 17.91 12.80 12.77
CA LEU G 152 16.66 13.51 12.52
C LEU G 152 15.52 12.58 12.12
N GLY G 153 15.77 11.69 11.18
CA GLY G 153 14.76 10.71 10.80
C GLY G 153 14.35 9.81 11.96
N ASN G 154 15.34 9.32 12.71
CA ASN G 154 15.04 8.47 13.85
C ASN G 154 14.19 9.21 14.87
N GLN G 155 14.49 10.49 15.05
CA GLN G 155 13.77 11.32 16.00
C GLN G 155 12.27 11.39 15.64
N ILE G 156 11.97 11.42 14.35
CA ILE G 156 10.57 11.61 13.93
C ILE G 156 9.94 10.35 13.35
N GLY G 157 10.66 9.24 13.40
CA GLY G 157 10.13 7.99 12.91
C GLY G 157 9.95 7.98 11.40
N VAL G 158 10.90 8.56 10.68
CA VAL G 158 10.92 8.53 9.22
C VAL G 158 12.17 7.81 8.74
N GLN G 159 12.00 6.86 7.82
CA GLN G 159 13.16 6.09 7.33
C GLN G 159 14.20 6.96 6.61
N VAL G 160 15.47 6.68 6.87
CA VAL G 160 16.60 7.38 6.23
C VAL G 160 17.49 6.35 5.54
N TYR G 161 17.66 6.48 4.23
CA TYR G 161 18.62 5.68 3.48
C TYR G 161 19.96 6.43 3.28
N GLY G 162 21.07 5.75 3.53
CA GLY G 162 22.37 6.33 3.21
C GLY G 162 23.41 5.25 3.08
N GLU G 163 24.59 5.63 2.58
CA GLU G 163 25.72 4.71 2.47
C GLU G 163 26.97 5.49 2.92
N PRO G 164 27.19 5.56 4.25
CA PRO G 164 28.28 6.39 4.80
C PRO G 164 29.65 6.05 4.25
N ASN G 165 29.83 4.80 3.80
CA ASN G 165 31.12 4.35 3.30
C ASN G 165 31.26 4.46 1.79
N ASN G 166 30.32 5.16 1.15
CA ASN G 166 30.31 5.33 -0.29
C ASN G 166 30.59 6.79 -0.64
N GLN G 167 31.53 7.02 -1.55
CA GLN G 167 31.90 8.39 -1.93
C GLN G 167 31.27 8.89 -3.23
N ASN G 168 30.30 8.16 -3.76
CA ASN G 168 29.59 8.59 -4.97
C ASN G 168 28.17 9.02 -4.59
N PRO G 169 27.94 10.33 -4.46
CA PRO G 169 26.64 10.82 -4.00
C PRO G 169 25.50 10.52 -4.97
N ILE G 170 25.76 10.48 -6.27
CA ILE G 170 24.70 10.18 -7.23
C ILE G 170 24.24 8.73 -7.11
N GLU G 171 25.19 7.82 -6.89
CA GLU G 171 24.89 6.41 -6.62
C GLU G 171 23.96 6.28 -5.43
N ILE G 172 24.33 6.95 -4.33
CA ILE G 172 23.51 6.87 -3.11
C ILE G 172 22.07 7.37 -3.37
N ALA G 173 21.98 8.51 -4.03
CA ALA G 173 20.70 9.17 -4.27
C ALA G 173 19.77 8.32 -5.13
N LYS G 174 20.29 7.80 -6.24
CA LYS G 174 19.52 6.95 -7.14
C LYS G 174 19.11 5.64 -6.45
N LYS G 175 20.05 5.02 -5.75
CA LYS G 175 19.75 3.78 -5.02
C LYS G 175 18.70 3.98 -3.92
N GLY G 176 18.82 5.05 -3.15
CA GLY G 176 17.83 5.40 -2.13
C GLY G 176 16.45 5.72 -2.68
N VAL G 177 16.41 6.53 -3.73
CA VAL G 177 15.14 6.86 -4.38
C VAL G 177 14.46 5.60 -4.89
N ASP G 178 15.20 4.77 -5.64
CA ASP G 178 14.67 3.54 -6.19
C ASP G 178 14.10 2.59 -5.12
N ILE G 179 14.77 2.45 -3.99
CA ILE G 179 14.24 1.58 -2.93
C ILE G 179 12.91 2.11 -2.38
N PHE G 180 12.86 3.41 -2.14
CA PHE G 180 11.68 4.03 -1.56
C PHE G 180 10.51 4.04 -2.54
N VAL G 181 10.79 4.19 -3.83
CA VAL G 181 9.76 4.11 -4.86
C VAL G 181 9.17 2.71 -4.89
N LYS G 182 10.05 1.72 -4.89
CA LYS G 182 9.60 0.32 -4.92
C LYS G 182 8.80 -0.06 -3.68
N ASN G 183 9.15 0.53 -2.54
CA ASN G 183 8.42 0.30 -1.29
C ASN G 183 7.18 1.17 -1.15
N LYS G 184 6.85 1.89 -2.23
CA LYS G 184 5.63 2.71 -2.29
C LYS G 184 5.59 3.89 -1.31
N MET G 185 6.73 4.55 -1.10
CA MET G 185 6.71 5.81 -0.37
C MET G 185 6.02 6.84 -1.27
N ASP G 186 5.42 7.87 -0.66
CA ASP G 186 4.70 8.90 -1.41
C ASP G 186 5.65 10.03 -1.78
N ILE G 187 6.50 10.40 -0.82
CA ILE G 187 7.38 11.55 -0.99
C ILE G 187 8.78 11.14 -0.57
N ILE G 188 9.76 11.49 -1.39
CA ILE G 188 11.14 11.12 -1.13
C ILE G 188 11.99 12.36 -1.18
N ILE G 189 12.72 12.61 -0.10
CA ILE G 189 13.46 13.85 0.05
C ILE G 189 14.96 13.55 0.04
N VAL G 190 15.67 14.21 -0.88
CA VAL G 190 17.10 13.98 -1.05
C VAL G 190 17.93 15.18 -0.59
N ASP G 191 18.81 14.92 0.38
CA ASP G 191 19.65 15.93 0.97
C ASP G 191 20.98 15.90 0.23
N THR G 192 21.51 17.08 -0.12
CA THR G 192 22.76 17.14 -0.89
C THR G 192 23.82 17.99 -0.18
N ALA G 193 25.07 17.89 -0.62
CA ALA G 193 26.14 18.63 0.04
C ALA G 193 25.99 20.10 -0.27
N GLY G 194 26.42 20.95 0.67
CA GLY G 194 26.39 22.38 0.45
C GLY G 194 27.37 22.83 -0.62
N ARG G 195 27.03 23.88 -1.35
CA ARG G 195 27.94 24.37 -2.37
C ARG G 195 27.57 25.81 -2.74
N HIS G 196 28.55 26.58 -3.17
CA HIS G 196 28.27 27.94 -3.61
C HIS G 196 28.52 28.13 -5.09
N GLY G 197 29.30 27.24 -5.69
CA GLY G 197 29.47 27.21 -7.14
C GLY G 197 30.54 28.11 -7.74
N TYR G 198 31.29 28.84 -6.91
CA TYR G 198 32.32 29.74 -7.42
C TYR G 198 33.74 29.14 -7.39
N GLY G 199 34.59 29.58 -8.31
CA GLY G 199 35.98 29.13 -8.34
C GLY G 199 36.15 27.64 -8.46
N GLU G 200 36.81 27.04 -7.48
CA GLU G 200 37.01 25.58 -7.44
C GLU G 200 35.69 24.83 -7.41
N GLU G 201 34.63 25.50 -6.95
CA GLU G 201 33.34 24.85 -6.78
C GLU G 201 32.43 24.88 -8.01
N THR G 202 32.92 25.39 -9.14
CA THR G 202 32.14 25.27 -10.38
C THR G 202 31.91 23.78 -10.66
N LYS G 203 32.91 22.97 -10.34
CA LYS G 203 32.82 21.52 -10.44
C LYS G 203 31.63 20.95 -9.66
N LEU G 204 31.28 21.59 -8.55
CA LEU G 204 30.17 21.13 -7.72
C LEU G 204 28.82 21.44 -8.35
N LEU G 205 28.76 22.50 -9.14
CA LEU G 205 27.55 22.81 -9.90
C LEU G 205 27.35 21.76 -10.98
N GLU G 206 28.45 21.34 -11.63
CA GLU G 206 28.38 20.28 -12.63
C GLU G 206 27.88 18.98 -12.02
N GLU G 207 28.31 18.71 -10.78
CA GLU G 207 27.90 17.51 -10.07
C GLU G 207 26.43 17.60 -9.67
N MET G 208 25.99 18.82 -9.40
CA MET G 208 24.60 19.05 -9.08
C MET G 208 23.72 18.83 -10.31
N LYS G 209 24.19 19.28 -11.47
CA LYS G 209 23.47 19.04 -12.71
C LYS G 209 23.41 17.54 -13.02
N GLU G 210 24.51 16.83 -12.80
CA GLU G 210 24.52 15.41 -13.11
C GLU G 210 23.52 14.67 -12.23
N MET G 211 23.45 15.05 -10.95
CA MET G 211 22.47 14.42 -10.03
C MET G 211 21.05 14.71 -10.49
N TYR G 212 20.79 15.98 -10.83
CA TYR G 212 19.51 16.40 -11.40
C TYR G 212 19.10 15.55 -12.61
N ASP G 213 20.04 15.34 -13.53
CA ASP G 213 19.75 14.59 -14.75
C ASP G 213 19.46 13.10 -14.48
N VAL G 214 20.15 12.53 -13.49
CA VAL G 214 19.98 11.12 -13.15
C VAL G 214 18.69 10.89 -12.36
N LEU G 215 18.45 11.74 -11.37
CA LEU G 215 17.29 11.58 -10.49
C LEU G 215 15.99 12.00 -11.14
N LYS G 216 16.06 12.98 -12.04
CA LYS G 216 14.88 13.62 -12.60
C LYS G 216 13.88 13.99 -11.51
N PRO G 217 14.31 14.79 -10.51
CA PRO G 217 13.42 15.15 -9.40
C PRO G 217 12.18 15.92 -9.87
N ASP G 218 11.11 15.83 -9.10
CA ASP G 218 9.88 16.54 -9.44
C ASP G 218 9.93 17.96 -8.92
N ASP G 219 10.76 18.20 -7.92
CA ASP G 219 10.96 19.54 -7.40
C ASP G 219 12.38 19.71 -6.89
N VAL G 220 13.10 20.69 -7.44
CA VAL G 220 14.37 21.10 -6.87
C VAL G 220 14.10 22.31 -5.99
N ILE G 221 14.46 22.20 -4.72
CA ILE G 221 14.20 23.26 -3.76
C ILE G 221 15.49 23.93 -3.34
N LEU G 222 15.58 25.24 -3.56
CA LEU G 222 16.72 26.00 -3.09
C LEU G 222 16.47 26.45 -1.66
N VAL G 223 17.31 25.96 -0.75
CA VAL G 223 17.16 26.27 0.65
C VAL G 223 18.10 27.44 0.97
N ILE G 224 17.53 28.58 1.35
CA ILE G 224 18.29 29.81 1.44
C ILE G 224 18.20 30.49 2.82
N ASP G 225 19.35 30.87 3.34
CA ASP G 225 19.47 31.56 4.61
C ASP G 225 18.86 32.96 4.48
N ALA G 226 17.94 33.30 5.39
CA ALA G 226 17.27 34.59 5.39
C ALA G 226 18.25 35.75 5.39
N SER G 227 19.47 35.53 5.89
CA SER G 227 20.45 36.62 6.06
C SER G 227 21.23 36.96 4.80
N ILE G 228 21.13 36.12 3.77
CA ILE G 228 21.99 36.26 2.58
C ILE G 228 21.96 37.67 1.96
N GLY G 229 23.15 38.19 1.62
CA GLY G 229 23.28 39.55 1.11
C GLY G 229 23.21 39.66 -0.40
N GLN G 230 24.01 40.58 -0.95
CA GLN G 230 23.97 40.95 -2.37
C GLN G 230 24.42 39.89 -3.36
N LYS G 231 25.10 38.85 -2.88
CA LYS G 231 25.48 37.74 -3.76
C LYS G 231 24.27 36.88 -4.17
N ALA G 232 23.15 37.07 -3.49
CA ALA G 232 22.01 36.16 -3.60
C ALA G 232 21.53 35.94 -5.04
N TYR G 233 21.39 37.03 -5.79
CA TYR G 233 20.86 36.94 -7.16
C TYR G 233 21.80 36.12 -8.06
N ASP G 234 23.09 36.44 -8.03
CA ASP G 234 24.04 35.81 -8.94
C ASP G 234 24.23 34.34 -8.55
N LEU G 235 24.17 34.09 -7.25
CA LEU G 235 24.36 32.74 -6.73
C LEU G 235 23.18 31.85 -7.13
N ALA G 236 21.96 32.33 -6.90
CA ALA G 236 20.76 31.60 -7.34
C ALA G 236 20.75 31.44 -8.86
N SER G 237 21.16 32.48 -9.57
CA SER G 237 21.24 32.40 -11.03
C SER G 237 22.15 31.26 -11.51
N ARG G 238 23.34 31.15 -10.90
CA ARG G 238 24.26 30.06 -11.23
C ARG G 238 23.67 28.68 -10.95
N PHE G 239 23.01 28.53 -9.79
CA PHE G 239 22.39 27.28 -9.40
C PHE G 239 21.33 26.86 -10.40
N HIS G 240 20.56 27.85 -10.83
CA HIS G 240 19.41 27.65 -11.72
C HIS G 240 19.87 27.09 -13.05
N GLN G 241 21.04 27.51 -13.50
CA GLN G 241 21.61 27.04 -14.77
C GLN G 241 22.00 25.56 -14.70
N ALA G 242 22.45 25.12 -13.53
CA ALA G 242 22.85 23.73 -13.34
C ALA G 242 21.65 22.83 -13.13
N SER G 243 20.78 23.23 -12.21
CA SER G 243 19.57 22.47 -11.93
C SER G 243 18.44 23.44 -11.65
N PRO G 244 17.49 23.54 -12.59
CA PRO G 244 16.36 24.47 -12.55
C PRO G 244 15.70 24.41 -11.19
N ILE G 245 15.61 25.56 -10.53
CA ILE G 245 15.03 25.65 -9.20
C ILE G 245 13.53 25.84 -9.36
N GLY G 246 12.74 24.96 -8.74
CA GLY G 246 11.30 25.08 -8.81
C GLY G 246 10.73 25.81 -7.61
N SER G 247 11.32 25.60 -6.44
CA SER G 247 10.80 26.12 -5.19
C SER G 247 11.93 26.68 -4.32
N VAL G 248 11.58 27.59 -3.40
CA VAL G 248 12.54 27.94 -2.36
C VAL G 248 11.96 27.86 -0.95
N ILE G 249 12.83 27.61 0.01
CA ILE G 249 12.49 27.67 1.41
C ILE G 249 13.44 28.67 2.07
N ILE G 250 12.91 29.63 2.82
CA ILE G 250 13.76 30.58 3.53
C ILE G 250 13.96 30.12 4.97
N THR G 251 15.19 29.82 5.34
CA THR G 251 15.43 29.34 6.70
C THR G 251 15.76 30.50 7.62
N LYS G 252 15.74 30.24 8.93
CA LYS G 252 16.19 31.20 9.93
C LYS G 252 15.42 32.51 9.95
N MET G 253 14.12 32.46 9.70
CA MET G 253 13.31 33.68 9.73
C MET G 253 12.96 34.06 11.15
N ASP G 254 13.36 33.21 12.09
CA ASP G 254 13.22 33.52 13.51
C ASP G 254 14.31 34.49 14.00
N GLY G 255 15.33 34.69 13.19
CA GLY G 255 16.34 35.69 13.50
C GLY G 255 15.91 37.10 13.07
N THR G 256 16.88 37.99 12.93
CA THR G 256 16.59 39.39 12.67
C THR G 256 16.71 39.80 11.21
N ALA G 257 17.13 38.90 10.33
CA ALA G 257 17.31 39.30 8.93
C ALA G 257 15.96 39.64 8.26
N LYS G 258 15.95 40.68 7.44
CA LYS G 258 14.75 41.11 6.72
C LYS G 258 14.34 40.08 5.67
N GLY G 259 15.32 39.52 4.97
CA GLY G 259 15.09 38.43 4.04
C GLY G 259 15.02 38.84 2.58
N GLY G 260 15.42 40.07 2.28
CA GLY G 260 15.34 40.61 0.93
C GLY G 260 16.16 39.84 -0.08
N GLY G 261 17.20 39.15 0.39
CA GLY G 261 18.02 38.32 -0.47
C GLY G 261 17.24 37.17 -1.07
N ALA G 262 16.24 36.68 -0.33
CA ALA G 262 15.37 35.61 -0.84
C ALA G 262 14.52 36.06 -2.02
N LEU G 263 14.07 37.31 -2.01
CA LEU G 263 13.34 37.86 -3.14
C LEU G 263 14.26 37.92 -4.36
N SER G 264 15.52 38.27 -4.14
CA SER G 264 16.50 38.32 -5.21
C SER G 264 16.65 36.95 -5.87
N ALA G 265 16.68 35.90 -5.03
CA ALA G 265 16.75 34.53 -5.51
C ALA G 265 15.55 34.15 -6.38
N VAL G 266 14.35 34.60 -5.98
CA VAL G 266 13.12 34.35 -6.77
C VAL G 266 13.13 34.98 -8.16
N VAL G 267 13.54 36.25 -8.23
CA VAL G 267 13.58 36.95 -9.51
C VAL G 267 14.62 36.30 -10.43
N ALA G 268 15.68 35.78 -9.81
CA ALA G 268 16.73 35.11 -10.54
C ALA G 268 16.28 33.79 -11.17
N THR G 269 15.26 33.17 -10.58
CA THR G 269 14.91 31.79 -10.92
C THR G 269 13.46 31.62 -11.43
N GLY G 270 12.58 32.54 -11.04
CA GLY G 270 11.15 32.34 -11.24
C GLY G 270 10.56 31.32 -10.28
N ALA G 271 11.32 30.90 -9.27
CA ALA G 271 10.85 29.87 -8.33
C ALA G 271 9.75 30.38 -7.38
N THR G 272 9.00 29.44 -6.81
CA THR G 272 7.93 29.78 -5.88
C THR G 272 8.41 29.56 -4.44
N ILE G 273 8.25 30.57 -3.58
CA ILE G 273 8.56 30.35 -2.16
C ILE G 273 7.43 29.55 -1.51
N LYS G 274 7.78 28.41 -0.91
CA LYS G 274 6.81 27.47 -0.36
C LYS G 274 6.72 27.49 1.17
N PHE G 275 7.88 27.54 1.82
CA PHE G 275 7.97 27.41 3.27
C PHE G 275 9.00 28.39 3.85
N ILE G 276 8.84 28.73 5.12
CA ILE G 276 9.94 29.35 5.89
C ILE G 276 10.30 28.49 7.09
N GLY G 277 11.56 28.58 7.51
CA GLY G 277 12.02 27.91 8.72
C GLY G 277 12.00 28.93 9.84
N THR G 278 11.53 28.52 11.01
CA THR G 278 11.33 29.46 12.11
C THR G 278 11.94 28.97 13.42
N GLY G 279 12.98 28.15 13.31
CA GLY G 279 13.64 27.66 14.51
C GLY G 279 14.43 26.41 14.24
N GLU G 280 15.07 25.89 15.27
CA GLU G 280 15.87 24.68 15.12
C GLU G 280 15.06 23.41 15.30
N LYS G 281 13.89 23.52 15.94
CA LYS G 281 13.10 22.32 16.21
C LYS G 281 12.49 21.80 14.93
N ILE G 282 12.27 20.50 14.93
CA ILE G 282 11.75 19.72 13.82
C ILE G 282 10.38 20.18 13.30
N ASP G 283 9.55 20.74 14.17
CA ASP G 283 8.24 21.21 13.76
C ASP G 283 8.23 22.69 13.37
N GLU G 284 9.40 23.32 13.39
CA GLU G 284 9.42 24.76 13.10
C GLU G 284 9.54 25.08 11.62
N LEU G 285 8.47 24.73 10.90
CA LEU G 285 8.34 24.95 9.47
C LEU G 285 6.92 25.42 9.20
N GLU G 286 6.76 26.46 8.37
CA GLU G 286 5.41 26.84 8.00
C GLU G 286 5.32 27.33 6.55
N THR G 287 4.13 27.20 5.97
CA THR G 287 3.91 27.66 4.61
C THR G 287 4.19 29.16 4.50
N PHE G 288 4.69 29.57 3.34
CA PHE G 288 5.01 30.97 3.07
C PHE G 288 3.77 31.85 2.98
N ASN G 289 3.83 33.03 3.59
CA ASN G 289 2.74 34.01 3.51
C ASN G 289 3.25 35.30 2.87
N ALA G 290 2.78 35.57 1.66
CA ALA G 290 3.32 36.67 0.85
C ALA G 290 3.17 38.05 1.51
N LYS G 291 2.00 38.32 2.07
CA LYS G 291 1.72 39.63 2.64
C LYS G 291 2.60 39.93 3.84
N ARG G 292 2.78 38.95 4.72
CA ARG G 292 3.61 39.13 5.89
C ARG G 292 5.07 39.30 5.50
N PHE G 293 5.48 38.61 4.44
CA PHE G 293 6.86 38.70 3.99
C PHE G 293 7.16 40.10 3.44
N VAL G 294 6.21 40.65 2.67
CA VAL G 294 6.36 42.00 2.16
C VAL G 294 6.42 43.00 3.32
N SER G 295 5.54 42.81 4.30
CA SER G 295 5.53 43.67 5.48
C SER G 295 6.89 43.63 6.18
N ARG G 296 7.46 42.43 6.26
CA ARG G 296 8.76 42.23 6.87
C ARG G 296 9.88 42.98 6.12
N ILE G 297 9.88 42.85 4.80
CA ILE G 297 10.85 43.53 3.92
C ILE G 297 10.65 45.04 4.04
N LEU G 298 9.41 45.42 4.29
CA LEU G 298 8.95 46.80 4.53
C LEU G 298 8.53 47.50 3.23
N ILE H 18 38.64 71.59 -4.85
CA ILE H 18 37.52 70.74 -5.23
C ILE H 18 36.19 71.32 -4.75
N LYS H 19 35.24 71.44 -5.66
CA LYS H 19 33.90 71.91 -5.33
C LYS H 19 32.96 70.72 -5.22
N GLU H 20 31.85 70.89 -4.50
CA GLU H 20 30.92 69.78 -4.24
C GLU H 20 30.31 69.20 -5.50
N ASP H 21 30.03 70.06 -6.47
CA ASP H 21 29.39 69.63 -7.71
C ASP H 21 30.26 68.64 -8.48
N ASP H 22 31.57 68.71 -8.25
CA ASP H 22 32.51 67.80 -8.90
C ASP H 22 32.59 66.45 -8.19
N LEU H 23 31.71 66.21 -7.22
CA LEU H 23 31.74 64.97 -6.43
C LEU H 23 30.52 64.06 -6.60
N ASN H 24 29.42 64.63 -7.04
CA ASN H 24 28.13 63.92 -7.08
C ASN H 24 28.17 62.59 -7.81
N ASP H 25 28.68 62.60 -9.04
CA ASP H 25 28.71 61.39 -9.85
C ASP H 25 29.63 60.31 -9.29
N VAL H 26 30.81 60.71 -8.82
CA VAL H 26 31.77 59.74 -8.27
C VAL H 26 31.31 59.17 -6.92
N ILE H 27 30.70 60.01 -6.09
CA ILE H 27 30.18 59.59 -4.79
C ILE H 27 29.13 58.49 -4.94
N GLU H 28 28.21 58.68 -5.89
CA GLU H 28 27.16 57.69 -6.11
C GLU H 28 27.71 56.39 -6.67
N GLU H 29 28.69 56.49 -7.56
CA GLU H 29 29.34 55.31 -8.12
C GLU H 29 30.03 54.50 -7.02
N LEU H 30 30.68 55.20 -6.10
CA LEU H 30 31.30 54.56 -4.93
C LEU H 30 30.27 53.97 -3.99
N ARG H 31 29.12 54.64 -3.88
CA ARG H 31 28.04 54.19 -3.02
C ARG H 31 27.57 52.80 -3.42
N PHE H 32 27.20 52.64 -4.69
CA PHE H 32 26.70 51.36 -5.17
C PHE H 32 27.78 50.29 -5.16
N GLN H 33 29.04 50.72 -5.24
CA GLN H 33 30.18 49.81 -5.10
C GLN H 33 30.25 49.24 -3.69
N LEU H 34 30.18 50.13 -2.70
CA LEU H 34 30.23 49.71 -1.30
C LEU H 34 29.01 48.87 -0.95
N LEU H 35 27.84 49.27 -1.42
CA LEU H 35 26.61 48.53 -1.18
C LEU H 35 26.68 47.14 -1.78
N ASP H 36 27.14 47.05 -3.02
CA ASP H 36 27.31 45.75 -3.67
C ASP H 36 28.31 44.86 -2.90
N SER H 37 29.19 45.48 -2.13
CA SER H 37 30.19 44.75 -1.35
C SER H 37 29.70 44.37 0.04
N ASP H 38 28.41 44.58 0.30
CA ASP H 38 27.80 44.32 1.60
C ASP H 38 28.38 45.17 2.73
N VAL H 39 28.76 46.41 2.41
CA VAL H 39 28.93 47.42 3.45
C VAL H 39 27.51 47.91 3.69
N SER H 40 27.05 47.85 4.93
CA SER H 40 25.68 48.23 5.27
CA SER H 40 25.68 48.21 5.25
C SER H 40 25.36 49.66 4.85
N TYR H 41 24.09 49.91 4.52
CA TYR H 41 23.65 51.22 4.05
C TYR H 41 24.07 52.37 4.97
N GLU H 42 23.88 52.20 6.26
CA GLU H 42 24.21 53.22 7.25
C GLU H 42 25.70 53.55 7.26
N VAL H 43 26.54 52.53 7.16
CA VAL H 43 27.99 52.71 7.23
C VAL H 43 28.52 53.32 5.94
N THR H 44 27.99 52.83 4.81
CA THR H 44 28.32 53.38 3.51
C THR H 44 28.11 54.90 3.47
N GLU H 45 26.94 55.33 3.94
CA GLU H 45 26.60 56.75 3.96
C GLU H 45 27.56 57.58 4.81
N LYS H 46 27.94 57.06 5.97
CA LYS H 46 28.83 57.78 6.88
C LYS H 46 30.23 57.93 6.32
N ILE H 47 30.74 56.86 5.71
CA ILE H 47 32.07 56.88 5.11
C ILE H 47 32.13 57.84 3.93
N LEU H 48 31.05 57.91 3.16
CA LEU H 48 31.00 58.82 2.02
C LEU H 48 30.84 60.27 2.47
N GLU H 49 30.24 60.47 3.63
CA GLU H 49 30.18 61.81 4.23
C GLU H 49 31.56 62.24 4.70
N ASP H 50 32.27 61.35 5.37
CA ASP H 50 33.65 61.61 5.79
C ASP H 50 34.49 61.99 4.57
N LEU H 51 34.31 61.22 3.49
CA LEU H 51 35.00 61.46 2.24
C LEU H 51 34.66 62.82 1.65
N LYS H 52 33.37 63.15 1.64
CA LYS H 52 32.88 64.41 1.10
C LYS H 52 33.44 65.59 1.89
N ASN H 53 33.38 65.49 3.21
CA ASN H 53 33.91 66.53 4.08
C ASN H 53 35.42 66.71 3.93
N ASN H 54 36.11 65.61 3.66
CA ASN H 54 37.56 65.63 3.57
C ASN H 54 38.08 66.35 2.33
N LEU H 55 37.33 66.26 1.23
CA LEU H 55 37.84 66.75 -0.05
C LEU H 55 37.24 68.08 -0.52
N ILE H 56 36.23 68.58 0.17
CA ILE H 56 35.64 69.87 -0.19
C ILE H 56 36.62 71.00 0.05
N GLY H 57 36.89 71.78 -0.99
CA GLY H 57 37.79 72.92 -0.88
C GLY H 57 39.25 72.53 -0.81
N LYS H 58 39.57 71.34 -1.32
CA LYS H 58 40.94 70.85 -1.31
C LYS H 58 41.73 71.41 -2.49
N LYS H 59 43.04 71.58 -2.28
CA LYS H 59 43.92 72.10 -3.32
C LYS H 59 44.83 71.00 -3.87
N VAL H 60 44.94 70.93 -5.19
CA VAL H 60 45.72 69.89 -5.85
C VAL H 60 46.14 70.37 -7.25
N SER H 61 47.05 69.66 -7.89
CA SER H 61 47.46 70.00 -9.25
C SER H 61 46.38 69.64 -10.26
N ARG H 62 45.71 70.65 -10.78
CA ARG H 62 44.64 70.44 -11.76
C ARG H 62 45.19 70.18 -13.16
N ARG H 63 45.64 68.95 -13.40
CA ARG H 63 46.10 68.55 -14.72
C ARG H 63 44.99 67.79 -15.44
N GLU H 65 42.93 64.84 -12.30
CA GLU H 65 41.66 64.13 -12.38
C GLU H 65 41.01 64.01 -11.01
N VAL H 66 39.93 64.75 -10.80
CA VAL H 66 39.26 64.80 -9.51
C VAL H 66 38.69 63.44 -9.11
N GLU H 67 38.08 62.75 -10.06
CA GLU H 67 37.49 61.43 -9.81
C GLU H 67 38.56 60.49 -9.27
N GLU H 68 39.74 60.53 -9.88
CA GLU H 68 40.85 59.67 -9.50
C GLU H 68 41.34 59.96 -8.08
N ILE H 69 41.37 61.25 -7.72
CA ILE H 69 41.76 61.65 -6.37
C ILE H 69 40.76 61.12 -5.34
N VAL H 70 39.48 61.27 -5.64
CA VAL H 70 38.42 60.86 -4.73
C VAL H 70 38.48 59.37 -4.44
N ILE H 71 38.51 58.56 -5.50
CA ILE H 71 38.66 57.12 -5.38
C ILE H 71 39.87 56.78 -4.51
N ASN H 72 41.02 57.37 -4.85
CA ASN H 72 42.25 57.08 -4.11
C ASN H 72 42.20 57.52 -2.65
N THR H 73 41.56 58.67 -2.41
CA THR H 73 41.36 59.15 -1.06
C THR H 73 40.52 58.17 -0.24
N LEU H 74 39.48 57.64 -0.86
CA LEU H 74 38.62 56.65 -0.20
C LEU H 74 39.42 55.38 0.10
N LYS H 75 40.14 54.88 -0.88
CA LYS H 75 40.90 53.65 -0.71
C LYS H 75 41.93 53.79 0.40
N LYS H 76 42.56 54.95 0.47
CA LYS H 76 43.56 55.23 1.51
C LYS H 76 42.93 55.27 2.90
N SER H 77 41.79 55.94 3.00
CA SER H 77 41.09 56.06 4.29
C SER H 77 40.55 54.71 4.79
N ILE H 78 40.00 53.91 3.88
CA ILE H 78 39.52 52.58 4.27
C ILE H 78 40.69 51.72 4.75
N THR H 79 41.78 51.78 4.00
CA THR H 79 43.01 51.07 4.34
C THR H 79 43.49 51.46 5.74
N GLU H 80 43.52 52.77 6.00
CA GLU H 80 43.92 53.29 7.30
C GLU H 80 43.00 52.83 8.43
N ILE H 81 41.69 52.87 8.18
CA ILE H 81 40.70 52.42 9.18
C ILE H 81 40.92 50.95 9.56
N LEU H 82 41.14 50.11 8.56
CA LEU H 82 41.32 48.68 8.82
C LEU H 82 42.67 48.39 9.50
N THR H 83 43.71 49.09 9.05
CA THR H 83 45.05 48.87 9.58
C THR H 83 45.13 49.19 11.07
N LYS H 84 44.61 50.35 11.47
CA LYS H 84 44.61 50.76 12.87
C LYS H 84 43.83 49.78 13.72
N ASN H 85 42.80 49.19 13.12
CA ASN H 85 41.86 48.33 13.82
C ASN H 85 42.35 46.90 14.03
N GLN H 86 43.22 46.43 13.14
CA GLN H 86 43.71 45.06 13.22
C GLN H 86 44.62 44.87 14.43
N LYS H 87 44.53 43.71 15.05
CA LYS H 87 45.37 43.38 16.21
C LYS H 87 46.23 42.17 15.90
N THR H 88 46.68 41.46 16.94
CA THR H 88 47.55 40.32 16.75
C THR H 88 46.77 39.01 16.56
N ASP H 89 47.42 38.00 16.01
CA ASP H 89 46.74 36.71 15.75
C ASP H 89 46.76 35.77 16.95
N LEU H 90 46.21 34.58 16.77
CA LEU H 90 46.15 33.60 17.85
C LEU H 90 47.52 33.17 18.34
N ILE H 91 48.46 32.97 17.42
CA ILE H 91 49.76 32.45 17.81
C ILE H 91 50.48 33.46 18.69
N GLU H 92 50.51 34.72 18.26
CA GLU H 92 51.14 35.77 19.05
C GLU H 92 50.45 35.89 20.43
N LYS H 93 49.13 35.86 20.45
CA LYS H 93 48.40 35.92 21.71
C LYS H 93 48.68 34.72 22.64
N ILE H 94 48.65 33.51 22.08
CA ILE H 94 48.95 32.32 22.88
C ILE H 94 50.39 32.30 23.38
N ARG H 95 51.34 32.50 22.46
CA ARG H 95 52.77 32.50 22.83
C ARG H 95 53.08 33.55 23.90
N SER H 96 52.45 34.73 23.80
CA SER H 96 52.82 35.81 24.71
C SER H 96 52.05 35.74 26.03
N SER H 97 51.09 34.83 26.10
CA SER H 97 50.29 34.61 27.30
C SER H 97 50.95 33.62 28.25
N GLY H 98 50.83 33.89 29.54
CA GLY H 98 51.35 32.99 30.56
C GLY H 98 50.35 31.91 30.94
N LYS H 99 49.15 31.99 30.36
CA LYS H 99 48.09 31.03 30.63
C LYS H 99 48.38 29.66 30.05
N LYS H 100 48.18 28.62 30.86
CA LYS H 100 48.24 27.23 30.41
C LYS H 100 47.12 26.46 31.12
N PRO H 101 46.08 26.04 30.37
CA PRO H 101 45.91 26.21 28.92
C PRO H 101 45.39 27.59 28.58
N PHE H 102 45.58 27.98 27.33
CA PHE H 102 44.94 29.18 26.79
C PHE H 102 43.58 28.75 26.24
N VAL H 103 42.51 29.35 26.74
CA VAL H 103 41.16 28.90 26.41
C VAL H 103 40.47 29.84 25.42
N ILE H 104 40.02 29.28 24.31
CA ILE H 104 39.36 30.03 23.24
C ILE H 104 37.96 29.50 23.03
N ILE H 105 36.98 30.38 22.92
CA ILE H 105 35.63 29.97 22.63
C ILE H 105 35.16 30.57 21.30
N PHE H 106 34.29 29.82 20.61
CA PHE H 106 33.78 30.17 19.29
C PHE H 106 32.26 30.18 19.36
N PHE H 107 31.63 31.27 18.95
CA PHE H 107 30.17 31.31 18.95
C PHE H 107 29.64 32.11 17.79
N GLY H 108 28.35 31.96 17.51
CA GLY H 108 27.76 32.73 16.42
C GLY H 108 26.45 32.09 16.04
N VAL H 109 25.76 32.66 15.05
CA VAL H 109 24.44 32.13 14.70
C VAL H 109 24.58 30.82 13.96
N ASN H 110 23.45 30.16 13.74
CA ASN H 110 23.43 28.84 13.13
C ASN H 110 24.01 28.73 11.74
N GLY H 111 24.92 27.77 11.55
CA GLY H 111 25.39 27.45 10.22
C GLY H 111 26.52 28.34 9.67
N VAL H 112 26.96 29.33 10.44
CA VAL H 112 28.03 30.24 9.96
C VAL H 112 29.41 29.60 9.74
N GLY H 113 29.68 28.48 10.41
CA GLY H 113 30.95 27.81 10.19
C GLY H 113 31.83 27.58 11.42
N LYS H 114 31.25 27.61 12.62
CA LYS H 114 32.00 27.50 13.87
C LYS H 114 32.81 26.21 14.00
N THR H 115 32.14 25.09 13.77
CA THR H 115 32.71 23.77 14.02
C THR H 115 33.86 23.52 13.05
N THR H 116 33.65 23.89 11.80
CA THR H 116 34.66 23.69 10.76
C THR H 116 35.86 24.65 11.01
N THR H 117 35.55 25.86 11.45
CA THR H 117 36.60 26.85 11.74
C THR H 117 37.51 26.36 12.88
N ILE H 118 36.91 25.75 13.90
CA ILE H 118 37.71 25.13 14.97
C ILE H 118 38.72 24.12 14.46
N ALA H 119 38.30 23.28 13.51
CA ALA H 119 39.21 22.28 12.95
C ALA H 119 40.36 22.95 12.19
N LYS H 120 40.04 24.04 11.51
CA LYS H 120 41.07 24.82 10.83
C LYS H 120 42.05 25.42 11.84
N VAL H 121 41.52 25.93 12.94
CA VAL H 121 42.35 26.53 13.97
C VAL H 121 43.21 25.44 14.64
N VAL H 122 42.66 24.24 14.85
CA VAL H 122 43.47 23.12 15.34
C VAL H 122 44.62 22.81 14.39
N ASN H 123 44.32 22.68 13.11
CA ASN H 123 45.36 22.48 12.09
C ASN H 123 46.47 23.53 12.15
N MET H 124 46.08 24.80 12.31
CA MET H 124 47.03 25.90 12.41
C MET H 124 47.92 25.77 13.65
N LEU H 125 47.29 25.44 14.78
CA LEU H 125 48.01 25.31 16.05
C LEU H 125 48.98 24.13 16.03
N LYS H 126 48.58 23.04 15.39
CA LYS H 126 49.45 21.87 15.23
C LYS H 126 50.70 22.22 14.43
N LYS H 127 50.53 23.05 13.41
CA LYS H 127 51.66 23.52 12.63
C LYS H 127 52.61 24.34 13.47
N ASN H 128 52.10 24.96 14.54
CA ASN H 128 52.96 25.73 15.44
C ASN H 128 53.44 24.88 16.63
N ASN H 129 53.23 23.57 16.56
CA ASN H 129 53.57 22.66 17.65
C ASN H 129 52.95 23.05 18.98
N LEU H 130 51.69 23.46 18.93
CA LEU H 130 50.91 23.74 20.12
C LEU H 130 49.90 22.61 20.32
N SER H 131 49.85 22.06 21.52
CA SER H 131 48.88 21.01 21.83
C SER H 131 47.49 21.58 22.11
N THR H 132 46.47 20.86 21.68
CA THR H 132 45.11 21.38 21.72
C THR H 132 44.13 20.29 22.14
N ILE H 133 43.11 20.71 22.87
CA ILE H 133 41.97 19.83 23.14
C ILE H 133 40.69 20.56 22.75
N ILE H 134 39.70 19.81 22.28
CA ILE H 134 38.43 20.42 21.89
C ILE H 134 37.32 20.04 22.87
N ALA H 135 36.56 21.04 23.31
CA ALA H 135 35.35 20.77 24.11
C ALA H 135 34.14 20.77 23.16
N ALA H 136 33.42 19.65 23.13
CA ALA H 136 32.23 19.52 22.29
C ALA H 136 31.02 20.07 23.04
N SER H 137 30.99 21.39 23.21
CA SER H 137 29.95 21.99 24.02
C SER H 137 28.66 22.34 23.23
N ASP H 138 28.54 21.85 21.98
CA ASP H 138 27.21 21.80 21.33
C ASP H 138 26.64 20.43 21.65
N THR H 139 25.75 20.38 22.63
CA THR H 139 25.13 19.14 23.04
C THR H 139 23.67 19.10 22.60
N PHE H 140 23.34 19.97 21.64
CA PHE H 140 21.98 20.06 21.13
C PHE H 140 21.77 19.46 19.74
N ARG H 141 22.52 19.95 18.76
CA ARG H 141 22.14 19.68 17.36
C ARG H 141 22.50 18.25 16.94
N ALA H 142 21.73 17.68 16.02
CA ALA H 142 22.00 16.33 15.53
C ALA H 142 23.43 16.20 14.98
N ALA H 143 24.12 15.13 15.38
CA ALA H 143 25.48 14.83 14.92
C ALA H 143 26.56 15.87 15.23
N ALA H 144 26.27 16.81 16.14
CA ALA H 144 27.27 17.80 16.51
C ALA H 144 28.48 17.09 17.12
N GLN H 145 28.24 16.04 17.89
CA GLN H 145 29.36 15.29 18.49
C GLN H 145 30.13 14.47 17.44
N GLU H 146 29.40 13.75 16.60
CA GLU H 146 29.99 12.96 15.51
C GLU H 146 30.76 13.82 14.50
N GLN H 147 30.29 15.03 14.26
CA GLN H 147 31.01 15.94 13.35
C GLN H 147 32.37 16.33 13.93
N LEU H 148 32.38 16.70 15.20
CA LEU H 148 33.65 17.02 15.87
C LEU H 148 34.54 15.78 16.00
N ALA H 149 33.94 14.61 16.27
CA ALA H 149 34.71 13.39 16.43
C ALA H 149 35.49 13.05 15.16
N TYR H 150 34.89 13.28 14.00
CA TYR H 150 35.61 13.08 12.74
C TYR H 150 36.84 13.98 12.68
N HIS H 151 36.65 15.27 12.95
CA HIS H 151 37.75 16.22 12.85
C HIS H 151 38.85 15.93 13.85
N ALA H 152 38.45 15.63 15.10
CA ALA H 152 39.44 15.36 16.16
C ALA H 152 40.25 14.09 15.86
N SER H 153 39.58 13.10 15.28
CA SER H 153 40.26 11.88 14.91
C SER H 153 41.24 12.09 13.74
N LYS H 154 40.82 12.87 12.75
CA LYS H 154 41.67 13.13 11.58
C LYS H 154 42.89 13.96 11.96
N LEU H 155 42.68 14.93 12.86
CA LEU H 155 43.73 15.84 13.33
C LEU H 155 44.52 15.26 14.51
N GLU H 156 44.05 14.12 15.02
CA GLU H 156 44.70 13.40 16.12
C GLU H 156 44.89 14.27 17.36
N VAL H 157 43.80 14.87 17.79
CA VAL H 157 43.75 15.62 19.04
C VAL H 157 42.61 15.10 19.91
N GLN H 158 42.70 15.35 21.21
CA GLN H 158 41.70 14.93 22.17
C GLN H 158 40.37 15.70 22.08
N LEU H 159 39.26 14.96 22.15
CA LEU H 159 37.92 15.57 22.09
C LEU H 159 37.26 15.26 23.42
N ILE H 160 36.81 16.30 24.14
CA ILE H 160 36.06 16.06 25.36
C ILE H 160 34.59 16.09 24.95
N ARG H 161 33.91 14.97 25.13
CA ARG H 161 32.57 14.80 24.59
C ARG H 161 31.49 15.15 25.61
N GLY H 162 30.31 15.48 25.10
CA GLY H 162 29.16 15.67 25.97
C GLY H 162 28.02 14.76 25.55
N LYS H 163 27.33 14.18 26.53
CA LYS H 163 26.11 13.42 26.25
C LYS H 163 25.10 14.39 25.68
N TYR H 164 24.16 13.90 24.88
CA TYR H 164 23.10 14.75 24.34
CA TYR H 164 23.18 14.83 24.34
C TYR H 164 22.34 15.41 25.48
N GLY H 165 22.14 16.72 25.42
CA GLY H 165 21.46 17.45 26.47
C GLY H 165 22.32 17.81 27.70
N ALA H 166 23.59 17.41 27.69
CA ALA H 166 24.45 17.76 28.83
C ALA H 166 24.71 19.26 28.85
N ASP H 167 24.97 19.80 30.04
CA ASP H 167 25.24 21.24 30.20
C ASP H 167 26.52 21.61 29.44
N PRO H 168 26.42 22.48 28.43
CA PRO H 168 27.60 22.90 27.65
C PRO H 168 28.73 23.41 28.54
N ALA H 169 28.38 24.08 29.64
CA ALA H 169 29.36 24.64 30.56
C ALA H 169 30.13 23.54 31.28
N SER H 170 29.46 22.43 31.56
CA SER H 170 30.09 21.30 32.26
C SER H 170 31.13 20.65 31.39
N VAL H 171 30.79 20.47 30.12
CA VAL H 171 31.72 19.93 29.12
C VAL H 171 32.95 20.85 28.99
N ALA H 172 32.72 22.15 28.92
CA ALA H 172 33.82 23.10 28.88
C ALA H 172 34.71 22.99 30.13
N PHE H 173 34.08 22.94 31.29
CA PHE H 173 34.80 22.78 32.56
C PHE H 173 35.65 21.51 32.54
N ASP H 174 35.09 20.42 32.03
CA ASP H 174 35.82 19.14 32.01
C ASP H 174 37.01 19.23 31.08
N ALA H 175 36.85 19.97 29.98
CA ALA H 175 37.92 20.10 29.00
C ALA H 175 39.10 20.86 29.59
N ILE H 176 38.80 21.90 30.35
CA ILE H 176 39.83 22.72 30.97
C ILE H 176 40.57 21.96 32.09
N SER H 177 39.82 21.27 32.97
CA SER H 177 40.45 20.45 33.99
C SER H 177 41.34 19.36 33.40
N PHE H 178 40.87 18.71 32.34
CA PHE H 178 41.68 17.71 31.67
C PHE H 178 42.97 18.35 31.13
N ALA H 179 42.82 19.47 30.42
CA ALA H 179 43.95 20.20 29.87
C ALA H 179 44.99 20.60 30.89
N LYS H 180 44.54 21.06 32.07
CA LYS H 180 45.46 21.42 33.14
C LYS H 180 46.22 20.19 33.61
N SER H 181 45.53 19.06 33.72
CA SER H 181 46.18 17.86 34.21
C SER H 181 47.17 17.26 33.20
N ARG H 182 46.91 17.48 31.91
CA ARG H 182 47.76 16.87 30.87
C ARG H 182 48.72 17.87 30.22
N ASN H 183 48.83 19.07 30.79
CA ASN H 183 49.71 20.12 30.27
C ASN H 183 49.48 20.48 28.80
N ILE H 184 48.21 20.56 28.41
CA ILE H 184 47.80 20.90 27.06
C ILE H 184 47.86 22.41 26.87
N ASP H 185 48.44 22.86 25.76
CA ASP H 185 48.62 24.29 25.50
C ASP H 185 47.30 25.06 25.33
N VAL H 186 46.35 24.49 24.59
CA VAL H 186 45.17 25.25 24.18
C VAL H 186 43.88 24.44 24.26
N VAL H 187 42.83 25.05 24.79
CA VAL H 187 41.48 24.48 24.73
C VAL H 187 40.62 25.27 23.75
N LEU H 188 39.96 24.59 22.82
CA LEU H 188 38.99 25.22 21.92
C LEU H 188 37.59 24.74 22.26
N ILE H 189 36.67 25.68 22.47
CA ILE H 189 35.32 25.33 22.86
C ILE H 189 34.33 25.63 21.73
N ASP H 190 33.66 24.59 21.25
CA ASP H 190 32.67 24.70 20.21
C ASP H 190 31.31 24.90 20.88
N THR H 191 30.48 25.77 20.32
CA THR H 191 29.17 26.02 20.90
C THR H 191 28.10 25.83 19.84
N ALA H 192 26.90 25.49 20.27
CA ALA H 192 25.77 25.35 19.33
C ALA H 192 25.44 26.70 18.72
N GLY H 193 24.89 26.69 17.51
CA GLY H 193 24.43 27.91 16.88
C GLY H 193 23.33 28.50 17.75
N ARG H 194 23.26 29.83 17.82
CA ARG H 194 22.19 30.51 18.54
C ARG H 194 21.95 31.87 17.93
N MET H 195 20.70 32.29 17.88
CA MET H 195 20.39 33.65 17.45
C MET H 195 20.75 34.61 18.55
N HIS H 196 21.23 35.79 18.16
CA HIS H 196 21.65 36.81 19.12
C HIS H 196 20.46 37.36 19.92
N ILE H 197 19.25 37.10 19.45
CA ILE H 197 18.06 37.56 20.16
C ILE H 197 17.35 36.46 20.95
N ASP H 198 17.91 35.26 20.90
CA ASP H 198 17.38 34.12 21.67
C ASP H 198 17.86 34.22 23.11
N SER H 199 16.98 34.70 23.99
CA SER H 199 17.31 34.99 25.38
C SER H 199 17.81 33.76 26.16
N ASP H 200 17.12 32.63 26.01
CA ASP H 200 17.53 31.40 26.68
C ASP H 200 18.91 30.94 26.25
N LEU H 201 19.17 30.98 24.95
CA LEU H 201 20.45 30.51 24.45
C LEU H 201 21.60 31.50 24.69
N VAL H 202 21.28 32.80 24.69
CA VAL H 202 22.27 33.78 25.13
C VAL H 202 22.68 33.53 26.59
N GLU H 203 21.72 33.23 27.46
CA GLU H 203 22.05 32.94 28.85
C GLU H 203 22.88 31.66 28.96
N GLU H 204 22.56 30.66 28.14
CA GLU H 204 23.37 29.44 28.07
C GLU H 204 24.84 29.73 27.68
N LEU H 205 25.04 30.59 26.69
CA LEU H 205 26.39 31.00 26.29
C LEU H 205 27.11 31.75 27.42
N LYS H 206 26.39 32.67 28.07
CA LYS H 206 26.99 33.41 29.18
C LYS H 206 27.37 32.47 30.31
N LYS H 207 26.60 31.41 30.52
CA LYS H 207 26.95 30.43 31.54
C LYS H 207 28.27 29.74 31.18
N VAL H 208 28.41 29.33 29.93
CA VAL H 208 29.70 28.80 29.48
C VAL H 208 30.84 29.79 29.72
N LEU H 209 30.62 31.05 29.35
CA LEU H 209 31.63 32.08 29.55
C LEU H 209 32.03 32.28 31.02
N ARG H 210 31.05 32.32 31.92
CA ARG H 210 31.40 32.61 33.31
C ARG H 210 32.04 31.39 33.99
N ILE H 211 31.74 30.20 33.49
CA ILE H 211 32.32 28.99 34.07
C ILE H 211 33.69 28.68 33.49
N ALA H 212 33.80 28.73 32.16
CA ALA H 212 35.05 28.42 31.48
C ALA H 212 36.08 29.55 31.50
N LYS H 213 35.60 30.79 31.68
CA LYS H 213 36.47 31.97 31.70
C LYS H 213 37.49 31.99 30.55
N PRO H 214 37.02 31.96 29.31
CA PRO H 214 37.99 31.89 28.20
C PRO H 214 38.92 33.11 28.08
N ASP H 215 40.11 32.87 27.54
CA ASP H 215 41.09 33.94 27.38
C ASP H 215 40.89 34.71 26.07
N PHE H 216 40.13 34.13 25.16
CA PHE H 216 39.84 34.80 23.88
C PHE H 216 38.49 34.34 23.36
N ARG H 217 37.68 35.28 22.89
CA ARG H 217 36.33 35.01 22.43
C ARG H 217 36.20 35.36 20.94
N ILE H 218 35.82 34.39 20.12
CA ILE H 218 35.69 34.64 18.69
C ILE H 218 34.26 34.48 18.18
N LEU H 219 33.73 35.58 17.64
CA LEU H 219 32.47 35.55 16.91
C LEU H 219 32.71 35.11 15.48
N ILE H 220 31.91 34.15 15.01
CA ILE H 220 32.00 33.72 13.62
C ILE H 220 30.87 34.39 12.83
N LEU H 221 31.23 35.04 11.72
CA LEU H 221 30.27 35.66 10.80
C LEU H 221 30.47 35.09 9.39
N ASP H 222 29.36 34.90 8.67
CA ASP H 222 29.35 34.41 7.31
C ASP H 222 29.51 35.63 6.40
N SER H 223 30.49 35.58 5.49
CA SER H 223 30.70 36.70 4.55
C SER H 223 29.60 36.80 3.48
N LEU H 224 28.76 35.77 3.38
CA LEU H 224 27.64 35.84 2.43
C LEU H 224 26.47 36.66 2.95
N ALA H 225 26.42 36.85 4.26
CA ALA H 225 25.34 37.60 4.91
C ALA H 225 25.36 39.10 4.54
N GLY H 226 24.18 39.68 4.41
CA GLY H 226 24.05 41.11 4.17
C GLY H 226 24.03 41.89 5.46
N SER H 227 23.07 42.80 5.59
CA SER H 227 22.95 43.71 6.73
C SER H 227 22.83 43.01 8.08
N ASP H 228 22.35 41.77 8.09
CA ASP H 228 22.20 41.09 9.37
C ASP H 228 23.51 40.72 10.06
N ALA H 229 24.60 40.63 9.29
CA ALA H 229 25.92 40.34 9.88
C ALA H 229 26.34 41.43 10.88
N LEU H 230 26.15 42.69 10.50
CA LEU H 230 26.42 43.81 11.40
C LEU H 230 25.50 43.81 12.62
N GLU H 231 24.23 43.47 12.40
CA GLU H 231 23.27 43.33 13.48
C GLU H 231 23.68 42.22 14.47
N GLN H 232 24.12 41.08 13.94
CA GLN H 232 24.68 40.02 14.78
C GLN H 232 25.87 40.51 15.60
N ALA H 233 26.81 41.15 14.91
CA ALA H 233 27.99 41.68 15.57
C ALA H 233 27.66 42.69 16.67
N ARG H 234 26.72 43.60 16.39
CA ARG H 234 26.32 44.60 17.38
C ARG H 234 25.68 43.99 18.64
N HIS H 235 24.72 43.10 18.43
CA HIS H 235 23.95 42.51 19.52
C HIS H 235 24.79 41.57 20.37
N PHE H 236 25.62 40.75 19.72
CA PHE H 236 26.51 39.85 20.45
C PHE H 236 27.54 40.65 21.25
N GLU H 237 27.98 41.80 20.72
CA GLU H 237 28.92 42.64 21.47
C GLU H 237 28.24 43.21 22.72
N ASN H 238 27.04 43.73 22.56
CA ASN H 238 26.29 44.30 23.68
C ASN H 238 25.88 43.28 24.75
N ASN H 239 25.39 42.12 24.32
CA ASN H 239 24.83 41.14 25.26
C ASN H 239 25.86 40.14 25.79
N VAL H 240 26.89 39.87 24.99
CA VAL H 240 27.88 38.85 25.33
C VAL H 240 29.31 39.43 25.40
N GLY H 241 29.75 40.05 24.32
CA GLY H 241 31.12 40.57 24.22
C GLY H 241 32.05 39.55 23.57
N TYR H 242 32.94 40.02 22.69
CA TYR H 242 33.89 39.12 22.02
C TYR H 242 35.09 39.96 21.63
N ASP H 243 36.21 39.30 21.33
CA ASP H 243 37.48 39.98 21.10
C ASP H 243 37.76 40.16 19.62
N ALA H 244 37.34 39.19 18.82
CA ALA H 244 37.64 39.23 17.39
C ALA H 244 36.61 38.46 16.60
N VAL H 245 36.66 38.60 15.29
CA VAL H 245 35.75 37.91 14.41
C VAL H 245 36.55 37.03 13.45
N ILE H 246 36.02 35.86 13.14
CA ILE H 246 36.50 35.15 11.95
C ILE H 246 35.38 35.15 10.90
N LEU H 247 35.75 35.59 9.69
CA LEU H 247 34.81 35.71 8.57
C LEU H 247 34.91 34.51 7.65
N THR H 248 33.83 33.76 7.49
CA THR H 248 33.89 32.51 6.73
C THR H 248 33.30 32.66 5.32
N LYS H 249 33.60 31.68 4.46
CA LYS H 249 32.98 31.52 3.15
C LYS H 249 33.33 32.65 2.19
N VAL H 250 34.51 33.25 2.41
CA VAL H 250 34.98 34.32 1.53
C VAL H 250 35.19 33.77 0.12
N ASP H 251 35.43 32.47 0.01
CA ASP H 251 35.61 31.82 -1.29
C ASP H 251 34.32 31.79 -2.14
N ALA H 252 33.20 32.21 -1.56
CA ALA H 252 31.93 32.29 -2.33
C ALA H 252 31.80 33.58 -3.14
N ASP H 253 32.93 34.16 -3.52
CA ASP H 253 32.95 35.43 -4.26
C ASP H 253 32.24 36.55 -3.48
N ALA H 254 32.20 36.42 -2.17
CA ALA H 254 31.62 37.44 -1.30
C ALA H 254 32.69 38.49 -1.06
N LYS H 255 32.31 39.76 -1.19
CA LYS H 255 33.26 40.85 -0.99
C LYS H 255 33.67 41.00 0.47
N GLY H 256 32.77 40.71 1.40
CA GLY H 256 33.09 40.80 2.81
C GLY H 256 33.08 42.19 3.42
N GLY H 257 32.22 43.08 2.91
CA GLY H 257 32.11 44.44 3.41
C GLY H 257 31.90 44.59 4.92
N ILE H 258 31.39 43.53 5.53
CA ILE H 258 31.27 43.45 7.00
C ILE H 258 32.56 43.82 7.74
N ALA H 259 33.71 43.45 7.18
CA ALA H 259 35.01 43.78 7.79
C ALA H 259 35.15 45.29 8.02
N LEU H 260 34.73 46.08 7.03
CA LEU H 260 34.78 47.53 7.17
C LEU H 260 33.78 48.01 8.21
N SER H 261 32.55 47.51 8.12
CA SER H 261 31.50 47.88 9.09
C SER H 261 31.94 47.58 10.51
N LEU H 262 32.55 46.41 10.69
CA LEU H 262 33.08 45.98 11.98
C LEU H 262 34.08 46.96 12.52
N ALA H 263 35.02 47.36 11.67
CA ALA H 263 36.05 48.32 12.04
C ALA H 263 35.48 49.70 12.35
N TYR H 264 34.63 50.20 11.45
CA TYR H 264 34.13 51.56 11.54
C TYR H 264 33.11 51.74 12.68
N GLU H 265 32.26 50.74 12.90
CA GLU H 265 31.17 50.84 13.87
C GLU H 265 31.48 50.29 15.26
N LEU H 266 32.24 49.18 15.31
CA LEU H 266 32.44 48.47 16.58
C LEU H 266 33.90 48.36 16.97
N LYS H 267 34.80 48.82 16.12
CA LYS H 267 36.24 48.69 16.34
C LYS H 267 36.65 47.25 16.66
N LYS H 268 36.03 46.30 15.95
CA LYS H 268 36.35 44.88 16.09
C LYS H 268 37.20 44.42 14.91
N PRO H 269 38.26 43.64 15.19
CA PRO H 269 39.14 43.12 14.14
C PRO H 269 38.69 41.76 13.56
N VAL H 270 39.08 41.54 12.31
CA VAL H 270 38.97 40.23 11.68
C VAL H 270 40.31 39.51 11.82
N VAL H 271 40.37 38.49 12.65
CA VAL H 271 41.64 37.82 12.91
C VAL H 271 42.00 36.84 11.78
N TYR H 272 41.00 36.16 11.21
CA TYR H 272 41.22 35.29 10.04
C TYR H 272 39.99 35.29 9.14
N MET H 273 40.19 34.86 7.90
CA MET H 273 39.06 34.58 7.02
C MET H 273 39.07 33.10 6.62
N GLY H 274 37.89 32.51 6.49
CA GLY H 274 37.79 31.14 6.02
C GLY H 274 37.60 31.20 4.52
N VAL H 275 38.31 30.36 3.77
CA VAL H 275 38.27 30.45 2.31
C VAL H 275 38.07 29.08 1.67
N GLY H 276 37.41 28.18 2.40
CA GLY H 276 37.12 26.87 1.86
C GLY H 276 36.80 25.87 2.95
N GLN H 277 36.73 24.59 2.59
CA GLN H 277 36.31 23.56 3.52
C GLN H 277 37.48 22.67 3.95
N ASN H 278 38.67 22.98 3.43
CA ASN H 278 39.88 22.26 3.80
C ASN H 278 40.53 22.89 5.02
N TYR H 279 41.27 22.10 5.80
CA TYR H 279 41.86 22.60 7.01
C TYR H 279 42.80 23.79 6.76
N ASP H 280 43.52 23.76 5.64
CA ASP H 280 44.44 24.84 5.33
C ASP H 280 43.74 26.14 4.92
N ASP H 281 42.43 26.07 4.68
CA ASP H 281 41.67 27.20 4.15
C ASP H 281 41.33 28.28 5.19
N LEU H 282 42.38 28.79 5.83
CA LEU H 282 42.23 29.84 6.84
C LEU H 282 43.41 30.80 6.67
N ILE H 283 43.13 32.06 6.36
CA ILE H 283 44.19 33.03 6.05
C ILE H 283 44.07 34.30 6.89
N PRO H 284 45.19 35.00 7.11
CA PRO H 284 45.06 36.25 7.88
C PRO H 284 44.35 37.33 7.05
N PHE H 285 43.77 38.31 7.72
CA PHE H 285 43.09 39.40 7.04
C PHE H 285 44.09 40.45 6.58
N SER H 286 44.08 40.73 5.28
CA SER H 286 44.95 41.74 4.69
C SER H 286 44.14 42.95 4.22
N PRO H 287 44.39 44.12 4.82
CA PRO H 287 43.65 45.33 4.44
C PRO H 287 43.83 45.71 2.97
N ASP H 288 45.07 45.67 2.47
CA ASP H 288 45.34 45.93 1.07
C ASP H 288 44.51 45.03 0.16
N TRP H 289 44.57 43.73 0.43
CA TRP H 289 43.81 42.75 -0.33
C TRP H 289 42.31 43.08 -0.30
N PHE H 290 41.81 43.42 0.89
CA PHE H 290 40.40 43.73 1.08
C PHE H 290 39.95 44.93 0.25
N VAL H 291 40.69 46.02 0.38
CA VAL H 291 40.34 47.25 -0.32
C VAL H 291 40.31 47.02 -1.83
N GLU H 292 41.28 46.25 -2.34
CA GLU H 292 41.32 45.96 -3.76
C GLU H 292 40.17 45.05 -4.18
N ARG H 293 39.71 44.21 -3.26
CA ARG H 293 38.57 43.33 -3.51
C ARG H 293 37.28 44.14 -3.60
N ILE H 294 36.98 44.90 -2.55
CA ILE H 294 35.76 45.70 -2.46
C ILE H 294 35.49 46.57 -3.68
N PHE H 295 36.52 47.24 -4.17
CA PHE H 295 36.40 48.05 -5.38
C PHE H 295 36.74 47.21 -6.60
N SER H 296 36.33 47.67 -7.77
CA SER H 296 36.53 46.92 -9.01
C SER H 296 36.51 47.83 -10.23
PG GNP I . 27.78 -11.72 16.53
O1G GNP I . 29.15 -11.25 17.07
O2G GNP I . 26.82 -10.58 16.36
O3G GNP I . 27.33 -12.81 17.49
N3B GNP I . 28.06 -12.46 15.12
PB GNP I . 26.87 -13.00 14.13
O1B GNP I . 26.08 -11.82 13.81
O2B GNP I . 26.20 -14.16 14.77
O3A GNP I . 27.57 -13.59 12.88
PA GNP I . 28.11 -12.79 11.64
O1A GNP I . 28.99 -11.66 12.05
O2A GNP I . 26.97 -12.46 10.76
O5' GNP I . 28.94 -13.85 10.83
C5' GNP I . 30.05 -14.54 11.39
C4' GNP I . 30.92 -15.00 10.23
O4' GNP I . 30.32 -16.14 9.56
C3' GNP I . 31.12 -13.96 9.12
O3' GNP I . 32.43 -14.08 8.61
C2' GNP I . 30.11 -14.38 8.04
O2' GNP I . 30.55 -13.99 6.76
C1' GNP I . 30.21 -15.90 8.17
N9 GNP I . 29.07 -16.72 7.74
C8 GNP I . 27.74 -16.64 8.08
N7 GNP I . 27.01 -17.61 7.55
C5 GNP I . 27.93 -18.39 6.83
C6 GNP I . 27.79 -19.56 6.03
O6 GNP I . 26.75 -20.21 5.76
N1 GNP I . 29.02 -19.99 5.50
C2 GNP I . 30.22 -19.37 5.72
N2 GNP I . 31.32 -19.88 5.13
N3 GNP I . 30.34 -18.27 6.44
C4 GNP I . 29.19 -17.85 6.97
MG MG J . 25.90 -9.91 14.56
P 5GP K . 27.87 0.57 16.63
O1P 5GP K . 29.30 0.17 16.63
O2P 5GP K . 27.48 1.76 15.84
O3P 5GP K . 27.06 -0.58 16.15
O5' 5GP K . 27.46 0.88 18.13
C5' 5GP K . 27.60 -0.09 19.16
C4' 5GP K . 29.02 -0.16 19.67
O4' 5GP K . 29.40 1.15 20.18
C3' 5GP K . 29.28 -1.15 20.80
O3' 5GP K . 30.58 -1.71 20.65
C2' 5GP K . 29.26 -0.27 22.04
O2' 5GP K . 30.00 -0.79 23.13
C1' 5GP K . 29.89 1.01 21.50
N9 5GP K . 29.56 2.23 22.25
C8 5GP K . 28.36 2.92 22.26
N7 5GP K . 28.40 3.97 23.03
C5 5GP K . 29.68 3.98 23.57
C6 5GP K . 30.30 4.87 24.48
O6 5GP K . 29.82 5.88 25.02
N1 5GP K . 31.61 4.50 24.76
C2 5GP K . 32.25 3.40 24.22
N2 5GP K . 33.53 3.21 24.61
N3 5GP K . 31.69 2.56 23.38
C4 5GP K . 30.41 2.91 23.09
C1 GOL L . 19.19 -35.65 27.95
O1 GOL L . 19.92 -34.77 27.12
C2 GOL L . 18.01 -36.24 27.17
O2 GOL L . 17.98 -35.72 25.86
C3 GOL L . 18.14 -37.76 27.11
O3 GOL L . 17.58 -38.24 25.91
C1 GOL M . 22.77 -31.34 4.26
O1 GOL M . 24.00 -31.21 3.54
C2 GOL M . 21.80 -30.30 3.68
O2 GOL M . 21.52 -30.60 2.33
C3 GOL M . 20.50 -30.19 4.44
O3 GOL M . 19.69 -29.25 3.76
C1 GOL N . 28.31 -9.81 1.91
O1 GOL N . 27.73 -10.45 0.78
C2 GOL N . 29.67 -9.26 1.52
O2 GOL N . 29.75 -9.16 0.11
C3 GOL N . 29.85 -7.88 2.13
O3 GOL N . 31.23 -7.56 2.17
S SO4 O . 25.46 -21.05 35.12
O1 SO4 O . 26.42 -21.21 34.03
O2 SO4 O . 26.14 -20.61 36.32
O3 SO4 O . 24.78 -22.32 35.35
O4 SO4 O . 24.46 -20.04 34.74
S SO4 P . 23.01 -26.61 31.60
O1 SO4 P . 23.30 -25.84 32.81
O2 SO4 P . 24.23 -27.28 31.14
O3 SO4 P . 22.00 -27.62 31.91
O4 SO4 P . 22.49 -25.74 30.53
S SO4 Q . 27.71 5.47 11.53
O1 SO4 Q . 28.39 6.62 12.13
O2 SO4 Q . 28.54 4.28 11.75
O3 SO4 Q . 26.41 5.28 12.17
O4 SO4 Q . 27.54 5.68 10.09
PG GNP R . 34.90 -13.13 11.21
O1G GNP R . 35.95 -12.08 10.98
O2G GNP R . 33.57 -12.77 10.54
O3G GNP R . 35.26 -14.50 10.68
N3B GNP R . 34.62 -13.27 12.77
PB GNP R . 35.85 -13.37 13.84
O1B GNP R . 36.79 -12.27 13.61
O2B GNP R . 36.45 -14.71 13.74
O3A GNP R . 35.20 -13.22 15.19
PA GNP R . 34.79 -11.95 15.96
O1A GNP R . 35.98 -11.35 16.66
O2A GNP R . 34.00 -11.02 15.08
O5' GNP R . 33.90 -12.46 17.14
C5' GNP R . 32.59 -13.08 16.92
C4' GNP R . 31.76 -12.93 18.18
O4' GNP R . 32.28 -13.80 19.25
C3' GNP R . 31.77 -11.52 18.76
O3' GNP R . 30.50 -11.26 19.33
C2' GNP R . 32.83 -11.60 19.87
O2' GNP R . 32.58 -10.65 20.89
C1' GNP R . 32.47 -13.00 20.40
N9 GNP R . 33.57 -13.61 21.16
C8 GNP R . 34.88 -13.74 20.81
N7 GNP R . 35.62 -14.35 21.73
C5 GNP R . 34.70 -14.64 22.73
C6 GNP R . 34.88 -15.29 23.97
O6 GNP R . 35.96 -15.72 24.42
N1 GNP R . 33.70 -15.37 24.71
C2 GNP R . 32.48 -14.90 24.27
N2 GNP R . 31.42 -15.05 25.07
N3 GNP R . 32.29 -14.28 23.10
C4 GNP R . 33.44 -14.18 22.40
MG MG S . 36.96 -10.85 12.08
C1 GOL T . 34.77 -3.60 23.94
O1 GOL T . 33.60 -4.12 23.34
C2 GOL T . 34.79 -3.76 25.47
O2 GOL T . 33.90 -4.79 25.87
C3 GOL T . 36.20 -4.07 25.96
O3 GOL T . 36.27 -4.44 27.32
C1 GOL U . 34.50 -2.66 5.43
O1 GOL U . 35.50 -2.70 6.43
C2 GOL U . 34.99 -3.53 4.27
O2 GOL U . 35.53 -4.72 4.80
C3 GOL U . 33.81 -3.84 3.35
O3 GOL U . 34.26 -4.57 2.23
C1 GOL V . 60.05 -0.74 24.12
O1 GOL V . 59.07 -1.69 24.50
C2 GOL V . 59.75 -0.10 22.76
O2 GOL V . 60.13 -0.98 21.73
C3 GOL V . 58.27 0.23 22.58
O3 GOL V . 58.03 0.93 21.36
C1 GOL W . 53.48 -19.78 3.23
O1 GOL W . 52.54 -19.74 2.17
C2 GOL W . 53.07 -20.83 4.26
O2 GOL W . 51.97 -21.57 3.80
C3 GOL W . 54.27 -21.74 4.54
O3 GOL W . 54.07 -22.42 5.75
S SO4 X . 46.26 3.69 6.96
O1 SO4 X . 46.77 2.61 6.11
O2 SO4 X . 47.41 4.32 7.64
O3 SO4 X . 45.34 3.16 7.97
O4 SO4 X . 45.57 4.70 6.16
S SO4 Y . 54.56 -21.43 -0.28
O1 SO4 Y . 55.62 -21.29 0.71
O2 SO4 Y . 55.13 -21.23 -1.62
O3 SO4 Y . 53.97 -22.76 -0.19
O4 SO4 Y . 53.54 -20.42 -0.03
PG GNP Z . -27.12 -22.70 -5.75
O1G GNP Z . -25.73 -22.09 -5.48
O2G GNP Z . -28.19 -21.69 -5.87
O3G GNP Z . -27.29 -23.73 -4.65
N3B GNP Z . -27.01 -23.53 -7.12
PB GNP Z . -28.28 -24.25 -7.82
O1B GNP Z . -28.69 -25.42 -6.98
O2B GNP Z . -29.27 -23.20 -8.05
O3A GNP Z . -27.76 -24.81 -9.15
PA GNP Z . -27.58 -24.08 -10.51
O1A GNP Z . -26.74 -22.85 -10.41
O2A GNP Z . -28.85 -23.97 -11.25
O5' GNP Z . -26.77 -25.10 -11.38
C5' GNP Z . -25.45 -25.60 -10.99
C4' GNP Z . -24.72 -26.00 -12.27
O4' GNP Z . -25.27 -27.24 -12.75
C3' GNP Z . -24.84 -25.06 -13.48
O3' GNP Z . -23.68 -25.16 -14.26
C2' GNP Z . -25.98 -25.67 -14.30
O2' GNP Z . -25.89 -25.41 -15.68
C1' GNP Z . -25.62 -27.14 -14.12
N9 GNP Z . -26.68 -28.13 -14.32
C8 GNP Z . -27.94 -28.16 -13.76
N7 GNP Z . -28.64 -29.21 -14.11
C5 GNP Z . -27.78 -29.93 -14.95
C6 GNP Z . -27.93 -31.17 -15.63
O6 GNP Z . -28.91 -31.92 -15.67
N1 GNP Z . -26.80 -31.53 -16.38
C2 GNP Z . -25.64 -30.79 -16.42
N2 GNP Z . -24.64 -31.26 -17.19
N3 GNP Z . -25.49 -29.64 -15.79
C4 GNP Z . -26.58 -29.27 -15.08
MG MG AA . -29.51 -21.27 -7.40
P 5GP BA . -28.52 -10.90 -6.06
O1P 5GP BA . -27.05 -10.71 -6.22
O2P 5GP BA . -29.16 -11.79 -7.04
O3P 5GP BA . -29.13 -9.56 -6.21
O5' 5GP BA . -28.88 -11.52 -4.63
C5' 5GP BA . -28.68 -10.81 -3.40
C4' 5GP BA . -27.26 -10.34 -3.26
O4' 5GP BA . -27.09 -9.46 -2.10
C3' 5GP BA . -26.18 -11.42 -3.13
O3' 5GP BA . -25.09 -11.08 -3.97
C2' 5GP BA . -25.73 -11.30 -1.68
O2' 5GP BA . -24.40 -11.72 -1.45
C1' 5GP BA . -25.88 -9.80 -1.45
N9 5GP BA . -25.92 -9.40 -0.05
C8 5GP BA . -26.79 -9.80 0.94
N7 5GP BA . -26.54 -9.24 2.09
C5 5GP BA . -25.43 -8.44 1.86
C6 5GP BA . -24.69 -7.61 2.74
O6 5GP BA . -24.88 -7.39 3.94
N1 5GP BA . -23.63 -6.98 2.08
C2 5GP BA . -23.33 -7.13 0.75
N2 5GP BA . -22.27 -6.45 0.29
N3 5GP BA . -24.00 -7.91 -0.08
C4 5GP BA . -25.03 -8.53 0.54
C1 GOL CA . -32.05 -43.46 -15.88
O1 GOL CA . -30.94 -43.40 -16.76
C2 GOL CA . -33.18 -42.59 -16.41
O2 GOL CA . -33.35 -42.77 -17.80
C3 GOL CA . -34.47 -42.91 -15.68
O3 GOL CA . -35.29 -41.77 -15.65
C1 GOL DA . -28.95 -22.36 -21.02
O1 GOL DA . -28.76 -23.45 -21.90
C2 GOL DA . -28.27 -21.14 -21.61
O2 GOL DA . -29.12 -20.54 -22.55
C3 GOL DA . -27.98 -20.15 -20.48
O3 GOL DA . -27.21 -19.06 -20.94
S SO4 EA . -26.87 -31.36 15.10
O1 SO4 EA . -26.82 -31.26 16.55
O2 SO4 EA . -25.60 -31.87 14.59
O3 SO4 EA . -27.13 -30.04 14.54
O4 SO4 EA . -27.95 -32.27 14.72
PG GNP FA . -20.95 -23.66 -12.18
O1G GNP FA . -20.12 -22.49 -12.64
O2G GNP FA . -22.39 -23.54 -12.63
O3G GNP FA . -20.47 -25.01 -12.66
N3B GNP FA . -20.88 -23.72 -10.58
PB GNP FA . -19.49 -23.50 -9.75
O1B GNP FA . -18.82 -22.28 -10.24
O2B GNP FA . -18.73 -24.75 -9.76
O3A GNP FA . -19.91 -23.27 -8.31
PA GNP FA . -20.39 -21.99 -7.59
O1A GNP FA . -19.19 -21.20 -7.17
O2A GNP FA . -21.50 -21.31 -8.33
O5' GNP FA . -20.96 -22.54 -6.23
C5' GNP FA . -22.15 -23.38 -6.16
C4' GNP FA . -22.75 -23.22 -4.77
O4' GNP FA . -21.92 -23.90 -3.80
C3' GNP FA . -22.85 -21.78 -4.28
O3' GNP FA . -24.03 -21.65 -3.47
C2' GNP FA . -21.60 -21.63 -3.41
O2' GNP FA . -21.77 -20.64 -2.42
C1' GNP FA . -21.61 -23.02 -2.75
N9 GNP FA . -20.33 -23.42 -2.15
C8 GNP FA . -19.10 -23.46 -2.76
N7 GNP FA . -18.15 -23.90 -1.95
C5 GNP FA . -18.81 -24.18 -0.76
C6 GNP FA . -18.34 -24.68 0.48
O6 GNP FA . -17.18 -24.99 0.80
N1 GNP FA . -19.36 -24.82 1.41
C2 GNP FA . -20.68 -24.51 1.19
N2 GNP FA . -21.53 -24.71 2.21
N3 GNP FA . -21.13 -24.04 0.03
C4 GNP FA . -20.16 -23.90 -0.88
MG MG GA . -19.18 -21.03 -11.83
C1 GOL HA . -19.91 -12.84 -0.14
O1 GOL HA . -20.74 -13.86 -0.67
C2 GOL HA . -19.53 -13.11 1.33
O2 GOL HA . -20.03 -14.35 1.78
C3 GOL HA . -18.02 -13.01 1.52
O3 GOL HA . -17.58 -13.55 2.76
PG GNP IA . -33.74 9.52 -17.75
O1G GNP IA . -32.26 9.69 -17.41
O2G GNP IA . -34.16 8.09 -17.95
O3G GNP IA . -33.99 10.40 -18.94
N3B GNP IA . -34.61 10.19 -16.56
PB GNP IA . -36.22 10.04 -16.48
O1B GNP IA . -36.54 8.58 -16.45
O2B GNP IA . -36.86 10.94 -17.48
O3A GNP IA . -36.66 10.63 -15.13
PA GNP IA . -36.64 9.93 -13.75
O1A GNP IA . -35.32 9.36 -13.37
O2A GNP IA . -37.79 8.99 -13.63
O5' GNP IA . -36.98 11.09 -12.75
C5' GNP IA . -36.08 12.23 -12.62
C4' GNP IA . -36.22 12.86 -11.24
O4' GNP IA . -37.45 13.63 -11.13
C3' GNP IA . -36.26 11.89 -10.07
O3' GNP IA . -35.59 12.47 -8.96
C2' GNP IA . -37.76 11.76 -9.77
O2' GNP IA . -37.99 11.32 -8.44
C1' GNP IA . -38.19 13.21 -10.00
N9 GNP IA . -39.59 13.51 -10.34
C8 GNP IA . -40.36 12.96 -11.35
N7 GNP IA . -41.56 13.48 -11.41
C5 GNP IA . -41.58 14.44 -10.39
C6 GNP IA . -42.58 15.34 -9.95
O6 GNP IA . -43.74 15.48 -10.39
N1 GNP IA . -42.14 16.13 -8.88
C2 GNP IA . -40.90 16.07 -8.31
N2 GNP IA . -40.64 16.91 -7.29
N3 GNP IA . -39.96 15.24 -8.71
C4 GNP IA . -40.36 14.47 -9.74
MG MG JA . -35.52 6.92 -17.04
P 5GP KA . -28.77 -1.52 -16.78
O1P 5GP KA . -27.78 -0.61 -16.12
O2P 5GP KA . -28.68 -2.97 -16.47
O3P 5GP KA . -30.13 -1.08 -16.38
O5' 5GP KA . -28.60 -1.29 -18.36
C5' 5GP KA . -27.45 -1.72 -19.09
C4' 5GP KA . -26.28 -0.77 -18.88
O4' 5GP KA . -25.12 -1.16 -19.65
C3' 5GP KA . -26.51 0.66 -19.29
O3' 5GP KA . -27.31 1.36 -18.35
C2' 5GP KA . -25.09 1.21 -19.39
O2' 5GP KA . -24.60 1.58 -18.12
C1' 5GP KA . -24.31 -0.02 -19.87
N9 5GP KA . -23.93 0.10 -21.29
C8 5GP KA . -24.70 0.59 -22.32
N7 5GP KA . -24.07 0.59 -23.48
C5 5GP KA . -22.82 0.08 -23.20
C6 5GP KA . -21.71 -0.16 -24.05
O6 5GP KA . -21.61 0.04 -25.25
N1 5GP KA . -20.63 -0.70 -23.35
C2 5GP KA . -20.62 -0.97 -22.00
N2 5GP KA . -19.47 -1.48 -21.51
N3 5GP KA . -21.65 -0.75 -21.19
C4 5GP KA . -22.71 -0.23 -21.85
C1 GOL LA . -52.10 23.60 -12.84
O1 GOL LA . -51.48 24.29 -11.76
C2 GOL LA . -52.69 22.28 -12.33
O2 GOL LA . -53.15 22.41 -11.00
C3 GOL LA . -53.84 21.86 -13.22
O3 GOL LA . -53.44 20.76 -14.02
C1 GOL MA . -38.32 5.73 -3.44
O1 GOL MA . -37.78 4.60 -4.08
C2 GOL MA . -39.51 6.32 -4.21
O2 GOL MA . -40.04 5.40 -5.14
C3 GOL MA . -40.58 6.73 -3.21
O3 GOL MA . -41.74 7.05 -3.92
S SO4 NA . -29.02 19.41 -35.31
O1 SO4 NA . -29.19 19.87 -33.93
O2 SO4 NA . -27.59 19.29 -35.60
O3 SO4 NA . -29.64 20.36 -36.23
O4 SO4 NA . -29.65 18.10 -35.47
PG GNP OA . -31.96 12.88 -9.63
O1G GNP OA . -30.92 12.33 -8.69
O2G GNP OA . -33.15 11.94 -9.80
O3G GNP OA . -32.54 14.22 -9.26
N3B GNP OA . -31.29 13.08 -11.07
PB GNP OA . -29.81 13.76 -11.31
O1B GNP OA . -28.88 13.00 -10.44
O2B GNP OA . -29.95 15.22 -11.10
O3A GNP OA . -29.51 13.56 -12.77
PA GNP OA . -28.92 12.31 -13.47
O1A GNP OA . -27.44 12.29 -13.32
O2A GNP OA . -29.70 11.11 -13.05
O5' GNP OA . -29.16 12.59 -14.98
C5' GNP OA . -30.48 12.58 -15.56
C4' GNP OA . -30.33 12.32 -17.03
O4' GNP OA . -29.68 13.45 -17.69
C3' GNP OA . -29.48 11.10 -17.39
O3' GNP OA . -30.00 10.51 -18.56
C2' GNP OA . -28.12 11.73 -17.73
O2' GNP OA . -27.39 10.94 -18.63
C1' GNP OA . -28.61 12.97 -18.46
N9 GNP OA . -27.59 14.02 -18.56
C8 GNP OA . -26.83 14.59 -17.57
N7 GNP OA . -26.02 15.53 -18.01
C5 GNP OA . -26.27 15.58 -19.36
C6 GNP OA . -25.72 16.40 -20.37
O6 GNP OA . -24.83 17.26 -20.24
N1 GNP OA . -26.26 16.15 -21.64
C2 GNP OA . -27.24 15.19 -21.89
N2 GNP OA . -27.68 15.05 -23.15
N3 GNP OA . -27.76 14.43 -20.94
C4 GNP OA . -27.24 14.67 -19.72
MG MG PA . -29.09 11.63 -8.93
C1 GOL QA . -20.91 5.46 -19.02
O1 GOL QA . -22.31 5.60 -19.07
C2 GOL QA . -20.26 6.01 -20.29
O2 GOL QA . -21.23 6.73 -21.04
C3 GOL QA . -19.09 6.91 -19.92
O3 GOL QA . -18.52 7.53 -21.06
PG GNP RA . 25.72 21.85 5.08
O1G GNP RA . 27.08 21.97 5.72
O2G GNP RA . 25.27 20.44 4.79
O3G GNP RA . 25.73 22.78 3.87
N3B GNP RA . 24.70 22.51 6.12
PB GNP RA . 23.09 22.45 5.90
O1B GNP RA . 22.73 23.37 4.79
O2B GNP RA . 22.67 21.05 5.79
O3A GNP RA . 22.45 23.02 7.18
PA GNP RA . 22.10 22.29 8.51
O1A GNP RA . 23.31 21.68 9.09
O2A GNP RA . 20.84 21.47 8.44
O5' GNP RA . 21.68 23.46 9.46
C5' GNP RA . 22.56 24.55 9.76
C4' GNP RA . 22.22 25.11 11.14
O4' GNP RA . 21.01 25.90 10.99
C3' GNP RA . 21.89 24.10 12.24
O3' GNP RA . 22.31 24.67 13.47
C2' GNP RA . 20.36 24.03 12.23
O2' GNP RA . 19.78 23.71 13.48
C1' GNP RA . 20.07 25.50 11.96
N9 GNP RA . 18.76 25.84 11.39
C8 GNP RA . 18.17 25.30 10.28
N7 GNP RA . 17.01 25.87 10.01
C5 GNP RA . 16.85 26.85 11.00
C6 GNP RA . 15.81 27.79 11.25
O6 GNP RA . 14.76 27.95 10.61
N1 GNP RA . 16.07 28.59 12.36
C2 GNP RA . 17.19 28.49 13.15
N2 GNP RA . 17.30 29.34 14.19
N3 GNP RA . 18.16 27.63 12.92
C4 GNP RA . 17.94 26.84 11.84
MG MG SA . 23.65 19.28 5.43
P 5GP TA . 29.93 10.60 6.91
O1P 5GP TA . 30.92 11.28 7.81
O2P 5GP TA . 29.81 9.12 6.96
O3P 5GP TA . 28.63 11.18 7.23
O5' 5GP TA . 30.27 10.99 5.39
C5' 5GP TA . 31.46 10.57 4.74
C4' 5GP TA . 32.70 11.03 5.47
O4' 5GP TA . 33.92 10.54 4.84
C3' 5GP TA . 32.86 12.55 5.60
O3' 5GP TA . 33.33 12.84 6.92
C2' 5GP TA . 33.99 12.86 4.61
O2' 5GP TA . 34.71 14.03 4.91
C1' 5GP TA . 34.84 11.61 4.74
N9 5GP TA . 35.78 11.39 3.64
C8 5GP TA . 35.53 11.27 2.30
N7 5GP TA . 36.61 11.07 1.59
C5 5GP TA . 37.64 11.08 2.52
C6 5GP TA . 39.04 10.92 2.35
O6 5GP TA . 39.69 10.73 1.31
N1 5GP TA . 39.73 10.98 3.57
C2 5GP TA . 39.13 11.18 4.79
N2 5GP TA . 39.94 11.22 5.86
N3 5GP TA . 37.82 11.33 4.96
C4 5GP TA . 37.14 11.26 3.79
C1 GOL UA . 6.69 7.53 8.97
O1 GOL UA . 7.79 6.89 8.36
C2 GOL UA . 5.49 7.21 8.12
O2 GOL UA . 4.28 7.54 8.77
C3 GOL UA . 5.67 8.04 6.86
O3 GOL UA . 6.46 7.29 5.97
C1 GOL VA . 17.08 18.29 18.27
O1 GOL VA . 18.31 17.59 18.16
C2 GOL VA . 16.75 18.86 16.90
O2 GOL VA . 16.67 17.80 15.98
C3 GOL VA . 15.49 19.72 16.92
O3 GOL VA . 14.31 18.97 17.15
C1 GOL WA . 6.64 34.79 5.33
O1 GOL WA . 5.79 33.68 5.46
C2 GOL WA . 6.35 35.78 6.46
O2 GOL WA . 5.81 35.08 7.57
C3 GOL WA . 7.62 36.52 6.85
O3 GOL WA . 7.68 36.70 8.25
S SO4 XA . 34.55 32.06 -11.01
O1 SO4 XA . 34.39 33.04 -9.93
O2 SO4 XA . 35.98 31.92 -11.32
O3 SO4 XA . 33.82 32.50 -12.19
O4 SO4 XA . 34.04 30.77 -10.57
PG GNP YA . 26.00 24.87 13.59
O1G GNP YA . 26.79 24.27 14.72
O2G GNP YA . 24.85 24.03 13.06
O3G GNP YA . 25.43 26.23 13.95
N3B GNP YA . 26.97 25.05 12.32
PB GNP YA . 28.44 25.69 12.35
O1B GNP YA . 29.26 24.96 13.36
O2B GNP YA . 28.33 27.15 12.59
O3A GNP YA . 29.07 25.48 10.97
PA GNP YA . 29.70 24.22 10.35
O1A GNP YA . 31.13 24.09 10.77
O2A GNP YA . 28.83 23.02 10.50
O5' GNP YA . 29.80 24.55 8.82
C5' GNP YA . 28.64 24.70 7.99
C4' GNP YA . 29.01 24.43 6.53
O4' GNP YA . 29.80 25.53 5.99
C3' GNP YA . 29.87 23.18 6.32
O3' GNP YA . 29.54 22.59 5.06
C2' GNP YA . 31.30 23.73 6.30
O2' GNP YA . 32.19 22.92 5.55
C1' GNP YA . 31.04 25.02 5.51
N9 GNP YA . 32.09 26.05 5.64
C8 GNP YA . 32.66 26.57 6.76
N7 GNP YA . 33.58 27.49 6.52
C5 GNP YA . 33.63 27.57 5.13
C6 GNP YA . 34.42 28.39 4.26
O6 GNP YA . 35.30 29.22 4.55
N1 GNP YA . 34.14 28.15 2.91
C2 GNP YA . 33.19 27.26 2.45
N2 GNP YA . 33.08 27.18 1.12
N3 GNP YA . 32.44 26.49 3.26
C4 GNP YA . 32.70 26.70 4.57
MG MG ZA . 28.69 23.54 14.74
C1 GOL AB . 38.20 17.46 6.30
O1 GOL AB . 36.83 17.59 5.95
C2 GOL AB . 39.16 17.87 5.16
O2 GOL AB . 38.53 18.75 4.27
C3 GOL AB . 40.44 18.48 5.70
O3 GOL AB . 41.20 19.21 4.73
C1 GOL BB . 29.22 39.90 30.74
O1 GOL BB . 28.50 39.01 29.91
C2 GOL BB . 30.62 39.37 31.01
O2 GOL BB . 31.01 38.53 29.94
C3 GOL BB . 31.62 40.51 31.14
O3 GOL BB . 31.43 41.18 32.37
S SO4 CB . 27.14 37.25 33.69
O1 SO4 CB . 28.13 36.20 33.49
O2 SO4 CB . 27.63 38.52 33.15
O3 SO4 CB . 26.87 37.41 35.12
O4 SO4 CB . 25.91 36.88 32.99
#